data_1LI3
# 
_entry.id   1LI3 
# 
_audit_conform.dict_name       mmcif_pdbx.dic 
_audit_conform.dict_version    5.376 
_audit_conform.dict_location   http://mmcif.pdb.org/dictionaries/ascii/mmcif_pdbx.dic 
# 
loop_
_database_2.database_id 
_database_2.database_code 
_database_2.pdbx_database_accession 
_database_2.pdbx_DOI 
PDB   1LI3         pdb_00001li3 10.2210/pdb1li3/pdb 
RCSB  RCSB015961   ?            ?                   
WWPDB D_1000015961 ?            ?                   
# 
loop_
_pdbx_database_related.db_name 
_pdbx_database_related.db_id 
_pdbx_database_related.details 
_pdbx_database_related.content_type 
PDB 1LGU 'T4 Lysozyme Mutant L99A/M102Q'                              unspecified 
PDB 1LGW 'T4 lysozyme mutant L99A/M102Q bound by 2-fluoroaniline'     unspecified 
PDB 1LGX 'T4 lysozyme mutant L99A/M102Q bound by 3,5-difluoroaniline' unspecified 
PDB 1LI2 'T4 lysozyme mutant L99A/M102Q bound by phenol'              unspecified 
PDB 1LI6 'T4 lysozyme mutant L99A/M102Q bound by 5-methylpyrrole'     unspecified 
# 
_pdbx_database_status.status_code                     REL 
_pdbx_database_status.entry_id                        1LI3 
_pdbx_database_status.recvd_initial_deposition_date   2002-04-17 
_pdbx_database_status.deposit_site                    RCSB 
_pdbx_database_status.process_site                    RCSB 
_pdbx_database_status.status_code_sf                  REL 
_pdbx_database_status.SG_entry                        . 
_pdbx_database_status.pdb_format_compatible           Y 
_pdbx_database_status.status_code_mr                  ? 
_pdbx_database_status.status_code_cs                  ? 
_pdbx_database_status.status_code_nmr_data            ? 
_pdbx_database_status.methods_development_category    ? 
# 
loop_
_audit_author.name 
_audit_author.pdbx_ordinal 
'Wei, B.Q.'      1 
'Baase, W.A.'    2 
'Weaver, L.H.'   3 
'Matthews, B.W.' 4 
'Shoichet, B.K.' 5 
# 
_citation.id                        primary 
_citation.title                     'A Model Binding Site for Testing Scoring Functions in Molecular Docking' 
_citation.journal_abbrev            J.Mol.Biol. 
_citation.journal_volume            322 
_citation.page_first                339 
_citation.page_last                 355 
_citation.year                      2002 
_citation.journal_id_ASTM           JMOBAK 
_citation.country                   UK 
_citation.journal_id_ISSN           0022-2836 
_citation.journal_id_CSD            0070 
_citation.book_publisher            ? 
_citation.pdbx_database_id_PubMed   12217695 
_citation.pdbx_database_id_DOI      '10.1016/S0022-2836(02)00777-5' 
# 
loop_
_citation_author.citation_id 
_citation_author.name 
_citation_author.ordinal 
_citation_author.identifier_ORCID 
primary 'Wei, B.Q.'      1 ? 
primary 'Baase, W.A.'    2 ? 
primary 'Weaver, L.H.'   3 ? 
primary 'Matthews, B.W.' 4 ? 
primary 'Shoichet, B.K.' 5 ? 
# 
_cell.entry_id           1LI3 
_cell.length_a           60.820 
_cell.length_b           60.820 
_cell.length_c           97.390 
_cell.angle_alpha        90.00 
_cell.angle_beta         90.00 
_cell.angle_gamma        120.00 
_cell.Z_PDB              6 
_cell.pdbx_unique_axis   ? 
# 
_symmetry.entry_id                         1LI3 
_symmetry.space_group_name_H-M             'P 32 2 1' 
_symmetry.pdbx_full_space_group_name_H-M   ? 
_symmetry.cell_setting                     ? 
_symmetry.Int_Tables_number                154 
# 
loop_
_entity.id 
_entity.type 
_entity.src_method 
_entity.pdbx_description 
_entity.formula_weight 
_entity.pdbx_number_of_molecules 
_entity.pdbx_ec 
_entity.pdbx_mutation 
_entity.pdbx_fragment 
_entity.details 
1 polymer     man Lysozyme             18617.320 1  3.2.1.17 'L99A, M102Q' ? ? 
2 non-polymer syn 'CHLORIDE ION'       35.453    2  ?        ?             ? ? 
3 non-polymer syn BETA-MERCAPTOETHANOL 78.133    2  ?        ?             ? ? 
4 non-polymer syn 3-CHLOROPHENOL       128.556   1  ?        ?             ? ? 
5 water       nat water                18.015    61 ?        ?             ? ? 
# 
_entity_name_com.entity_id   1 
_entity_name_com.name        'Lysis protein, Muramidase, Endolysin' 
# 
_entity_poly.entity_id                      1 
_entity_poly.type                           'polypeptide(L)' 
_entity_poly.nstd_linkage                   no 
_entity_poly.nstd_monomer                   no 
_entity_poly.pdbx_seq_one_letter_code       
;MNIFEMLRIDEGLRLKIYKDTEGYYTIGIGHLLTKSPSLNAAKSELDKAIGRNCNGVITKDEAEKLFNQDVDAAVRGILR
NAKLKPVYDSLDAVRRCAAINQVFQMGETGVAGFTNSLRMLQQKRWDEAAVNLAKSRWYNQTPNRAKRVITTFRTGTWDA
YKNL
;
_entity_poly.pdbx_seq_one_letter_code_can   
;MNIFEMLRIDEGLRLKIYKDTEGYYTIGIGHLLTKSPSLNAAKSELDKAIGRNCNGVITKDEAEKLFNQDVDAAVRGILR
NAKLKPVYDSLDAVRRCAAINQVFQMGETGVAGFTNSLRMLQQKRWDEAAVNLAKSRWYNQTPNRAKRVITTFRTGTWDA
YKNL
;
_entity_poly.pdbx_strand_id                 A 
_entity_poly.pdbx_target_identifier         ? 
# 
loop_
_entity_poly_seq.entity_id 
_entity_poly_seq.num 
_entity_poly_seq.mon_id 
_entity_poly_seq.hetero 
1 1   MET n 
1 2   ASN n 
1 3   ILE n 
1 4   PHE n 
1 5   GLU n 
1 6   MET n 
1 7   LEU n 
1 8   ARG n 
1 9   ILE n 
1 10  ASP n 
1 11  GLU n 
1 12  GLY n 
1 13  LEU n 
1 14  ARG n 
1 15  LEU n 
1 16  LYS n 
1 17  ILE n 
1 18  TYR n 
1 19  LYS n 
1 20  ASP n 
1 21  THR n 
1 22  GLU n 
1 23  GLY n 
1 24  TYR n 
1 25  TYR n 
1 26  THR n 
1 27  ILE n 
1 28  GLY n 
1 29  ILE n 
1 30  GLY n 
1 31  HIS n 
1 32  LEU n 
1 33  LEU n 
1 34  THR n 
1 35  LYS n 
1 36  SER n 
1 37  PRO n 
1 38  SER n 
1 39  LEU n 
1 40  ASN n 
1 41  ALA n 
1 42  ALA n 
1 43  LYS n 
1 44  SER n 
1 45  GLU n 
1 46  LEU n 
1 47  ASP n 
1 48  LYS n 
1 49  ALA n 
1 50  ILE n 
1 51  GLY n 
1 52  ARG n 
1 53  ASN n 
1 54  CYS n 
1 55  ASN n 
1 56  GLY n 
1 57  VAL n 
1 58  ILE n 
1 59  THR n 
1 60  LYS n 
1 61  ASP n 
1 62  GLU n 
1 63  ALA n 
1 64  GLU n 
1 65  LYS n 
1 66  LEU n 
1 67  PHE n 
1 68  ASN n 
1 69  GLN n 
1 70  ASP n 
1 71  VAL n 
1 72  ASP n 
1 73  ALA n 
1 74  ALA n 
1 75  VAL n 
1 76  ARG n 
1 77  GLY n 
1 78  ILE n 
1 79  LEU n 
1 80  ARG n 
1 81  ASN n 
1 82  ALA n 
1 83  LYS n 
1 84  LEU n 
1 85  LYS n 
1 86  PRO n 
1 87  VAL n 
1 88  TYR n 
1 89  ASP n 
1 90  SER n 
1 91  LEU n 
1 92  ASP n 
1 93  ALA n 
1 94  VAL n 
1 95  ARG n 
1 96  ARG n 
1 97  CYS n 
1 98  ALA n 
1 99  ALA n 
1 100 ILE n 
1 101 ASN n 
1 102 GLN n 
1 103 VAL n 
1 104 PHE n 
1 105 GLN n 
1 106 MET n 
1 107 GLY n 
1 108 GLU n 
1 109 THR n 
1 110 GLY n 
1 111 VAL n 
1 112 ALA n 
1 113 GLY n 
1 114 PHE n 
1 115 THR n 
1 116 ASN n 
1 117 SER n 
1 118 LEU n 
1 119 ARG n 
1 120 MET n 
1 121 LEU n 
1 122 GLN n 
1 123 GLN n 
1 124 LYS n 
1 125 ARG n 
1 126 TRP n 
1 127 ASP n 
1 128 GLU n 
1 129 ALA n 
1 130 ALA n 
1 131 VAL n 
1 132 ASN n 
1 133 LEU n 
1 134 ALA n 
1 135 LYS n 
1 136 SER n 
1 137 ARG n 
1 138 TRP n 
1 139 TYR n 
1 140 ASN n 
1 141 GLN n 
1 142 THR n 
1 143 PRO n 
1 144 ASN n 
1 145 ARG n 
1 146 ALA n 
1 147 LYS n 
1 148 ARG n 
1 149 VAL n 
1 150 ILE n 
1 151 THR n 
1 152 THR n 
1 153 PHE n 
1 154 ARG n 
1 155 THR n 
1 156 GLY n 
1 157 THR n 
1 158 TRP n 
1 159 ASP n 
1 160 ALA n 
1 161 TYR n 
1 162 LYS n 
1 163 ASN n 
1 164 LEU n 
# 
_entity_src_gen.entity_id                          1 
_entity_src_gen.pdbx_src_id                        1 
_entity_src_gen.pdbx_alt_source_flag               sample 
_entity_src_gen.pdbx_seq_type                      ? 
_entity_src_gen.pdbx_beg_seq_num                   ? 
_entity_src_gen.pdbx_end_seq_num                   ? 
_entity_src_gen.gene_src_common_name               ? 
_entity_src_gen.gene_src_genus                     'T4-like viruses' 
_entity_src_gen.pdbx_gene_src_gene                 ? 
_entity_src_gen.gene_src_species                   'Enterobacteria phage T4 sensu lato' 
_entity_src_gen.gene_src_strain                    ? 
_entity_src_gen.gene_src_tissue                    ? 
_entity_src_gen.gene_src_tissue_fraction           ? 
_entity_src_gen.gene_src_details                   ? 
_entity_src_gen.pdbx_gene_src_fragment             ? 
_entity_src_gen.pdbx_gene_src_scientific_name      'Enterobacteria phage T4' 
_entity_src_gen.pdbx_gene_src_ncbi_taxonomy_id     10665 
_entity_src_gen.pdbx_gene_src_variant              ? 
_entity_src_gen.pdbx_gene_src_cell_line            ? 
_entity_src_gen.pdbx_gene_src_atcc                 ? 
_entity_src_gen.pdbx_gene_src_organ                ? 
_entity_src_gen.pdbx_gene_src_organelle            ? 
_entity_src_gen.pdbx_gene_src_cell                 ? 
_entity_src_gen.pdbx_gene_src_cellular_location    ? 
_entity_src_gen.host_org_common_name               ? 
_entity_src_gen.pdbx_host_org_scientific_name      'Escherichia coli' 
_entity_src_gen.pdbx_host_org_ncbi_taxonomy_id     562 
_entity_src_gen.host_org_genus                     Escherichia 
_entity_src_gen.pdbx_host_org_gene                 ? 
_entity_src_gen.pdbx_host_org_organ                ? 
_entity_src_gen.host_org_species                   ? 
_entity_src_gen.pdbx_host_org_tissue               ? 
_entity_src_gen.pdbx_host_org_tissue_fraction      ? 
_entity_src_gen.pdbx_host_org_strain               ? 
_entity_src_gen.pdbx_host_org_variant              ? 
_entity_src_gen.pdbx_host_org_cell_line            ? 
_entity_src_gen.pdbx_host_org_atcc                 ? 
_entity_src_gen.pdbx_host_org_culture_collection   ? 
_entity_src_gen.pdbx_host_org_cell                 ? 
_entity_src_gen.pdbx_host_org_organelle            ? 
_entity_src_gen.pdbx_host_org_cellular_location    ? 
_entity_src_gen.pdbx_host_org_vector_type          ? 
_entity_src_gen.pdbx_host_org_vector               ? 
_entity_src_gen.host_org_details                   ? 
_entity_src_gen.expression_system_id               ? 
_entity_src_gen.plasmid_name                       ? 
_entity_src_gen.plasmid_details                    ? 
_entity_src_gen.pdbx_description                   ? 
# 
_struct_ref.id                         1 
_struct_ref.db_name                    UNP 
_struct_ref.db_code                    LYS_BPT4 
_struct_ref.entity_id                  1 
_struct_ref.pdbx_seq_one_letter_code   
;MNIFEMLRIDEGLRLKIYKDTEGYYTIGIGHLLTKSPSLNAAKSELDKAIGRNCNGVITKDEAEKLFNQDVDAAVRGILR
NAKLKPVYDSLDAVRRCALINMVFQMGETGVAGFTNSLRMLQQKRWDEAAVNLAKSRWYNQTPNRAKRVITTFRTGTWDA
YKNL
;
_struct_ref.pdbx_align_begin           1 
_struct_ref.pdbx_db_accession          P00720 
_struct_ref.pdbx_db_isoform            ? 
# 
_struct_ref_seq.align_id                      1 
_struct_ref_seq.ref_id                        1 
_struct_ref_seq.pdbx_PDB_id_code              1LI3 
_struct_ref_seq.pdbx_strand_id                A 
_struct_ref_seq.seq_align_beg                 1 
_struct_ref_seq.pdbx_seq_align_beg_ins_code   ? 
_struct_ref_seq.seq_align_end                 164 
_struct_ref_seq.pdbx_seq_align_end_ins_code   ? 
_struct_ref_seq.pdbx_db_accession             P00720 
_struct_ref_seq.db_align_beg                  1 
_struct_ref_seq.pdbx_db_align_beg_ins_code    ? 
_struct_ref_seq.db_align_end                  164 
_struct_ref_seq.pdbx_db_align_end_ins_code    ? 
_struct_ref_seq.pdbx_auth_seq_align_beg       1 
_struct_ref_seq.pdbx_auth_seq_align_end       164 
# 
loop_
_struct_ref_seq_dif.align_id 
_struct_ref_seq_dif.pdbx_pdb_id_code 
_struct_ref_seq_dif.mon_id 
_struct_ref_seq_dif.pdbx_pdb_strand_id 
_struct_ref_seq_dif.seq_num 
_struct_ref_seq_dif.pdbx_pdb_ins_code 
_struct_ref_seq_dif.pdbx_seq_db_name 
_struct_ref_seq_dif.pdbx_seq_db_accession_code 
_struct_ref_seq_dif.db_mon_id 
_struct_ref_seq_dif.pdbx_seq_db_seq_num 
_struct_ref_seq_dif.details 
_struct_ref_seq_dif.pdbx_auth_seq_num 
_struct_ref_seq_dif.pdbx_ordinal 
1 1LI3 ALA A 99  ? UNP P00720 LEU 99  'engineered mutation' 99  1 
1 1LI3 GLN A 102 ? UNP P00720 MET 102 'engineered mutation' 102 2 
# 
loop_
_chem_comp.id 
_chem_comp.type 
_chem_comp.mon_nstd_flag 
_chem_comp.name 
_chem_comp.pdbx_synonyms 
_chem_comp.formula 
_chem_comp.formula_weight 
3CH non-polymer         . 3-CHLOROPHENOL       ? 'C6 H5 Cl O'     128.556 
ALA 'L-peptide linking' y ALANINE              ? 'C3 H7 N O2'     89.093  
ARG 'L-peptide linking' y ARGININE             ? 'C6 H15 N4 O2 1' 175.209 
ASN 'L-peptide linking' y ASPARAGINE           ? 'C4 H8 N2 O3'    132.118 
ASP 'L-peptide linking' y 'ASPARTIC ACID'      ? 'C4 H7 N O4'     133.103 
BME non-polymer         . BETA-MERCAPTOETHANOL ? 'C2 H6 O S'      78.133  
CL  non-polymer         . 'CHLORIDE ION'       ? 'Cl -1'          35.453  
CYS 'L-peptide linking' y CYSTEINE             ? 'C3 H7 N O2 S'   121.158 
GLN 'L-peptide linking' y GLUTAMINE            ? 'C5 H10 N2 O3'   146.144 
GLU 'L-peptide linking' y 'GLUTAMIC ACID'      ? 'C5 H9 N O4'     147.129 
GLY 'peptide linking'   y GLYCINE              ? 'C2 H5 N O2'     75.067  
HIS 'L-peptide linking' y HISTIDINE            ? 'C6 H10 N3 O2 1' 156.162 
HOH non-polymer         . WATER                ? 'H2 O'           18.015  
ILE 'L-peptide linking' y ISOLEUCINE           ? 'C6 H13 N O2'    131.173 
LEU 'L-peptide linking' y LEUCINE              ? 'C6 H13 N O2'    131.173 
LYS 'L-peptide linking' y LYSINE               ? 'C6 H15 N2 O2 1' 147.195 
MET 'L-peptide linking' y METHIONINE           ? 'C5 H11 N O2 S'  149.211 
PHE 'L-peptide linking' y PHENYLALANINE        ? 'C9 H11 N O2'    165.189 
PRO 'L-peptide linking' y PROLINE              ? 'C5 H9 N O2'     115.130 
SER 'L-peptide linking' y SERINE               ? 'C3 H7 N O3'     105.093 
THR 'L-peptide linking' y THREONINE            ? 'C4 H9 N O3'     119.119 
TRP 'L-peptide linking' y TRYPTOPHAN           ? 'C11 H12 N2 O2'  204.225 
TYR 'L-peptide linking' y TYROSINE             ? 'C9 H11 N O3'    181.189 
VAL 'L-peptide linking' y VALINE               ? 'C5 H11 N O2'    117.146 
# 
_exptl.entry_id          1LI3 
_exptl.method            'X-RAY DIFFRACTION' 
_exptl.crystals_number   1 
# 
_exptl_crystal.id                    1 
_exptl_crystal.density_meas          ? 
_exptl_crystal.density_percent_sol   55.95 
_exptl_crystal.density_Matthews      2.79 
_exptl_crystal.description           ? 
# 
_diffrn.id                     1 
_diffrn.ambient_temp           298 
_diffrn.ambient_temp_details   ? 
_diffrn.crystal_id             1 
# 
_diffrn_detector.diffrn_id              1 
_diffrn_detector.detector               'AREA DETECTOR' 
_diffrn_detector.type                   SDMS 
_diffrn_detector.pdbx_collection_date   2001-05-01 
_diffrn_detector.details                'graphite plus pinhole' 
# 
_diffrn_radiation.diffrn_id                        1 
_diffrn_radiation.wavelength_id                    1 
_diffrn_radiation.pdbx_monochromatic_or_laue_m_l   M 
_diffrn_radiation.monochromator                    graphite 
_diffrn_radiation.pdbx_diffrn_protocol             'SINGLE WAVELENGTH' 
_diffrn_radiation.pdbx_scattering_type             x-ray 
# 
_diffrn_radiation_wavelength.id           1 
_diffrn_radiation_wavelength.wavelength   1.5418 
_diffrn_radiation_wavelength.wt           1.0 
# 
_diffrn_source.diffrn_id                   1 
_diffrn_source.source                      'ROTATING ANODE' 
_diffrn_source.type                        'RIGAKU RU200' 
_diffrn_source.pdbx_synchrotron_site       ? 
_diffrn_source.pdbx_synchrotron_beamline   ? 
_diffrn_source.pdbx_wavelength             ? 
_diffrn_source.pdbx_wavelength_list        1.5418 
# 
_reflns.entry_id                     1LI3 
_reflns.observed_criterion_sigma_I   0.0 
_reflns.observed_criterion_sigma_F   ? 
_reflns.d_resolution_low             15. 
_reflns.d_resolution_high            1.85 
_reflns.number_obs                   16692 
_reflns.number_all                   16692 
_reflns.percent_possible_obs         88 
_reflns.pdbx_Rmerge_I_obs            0.048 
_reflns.pdbx_Rsym_value              ? 
_reflns.pdbx_netI_over_sigmaI        9.8 
_reflns.B_iso_Wilson_estimate        ? 
_reflns.pdbx_redundancy              ? 
_reflns.R_free_details               ? 
_reflns.limit_h_max                  ? 
_reflns.limit_h_min                  ? 
_reflns.limit_k_max                  ? 
_reflns.limit_k_min                  ? 
_reflns.limit_l_max                  ? 
_reflns.limit_l_min                  ? 
_reflns.observed_criterion_F_max     ? 
_reflns.observed_criterion_F_min     ? 
_reflns.pdbx_diffrn_id               1 
_reflns.pdbx_ordinal                 1 
# 
_reflns_shell.d_res_high             1.85 
_reflns_shell.d_res_low              1.99 
_reflns_shell.percent_possible_all   79 
_reflns_shell.Rmerge_I_obs           0.201 
_reflns_shell.pdbx_Rsym_value        ? 
_reflns_shell.meanI_over_sigI_obs    1.9 
_reflns_shell.pdbx_redundancy        ? 
_reflns_shell.percent_possible_obs   ? 
_reflns_shell.number_unique_all      2824 
_reflns_shell.pdbx_diffrn_id         ? 
_reflns_shell.pdbx_ordinal           1 
# 
_refine.entry_id                                 1LI3 
_refine.ls_number_reflns_obs                     16692 
_refine.ls_number_reflns_all                     16692 
_refine.pdbx_ls_sigma_I                          ? 
_refine.pdbx_ls_sigma_F                          0. 
_refine.pdbx_data_cutoff_high_absF               ? 
_refine.pdbx_data_cutoff_low_absF                ? 
_refine.ls_d_res_low                             15. 
_refine.ls_d_res_high                            1.85 
_refine.ls_percent_reflns_obs                    88 
_refine.ls_R_factor_obs                          ? 
_refine.ls_R_factor_all                          ? 
_refine.ls_R_factor_R_work                       0.185 
_refine.ls_R_factor_R_free                       ? 
_refine.ls_R_factor_R_free_error                 ? 
_refine.ls_R_factor_R_free_error_details         ? 
_refine.ls_percent_reflns_R_free                 ? 
_refine.ls_number_reflns_R_free                  ? 
_refine.ls_number_parameters                     ? 
_refine.ls_number_restraints                     ? 
_refine.occupancy_min                            ? 
_refine.occupancy_max                            ? 
_refine.correlation_coeff_Fo_to_Fc               ? 
_refine.correlation_coeff_Fo_to_Fc_free          ? 
_refine.B_iso_mean                               ? 
_refine.aniso_B[1][1]                            ? 
_refine.aniso_B[2][2]                            ? 
_refine.aniso_B[3][3]                            ? 
_refine.aniso_B[1][2]                            ? 
_refine.aniso_B[1][3]                            ? 
_refine.aniso_B[2][3]                            ? 
_refine.solvent_model_details                    ? 
_refine.solvent_model_param_ksol                 ? 
_refine.solvent_model_param_bsol                 ? 
_refine.pdbx_solvent_vdw_probe_radii             ? 
_refine.pdbx_solvent_ion_probe_radii             ? 
_refine.pdbx_solvent_shrinkage_radii             ? 
_refine.pdbx_ls_cross_valid_method               ? 
_refine.details                                  'residues ASN163 and LEU164 are missing in the electron density' 
_refine.pdbx_starting_model                      'PDB ENTRY 1LGU' 
_refine.pdbx_method_to_determine_struct          'MOLECULAR REPLACEMENT' 
_refine.pdbx_isotropic_thermal_model             ? 
_refine.pdbx_stereochemistry_target_values       'Engh & Huber' 
_refine.pdbx_stereochem_target_val_spec_case     ? 
_refine.pdbx_R_Free_selection_details            ? 
_refine.pdbx_overall_ESU_R_Free                  ? 
_refine.overall_SU_B                             ? 
_refine.ls_redundancy_reflns_obs                 ? 
_refine.B_iso_min                                ? 
_refine.B_iso_max                                ? 
_refine.overall_SU_R_Cruickshank_DPI             ? 
_refine.overall_SU_R_free                        ? 
_refine.overall_SU_ML                            ? 
_refine.pdbx_overall_ESU_R                       ? 
_refine.pdbx_data_cutoff_high_rms_absF           ? 
_refine.pdbx_refine_id                           'X-RAY DIFFRACTION' 
_refine.pdbx_diffrn_id                           1 
_refine.pdbx_TLS_residual_ADP_flag               ? 
_refine.pdbx_overall_phase_error                 ? 
_refine.pdbx_overall_SU_R_free_Cruickshank_DPI   ? 
_refine.pdbx_overall_SU_R_Blow_DPI               ? 
_refine.pdbx_overall_SU_R_free_Blow_DPI          ? 
# 
_refine_hist.pdbx_refine_id                   'X-RAY DIFFRACTION' 
_refine_hist.cycle_id                         LAST 
_refine_hist.pdbx_number_atoms_protein        1290 
_refine_hist.pdbx_number_atoms_nucleic_acid   0 
_refine_hist.pdbx_number_atoms_ligand         18 
_refine_hist.number_atoms_solvent             61 
_refine_hist.number_atoms_total               1369 
_refine_hist.d_res_high                       1.85 
_refine_hist.d_res_low                        15. 
# 
loop_
_refine_ls_restr.type 
_refine_ls_restr.dev_ideal 
_refine_ls_restr.dev_ideal_target 
_refine_ls_restr.weight 
_refine_ls_restr.number 
_refine_ls_restr.pdbx_refine_id 
_refine_ls_restr.pdbx_restraint_function 
t_bond_d    0.017 ? ? ? 'X-RAY DIFFRACTION' ? 
t_angle_deg 2.6   ? ? ? 'X-RAY DIFFRACTION' ? 
# 
_struct.entry_id                  1LI3 
_struct.title                     'T4 lysozyme mutant L99A/M102Q bound by 3-chlorophenol' 
_struct.pdbx_model_details        ? 
_struct.pdbx_CASP_flag            ? 
_struct.pdbx_model_type_details   ? 
# 
_struct_keywords.entry_id        1LI3 
_struct_keywords.pdbx_keywords   HYDROLASE 
_struct_keywords.text            'Glycosidase, Bacteriolytic enzyme, HYDROLASE' 
# 
loop_
_struct_asym.id 
_struct_asym.pdbx_blank_PDB_chainid_flag 
_struct_asym.pdbx_modified 
_struct_asym.entity_id 
_struct_asym.details 
A N N 1 ? 
B N N 2 ? 
C N N 2 ? 
D N N 3 ? 
E N N 3 ? 
F N N 4 ? 
G N N 5 ? 
# 
_struct_biol.id                    1 
_struct_biol.pdbx_parent_biol_id   ? 
_struct_biol.details               ? 
# 
loop_
_struct_conf.conf_type_id 
_struct_conf.id 
_struct_conf.pdbx_PDB_helix_id 
_struct_conf.beg_label_comp_id 
_struct_conf.beg_label_asym_id 
_struct_conf.beg_label_seq_id 
_struct_conf.pdbx_beg_PDB_ins_code 
_struct_conf.end_label_comp_id 
_struct_conf.end_label_asym_id 
_struct_conf.end_label_seq_id 
_struct_conf.pdbx_end_PDB_ins_code 
_struct_conf.beg_auth_comp_id 
_struct_conf.beg_auth_asym_id 
_struct_conf.beg_auth_seq_id 
_struct_conf.end_auth_comp_id 
_struct_conf.end_auth_asym_id 
_struct_conf.end_auth_seq_id 
_struct_conf.pdbx_PDB_helix_class 
_struct_conf.details 
_struct_conf.pdbx_PDB_helix_length 
HELX_P HELX_P1  1  ASN A 2   ? GLY A 12  ? ASN A 2   GLY A 12  1 ? 11 
HELX_P HELX_P2  2  SER A 38  ? GLY A 51  ? SER A 38  GLY A 51  1 ? 14 
HELX_P HELX_P3  3  THR A 59  ? ASN A 81  ? THR A 59  ASN A 81  1 ? 23 
HELX_P HELX_P4  4  LEU A 84  ? LEU A 91  ? LEU A 84  LEU A 91  1 ? 8  
HELX_P HELX_P5  5  ASP A 92  ? VAL A 111 ? ASP A 92  VAL A 111 1 ? 20 
HELX_P HELX_P6  6  PHE A 114 ? GLN A 123 ? PHE A 114 GLN A 123 1 ? 10 
HELX_P HELX_P7  7  ARG A 125 ? LYS A 135 ? ARG A 125 LYS A 135 1 ? 11 
HELX_P HELX_P8  8  SER A 136 ? THR A 142 ? SER A 136 THR A 142 1 ? 7  
HELX_P HELX_P9  9  THR A 142 ? GLY A 156 ? THR A 142 GLY A 156 1 ? 15 
HELX_P HELX_P10 10 TRP A 158 ? LYS A 162 ? TRP A 158 LYS A 162 5 ? 5  
# 
_struct_conf_type.id          HELX_P 
_struct_conf_type.criteria    ? 
_struct_conf_type.reference   ? 
# 
_struct_sheet.id               A 
_struct_sheet.type             ? 
_struct_sheet.number_strands   3 
_struct_sheet.details          ? 
# 
loop_
_struct_sheet_order.sheet_id 
_struct_sheet_order.range_id_1 
_struct_sheet_order.range_id_2 
_struct_sheet_order.offset 
_struct_sheet_order.sense 
A 1 2 ? anti-parallel 
A 2 3 ? anti-parallel 
# 
loop_
_struct_sheet_range.sheet_id 
_struct_sheet_range.id 
_struct_sheet_range.beg_label_comp_id 
_struct_sheet_range.beg_label_asym_id 
_struct_sheet_range.beg_label_seq_id 
_struct_sheet_range.pdbx_beg_PDB_ins_code 
_struct_sheet_range.end_label_comp_id 
_struct_sheet_range.end_label_asym_id 
_struct_sheet_range.end_label_seq_id 
_struct_sheet_range.pdbx_end_PDB_ins_code 
_struct_sheet_range.beg_auth_comp_id 
_struct_sheet_range.beg_auth_asym_id 
_struct_sheet_range.beg_auth_seq_id 
_struct_sheet_range.end_auth_comp_id 
_struct_sheet_range.end_auth_asym_id 
_struct_sheet_range.end_auth_seq_id 
A 1 ARG A 14 ? LYS A 19 ? ARG A 14 LYS A 19 
A 2 TYR A 25 ? GLY A 28 ? TYR A 25 GLY A 28 
A 3 HIS A 31 ? THR A 34 ? HIS A 31 THR A 34 
# 
loop_
_pdbx_struct_sheet_hbond.sheet_id 
_pdbx_struct_sheet_hbond.range_id_1 
_pdbx_struct_sheet_hbond.range_id_2 
_pdbx_struct_sheet_hbond.range_1_label_atom_id 
_pdbx_struct_sheet_hbond.range_1_label_comp_id 
_pdbx_struct_sheet_hbond.range_1_label_asym_id 
_pdbx_struct_sheet_hbond.range_1_label_seq_id 
_pdbx_struct_sheet_hbond.range_1_PDB_ins_code 
_pdbx_struct_sheet_hbond.range_1_auth_atom_id 
_pdbx_struct_sheet_hbond.range_1_auth_comp_id 
_pdbx_struct_sheet_hbond.range_1_auth_asym_id 
_pdbx_struct_sheet_hbond.range_1_auth_seq_id 
_pdbx_struct_sheet_hbond.range_2_label_atom_id 
_pdbx_struct_sheet_hbond.range_2_label_comp_id 
_pdbx_struct_sheet_hbond.range_2_label_asym_id 
_pdbx_struct_sheet_hbond.range_2_label_seq_id 
_pdbx_struct_sheet_hbond.range_2_PDB_ins_code 
_pdbx_struct_sheet_hbond.range_2_auth_atom_id 
_pdbx_struct_sheet_hbond.range_2_auth_comp_id 
_pdbx_struct_sheet_hbond.range_2_auth_asym_id 
_pdbx_struct_sheet_hbond.range_2_auth_seq_id 
A 1 2 N TYR A 18 ? N TYR A 18 O THR A 26 ? O THR A 26 
A 2 3 N TYR A 25 ? N TYR A 25 O LEU A 33 ? O LEU A 33 
# 
loop_
_struct_site.id 
_struct_site.pdbx_evidence_code 
_struct_site.pdbx_auth_asym_id 
_struct_site.pdbx_auth_comp_id 
_struct_site.pdbx_auth_seq_id 
_struct_site.pdbx_auth_ins_code 
_struct_site.pdbx_num_residues 
_struct_site.details 
AC1 Software A CL  173 ? 4 'BINDING SITE FOR RESIDUE CL A 173'  
AC2 Software A CL  178 ? 4 'BINDING SITE FOR RESIDUE CL A 178'  
AC3 Software A BME 169 ? 7 'BINDING SITE FOR RESIDUE BME A 169' 
AC4 Software A BME 170 ? 4 'BINDING SITE FOR RESIDUE BME A 170' 
AC5 Software A 3CH 401 ? 5 'BINDING SITE FOR RESIDUE 3CH A 401' 
# 
loop_
_struct_site_gen.id 
_struct_site_gen.site_id 
_struct_site_gen.pdbx_num_res 
_struct_site_gen.label_comp_id 
_struct_site_gen.label_asym_id 
_struct_site_gen.label_seq_id 
_struct_site_gen.pdbx_auth_ins_code 
_struct_site_gen.auth_comp_id 
_struct_site_gen.auth_asym_id 
_struct_site_gen.auth_seq_id 
_struct_site_gen.label_atom_id 
_struct_site_gen.label_alt_id 
_struct_site_gen.symmetry 
_struct_site_gen.details 
1  AC1 4 THR A 142 ? THR A 142 . ? 1_555 ? 
2  AC1 4 ASN A 144 ? ASN A 144 . ? 1_555 ? 
3  AC1 4 ARG A 145 ? ARG A 145 . ? 1_555 ? 
4  AC1 4 HOH G .   ? HOH A 291 . ? 4_655 ? 
5  AC2 4 ALA A 49  ? ALA A 49  . ? 1_555 ? 
6  AC2 4 GLN A 69  ? GLN A 69  . ? 1_555 ? 
7  AC2 4 SER A 136 ? SER A 136 . ? 3_665 ? 
8  AC2 4 ASN A 140 ? ASN A 140 . ? 3_665 ? 
9  AC3 7 ASP A 72  ? ASP A 72  . ? 1_555 ? 
10 AC3 7 VAL A 75  ? VAL A 75  . ? 5_555 ? 
11 AC3 7 VAL A 75  ? VAL A 75  . ? 1_555 ? 
12 AC3 7 ARG A 76  ? ARG A 76  . ? 1_555 ? 
13 AC3 7 LEU A 79  ? LEU A 79  . ? 5_555 ? 
14 AC3 7 TYR A 88  ? TYR A 88  . ? 5_555 ? 
15 AC3 7 BME E .   ? BME A 170 . ? 5_555 ? 
16 AC4 4 ASP A 72  ? ASP A 72  . ? 5_555 ? 
17 AC4 4 ILE A 100 ? ILE A 100 . ? 1_555 ? 
18 AC4 4 BME D .   ? BME A 169 . ? 5_555 ? 
19 AC4 4 HOH G .   ? HOH A 199 . ? 1_555 ? 
20 AC5 5 LEU A 84  ? LEU A 84  . ? 1_555 ? 
21 AC5 5 ALA A 99  ? ALA A 99  . ? 1_555 ? 
22 AC5 5 GLN A 102 ? GLN A 102 . ? 1_555 ? 
23 AC5 5 VAL A 111 ? VAL A 111 . ? 1_555 ? 
24 AC5 5 LEU A 118 ? LEU A 118 . ? 1_555 ? 
# 
_atom_sites.entry_id                    1LI3 
_atom_sites.fract_transf_matrix[1][1]   -0.00504136 
_atom_sites.fract_transf_matrix[1][2]   0.01765517 
_atom_sites.fract_transf_matrix[1][3]   0.00483075 
_atom_sites.fract_transf_matrix[2][1]   -0.00572164 
_atom_sites.fract_transf_matrix[2][2]   0.01222753 
_atom_sites.fract_transf_matrix[2][3]   -0.01334985 
_atom_sites.fract_transf_matrix[3][1]   -0.00969548 
_atom_sites.fract_transf_matrix[3][2]   -0.00312286 
_atom_sites.fract_transf_matrix[3][3]   0.00129508 
_atom_sites.fract_transf_vector[1]      0.681973 
_atom_sites.fract_transf_vector[2]      0.221261 
_atom_sites.fract_transf_vector[3]      0.100631 
# 
loop_
_atom_type.symbol 
C  
CL 
N  
O  
S  
# 
loop_
_atom_site.group_PDB 
_atom_site.id 
_atom_site.type_symbol 
_atom_site.label_atom_id 
_atom_site.label_alt_id 
_atom_site.label_comp_id 
_atom_site.label_asym_id 
_atom_site.label_entity_id 
_atom_site.label_seq_id 
_atom_site.pdbx_PDB_ins_code 
_atom_site.Cartn_x 
_atom_site.Cartn_y 
_atom_site.Cartn_z 
_atom_site.occupancy 
_atom_site.B_iso_or_equiv 
_atom_site.pdbx_formal_charge 
_atom_site.auth_seq_id 
_atom_site.auth_comp_id 
_atom_site.auth_asym_id 
_atom_site.auth_atom_id 
_atom_site.pdbx_PDB_model_num 
ATOM   1    N  N   . MET A 1 1   ? 3.872   -2.946  16.884  1.00 30.76  ? 1   MET A N   1 
ATOM   2    C  CA  . MET A 1 1   ? 3.554   -2.460  15.569  1.00 27.95  ? 1   MET A CA  1 
ATOM   3    C  C   . MET A 1 1   ? 3.215   -3.650  14.675  1.00 18.41  ? 1   MET A C   1 
ATOM   4    O  O   . MET A 1 1   ? 3.772   -4.693  14.850  1.00 17.29  ? 1   MET A O   1 
ATOM   5    C  CB  . MET A 1 1   ? 4.609   -1.422  15.203  1.00 22.32  ? 1   MET A CB  1 
ATOM   6    C  CG  . MET A 1 1   ? 4.471   -1.042  13.762  1.00 42.39  ? 1   MET A CG  1 
ATOM   7    S  SD  . MET A 1 1   ? 3.659   0.551   13.568  1.00 37.15  ? 1   MET A SD  1 
ATOM   8    C  CE  . MET A 1 1   ? 4.509   1.353   14.918  1.00 31.97  ? 1   MET A CE  1 
ATOM   9    N  N   . ASN A 1 2   ? 2.306   -3.467  13.722  1.00 10.90  ? 2   ASN A N   1 
ATOM   10   C  CA  . ASN A 1 2   ? 1.911   -4.483  12.784  1.00 13.26  ? 2   ASN A CA  1 
ATOM   11   C  C   . ASN A 1 2   ? 1.526   -3.738  11.502  1.00 12.80  ? 2   ASN A C   1 
ATOM   12   O  O   . ASN A 1 2   ? 1.474   -2.504  11.439  1.00 10.75  ? 2   ASN A O   1 
ATOM   13   C  CB  . ASN A 1 2   ? 0.820   -5.358  13.491  1.00 10.86  ? 2   ASN A CB  1 
ATOM   14   C  CG  . ASN A 1 2   ? -0.452  -4.634  13.810  1.00 20.81  ? 2   ASN A CG  1 
ATOM   15   O  OD1 . ASN A 1 2   ? -1.076  -3.986  12.943  1.00 13.38  ? 2   ASN A OD1 1 
ATOM   16   N  ND2 . ASN A 1 2   ? -0.859  -4.758  15.076  1.00 17.17  ? 2   ASN A ND2 1 
ATOM   17   N  N   . ILE A 1 3   ? 1.201   -4.514  10.484  1.00 9.09   ? 3   ILE A N   1 
ATOM   18   C  CA  . ILE A 1 3   ? 0.820   -4.017  9.168   1.00 13.16  ? 3   ILE A CA  1 
ATOM   19   C  C   . ILE A 1 3   ? -0.359  -2.998  9.218   1.00 14.31  ? 3   ILE A C   1 
ATOM   20   O  O   . ILE A 1 3   ? -0.393  -2.011  8.499   1.00 11.32  ? 3   ILE A O   1 
ATOM   21   C  CB  . ILE A 1 3   ? 0.675   -5.237  8.201   1.00 17.23  ? 3   ILE A CB  1 
ATOM   22   C  CG1 . ILE A 1 3   ? 0.598   -4.823  6.691   1.00 10.17  ? 3   ILE A CG1 1 
ATOM   23   C  CG2 . ILE A 1 3   ? -0.516  -6.137  8.640   1.00 14.20  ? 3   ILE A CG2 1 
ATOM   24   C  CD1 . ILE A 1 3   ? 1.603   -3.704  6.280   1.00 7.27   ? 3   ILE A CD1 1 
ATOM   25   N  N   . PHE A 1 4   ? -1.392  -3.286  10.015  1.00 13.22  ? 4   PHE A N   1 
ATOM   26   C  CA  . PHE A 1 4   ? -2.545  -2.395  10.088  1.00 9.73   ? 4   PHE A CA  1 
ATOM   27   C  C   . PHE A 1 4   ? -2.245  -1.046  10.652  1.00 10.99  ? 4   PHE A C   1 
ATOM   28   O  O   . PHE A 1 4   ? -2.637  -0.057  10.083  1.00 14.48  ? 4   PHE A O   1 
ATOM   29   C  CB  . PHE A 1 4   ? -3.624  -3.038  10.929  1.00 11.31  ? 4   PHE A CB  1 
ATOM   30   C  CG  . PHE A 1 4   ? -4.194  -4.224  10.197  1.00 17.42  ? 4   PHE A CG  1 
ATOM   31   C  CD1 . PHE A 1 4   ? -3.837  -5.535  10.511  1.00 12.31  ? 4   PHE A CD1 1 
ATOM   32   C  CD2 . PHE A 1 4   ? -5.130  -4.032  9.182   1.00 17.48  ? 4   PHE A CD2 1 
ATOM   33   C  CE1 . PHE A 1 4   ? -4.352  -6.628  9.811   1.00 16.46  ? 4   PHE A CE1 1 
ATOM   34   C  CE2 . PHE A 1 4   ? -5.679  -5.105  8.489   1.00 18.20  ? 4   PHE A CE2 1 
ATOM   35   C  CZ  . PHE A 1 4   ? -5.289  -6.399  8.802   1.00 22.60  ? 4   PHE A CZ  1 
ATOM   36   N  N   . GLU A 1 5   ? -1.496  -1.024  11.756  1.00 11.44  ? 5   GLU A N   1 
ATOM   37   C  CA  . GLU A 1 5   ? -1.107  0.211   12.378  1.00 15.14  ? 5   GLU A CA  1 
ATOM   38   C  C   . GLU A 1 5   ? -0.207  0.986   11.471  1.00 17.14  ? 5   GLU A C   1 
ATOM   39   O  O   . GLU A 1 5   ? -0.201  2.175   11.433  1.00 16.29  ? 5   GLU A O   1 
ATOM   40   C  CB  . GLU A 1 5   ? -0.218  -0.093  13.587  1.00 9.10   ? 5   GLU A CB  1 
ATOM   41   C  CG  . GLU A 1 5   ? -1.000  -0.908  14.630  1.00 21.52  ? 5   GLU A CG  1 
ATOM   42   C  CD  . GLU A 1 5   ? -0.262  -1.199  15.931  1.00 26.74  ? 5   GLU A CD  1 
ATOM   43   O  OE1 . GLU A 1 5   ? 0.936   -1.426  15.993  1.00 53.99  ? 5   GLU A OE1 1 
ATOM   44   O  OE2 . GLU A 1 5   ? -1.013  -1.086  16.995  1.00 100.00 ? 5   GLU A OE2 1 
ATOM   45   N  N   . MET A 1 6   ? 0.625   0.267   10.775  1.00 11.66  ? 6   MET A N   1 
ATOM   46   C  CA  . MET A 1 6   ? 1.620   0.848   9.907   1.00 10.45  ? 6   MET A CA  1 
ATOM   47   C  C   . MET A 1 6   ? 0.927   1.447   8.722   1.00 21.95  ? 6   MET A C   1 
ATOM   48   O  O   . MET A 1 6   ? 1.200   2.565   8.339   1.00 16.35  ? 6   MET A O   1 
ATOM   49   C  CB  . MET A 1 6   ? 2.587   -0.260  9.360   1.00 13.85  ? 6   MET A CB  1 
ATOM   50   C  CG  . MET A 1 6   ? 3.610   0.247   8.309   1.00 9.38   ? 6   MET A CG  1 
ATOM   51   S  SD  . MET A 1 6   ? 4.363   -1.036  7.248   1.00 13.27  ? 6   MET A SD  1 
ATOM   52   C  CE  . MET A 1 6   ? 6.049   -0.482  6.907   1.00 12.93  ? 6   MET A CE  1 
ATOM   53   N  N   . LEU A 1 7   ? 0.033   0.688   8.121   1.00 11.36  ? 7   LEU A N   1 
ATOM   54   C  CA  . LEU A 1 7   ? -0.616  1.364   6.983   1.00 15.28  ? 7   LEU A CA  1 
ATOM   55   C  C   . LEU A 1 7   ? -1.594  2.428   7.441   1.00 20.73  ? 7   LEU A C   1 
ATOM   56   O  O   . LEU A 1 7   ? -1.858  3.437   6.770   1.00 12.45  ? 7   LEU A O   1 
ATOM   57   C  CB  . LEU A 1 7   ? -1.343  0.351   6.083   1.00 12.24  ? 7   LEU A CB  1 
ATOM   58   C  CG  . LEU A 1 7   ? -0.435  -0.244  4.971   1.00 14.80  ? 7   LEU A CG  1 
ATOM   59   C  CD1 . LEU A 1 7   ? -1.080  -1.574  4.648   1.00 13.28  ? 7   LEU A CD1 1 
ATOM   60   C  CD2 . LEU A 1 7   ? -0.176  0.750   3.870   1.00 17.01  ? 7   LEU A CD2 1 
ATOM   61   N  N   . ARG A 1 8   ? -2.149  2.225   8.615   1.00 12.66  ? 8   ARG A N   1 
ATOM   62   C  CA  . ARG A 1 8   ? -3.085  3.238   9.088   1.00 12.49  ? 8   ARG A CA  1 
ATOM   63   C  C   . ARG A 1 8   ? -2.365  4.540   9.245   1.00 25.62  ? 8   ARG A C   1 
ATOM   64   O  O   . ARG A 1 8   ? -2.910  5.593   9.046   1.00 17.06  ? 8   ARG A O   1 
ATOM   65   C  CB  . ARG A 1 8   ? -3.762  2.845   10.388  1.00 20.81  ? 8   ARG A CB  1 
ATOM   66   C  CG  . ARG A 1 8   ? -4.463  3.990   11.133  1.00 24.85  ? 8   ARG A CG  1 
ATOM   67   C  CD  . ARG A 1 8   ? -5.946  4.166   10.770  1.00 23.28  ? 8   ARG A CD  1 
ATOM   68   N  NE  . ARG A 1 8   ? -6.717  5.236   11.440  1.00 51.74  ? 8   ARG A NE  1 
ATOM   69   C  CZ  . ARG A 1 8   ? -6.410  6.549   11.525  1.00 96.66  ? 8   ARG A CZ  1 
ATOM   70   N  NH1 . ARG A 1 8   ? -5.296  7.134   11.025  1.00 45.49  ? 8   ARG A NH1 1 
ATOM   71   N  NH2 . ARG A 1 8   ? -7.267  7.333   12.161  1.00 100.00 ? 8   ARG A NH2 1 
ATOM   72   N  N   . ILE A 1 9   ? -1.103  4.464   9.632   1.00 17.77  ? 9   ILE A N   1 
ATOM   73   C  CA  . ILE A 1 9   ? -0.283  5.641   9.753   1.00 18.85  ? 9   ILE A CA  1 
ATOM   74   C  C   . ILE A 1 9   ? 0.024   6.253   8.373   1.00 16.46  ? 9   ILE A C   1 
ATOM   75   O  O   . ILE A 1 9   ? -0.067  7.454   8.170   1.00 17.46  ? 9   ILE A O   1 
ATOM   76   C  CB  . ILE A 1 9   ? 1.017   5.337   10.487  1.00 19.36  ? 9   ILE A CB  1 
ATOM   77   C  CG1 . ILE A 1 9   ? 0.870   5.254   11.998  1.00 16.38  ? 9   ILE A CG1 1 
ATOM   78   C  CG2 . ILE A 1 9   ? 2.067   6.446   10.296  1.00 18.46  ? 9   ILE A CG2 1 
ATOM   79   C  CD1 . ILE A 1 9   ? 2.088   4.600   12.647  1.00 21.11  ? 9   ILE A CD1 1 
ATOM   80   N  N   . ASP A 1 10  ? 0.376   5.443   7.401   1.00 12.84  ? 10  ASP A N   1 
ATOM   81   C  CA  . ASP A 1 10  ? 0.683   5.947   6.087   1.00 16.30  ? 10  ASP A CA  1 
ATOM   82   C  C   . ASP A 1 10  ? -0.527  6.414   5.240   1.00 19.15  ? 10  ASP A C   1 
ATOM   83   O  O   . ASP A 1 10  ? -0.409  7.304   4.412   1.00 18.92  ? 10  ASP A O   1 
ATOM   84   C  CB  . ASP A 1 10  ? 1.416   4.862   5.275   1.00 13.82  ? 10  ASP A CB  1 
ATOM   85   C  CG  . ASP A 1 10  ? 2.862   4.743   5.678   1.00 18.16  ? 10  ASP A CG  1 
ATOM   86   O  OD1 . ASP A 1 10  ? 3.465   5.621   6.257   1.00 14.93  ? 10  ASP A OD1 1 
ATOM   87   O  OD2 . ASP A 1 10  ? 3.341   3.547   5.575   1.00 13.34  ? 10  ASP A OD2 1 
ATOM   88   N  N   . GLU A 1 11  ? -1.725  5.886   5.468   1.00 11.95  ? 11  GLU A N   1 
ATOM   89   C  CA  . GLU A 1 11  ? -2.851  6.246   4.605   1.00 9.46   ? 11  GLU A CA  1 
ATOM   90   C  C   . GLU A 1 11  ? -3.861  7.230   5.213   1.00 14.20  ? 11  GLU A C   1 
ATOM   91   O  O   . GLU A 1 11  ? -4.726  7.788   4.514   1.00 27.62  ? 11  GLU A O   1 
ATOM   92   C  CB  . GLU A 1 11  ? -3.546  4.911   4.312   1.00 9.15   ? 11  GLU A CB  1 
ATOM   93   C  CG  . GLU A 1 11  ? -2.619  3.967   3.540   1.00 12.44  ? 11  GLU A CG  1 
ATOM   94   C  CD  . GLU A 1 11  ? -2.452  4.474   2.117   1.00 16.30  ? 11  GLU A CD  1 
ATOM   95   O  OE1 . GLU A 1 11  ? -3.048  5.429   1.676   1.00 24.62  ? 11  GLU A OE1 1 
ATOM   96   O  OE2 . GLU A 1 11  ? -1.600  3.794   1.391   1.00 17.12  ? 11  GLU A OE2 1 
ATOM   97   N  N   . GLY A 1 12  ? -3.824  7.312   6.524   1.00 15.14  ? 12  GLY A N   1 
ATOM   98   C  CA  . GLY A 1 12  ? -4.791  8.125   7.295   1.00 20.85  ? 12  GLY A CA  1 
ATOM   99   C  C   . GLY A 1 12  ? -6.141  7.440   7.213   1.00 32.49  ? 12  GLY A C   1 
ATOM   100  O  O   . GLY A 1 12  ? -6.217  6.315   6.702   1.00 27.89  ? 12  GLY A O   1 
ATOM   101  N  N   . LEU A 1 13  ? -7.191  8.098   7.750   1.00 21.65  ? 13  LEU A N   1 
ATOM   102  C  CA  . LEU A 1 13  ? -8.602  7.608   7.732   1.00 20.43  ? 13  LEU A CA  1 
ATOM   103  C  C   . LEU A 1 13  ? -9.566  8.735   7.376   1.00 25.05  ? 13  LEU A C   1 
ATOM   104  O  O   . LEU A 1 13  ? -9.536  9.773   8.015   1.00 22.63  ? 13  LEU A O   1 
ATOM   105  C  CB  . LEU A 1 13  ? -9.066  7.000   9.078   1.00 20.39  ? 13  LEU A CB  1 
ATOM   106  C  CG  . LEU A 1 13  ? -10.562 6.654   9.242   1.00 24.33  ? 13  LEU A CG  1 
ATOM   107  C  CD1 . LEU A 1 13  ? -11.064 5.726   8.156   1.00 18.21  ? 13  LEU A CD1 1 
ATOM   108  C  CD2 . LEU A 1 13  ? -10.760 5.990   10.593  1.00 32.58  ? 13  LEU A CD2 1 
ATOM   109  N  N   . ARG A 1 14  ? -10.341 8.570   6.322   1.00 27.90  ? 14  ARG A N   1 
ATOM   110  C  CA  . ARG A 1 14  ? -11.302 9.563   5.900   1.00 26.33  ? 14  ARG A CA  1 
ATOM   111  C  C   . ARG A 1 14  ? -12.594 8.878   5.593   1.00 27.01  ? 14  ARG A C   1 
ATOM   112  O  O   . ARG A 1 14  ? -12.610 7.871   4.875   1.00 17.31  ? 14  ARG A O   1 
ATOM   113  C  CB  . ARG A 1 14  ? -10.893 10.335  4.670   1.00 21.04  ? 14  ARG A CB  1 
ATOM   114  C  CG  . ARG A 1 14  ? -9.526  10.928  4.929   1.00 29.67  ? 14  ARG A CG  1 
ATOM   115  C  CD  . ARG A 1 14  ? -9.308  12.263  4.226   1.00 38.00  ? 14  ARG A CD  1 
ATOM   116  N  NE  . ARG A 1 14  ? -7.898  12.336  3.791   1.00 100.00 ? 14  ARG A NE  1 
ATOM   117  C  CZ  . ARG A 1 14  ? -7.377  13.186  2.886   1.00 100.00 ? 14  ARG A CZ  1 
ATOM   118  N  NH1 . ARG A 1 14  ? -8.184  14.108  2.282   1.00 82.93  ? 14  ARG A NH1 1 
ATOM   119  N  NH2 . ARG A 1 14  ? -6.047  13.107  2.596   1.00 100.00 ? 14  ARG A NH2 1 
ATOM   120  N  N   . LEU A 1 15  ? -13.647 9.423   6.188   1.00 25.59  ? 15  LEU A N   1 
ATOM   121  C  CA  . LEU A 1 15  ? -14.934 8.850   6.003   1.00 21.30  ? 15  LEU A CA  1 
ATOM   122  C  C   . LEU A 1 15  ? -15.744 9.393   4.844   1.00 17.65  ? 15  LEU A C   1 
ATOM   123  O  O   . LEU A 1 15  ? -16.834 8.881   4.681   1.00 27.90  ? 15  LEU A O   1 
ATOM   124  C  CB  . LEU A 1 15  ? -15.756 8.965   7.267   1.00 19.05  ? 15  LEU A CB  1 
ATOM   125  C  CG  . LEU A 1 15  ? -14.987 8.295   8.391   1.00 22.60  ? 15  LEU A CG  1 
ATOM   126  C  CD1 . LEU A 1 15  ? -15.851 8.144   9.636   1.00 28.58  ? 15  LEU A CD1 1 
ATOM   127  C  CD2 . LEU A 1 15  ? -14.658 6.846   8.005   1.00 42.35  ? 15  LEU A CD2 1 
ATOM   128  N  N   . LYS A 1 16  ? -15.196 10.367  4.085   1.00 13.21  ? 16  LYS A N   1 
ATOM   129  C  CA  . LYS A 1 16  ? -15.922 10.957  2.972   1.00 16.04  ? 16  LYS A CA  1 
ATOM   130  C  C   . LYS A 1 16  ? -15.106 10.818  1.740   1.00 22.01  ? 16  LYS A C   1 
ATOM   131  O  O   . LYS A 1 16  ? -13.892 10.840  1.888   1.00 25.49  ? 16  LYS A O   1 
ATOM   132  C  CB  . LYS A 1 16  ? -16.281 12.455  3.257   1.00 32.36  ? 16  LYS A CB  1 
ATOM   133  C  CG  . LYS A 1 16  ? -15.435 13.493  2.545   1.00 98.43  ? 16  LYS A CG  1 
ATOM   134  C  CD  . LYS A 1 16  ? -16.298 14.460  1.717   1.00 100.00 ? 16  LYS A CD  1 
ATOM   135  C  CE  . LYS A 1 16  ? -17.052 13.802  0.538   1.00 100.00 ? 16  LYS A CE  1 
ATOM   136  N  NZ  . LYS A 1 16  ? -17.651 14.714  -0.465  1.00 100.00 ? 16  LYS A NZ  1 
ATOM   137  N  N   . ILE A 1 17  ? -15.744 10.636  0.555   1.00 20.76  ? 17  ILE A N   1 
ATOM   138  C  CA  . ILE A 1 17  ? -14.922 10.511  -0.634  1.00 11.72  ? 17  ILE A CA  1 
ATOM   139  C  C   . ILE A 1 17  ? -13.841 11.608  -0.696  1.00 28.31  ? 17  ILE A C   1 
ATOM   140  O  O   . ILE A 1 17  ? -14.128 12.781  -0.430  1.00 20.27  ? 17  ILE A O   1 
ATOM   141  C  CB  . ILE A 1 17  ? -15.719 10.454  -1.965  1.00 9.97   ? 17  ILE A CB  1 
ATOM   142  C  CG1 . ILE A 1 17  ? -16.464 9.161   -1.932  1.00 17.96  ? 17  ILE A CG1 1 
ATOM   143  C  CG2 . ILE A 1 17  ? -14.779 10.614  -3.185  1.00 11.99  ? 17  ILE A CG2 1 
ATOM   144  C  CD1 . ILE A 1 17  ? -17.448 9.040   -3.076  1.00 15.68  ? 17  ILE A CD1 1 
ATOM   145  N  N   . TYR A 1 18  ? -12.598 11.207  -1.007  1.00 14.18  ? 18  TYR A N   1 
ATOM   146  C  CA  . TYR A 1 18  ? -11.524 12.171  -1.153  1.00 16.04  ? 18  TYR A CA  1 
ATOM   147  C  C   . TYR A 1 18  ? -10.666 11.841  -2.349  1.00 18.49  ? 18  TYR A C   1 
ATOM   148  O  O   . TYR A 1 18  ? -10.688 10.692  -2.855  1.00 27.23  ? 18  TYR A O   1 
ATOM   149  C  CB  . TYR A 1 18  ? -10.696 12.283  0.176   1.00 22.49  ? 18  TYR A CB  1 
ATOM   150  C  CG  . TYR A 1 18  ? -9.833  11.085  0.548   1.00 28.79  ? 18  TYR A CG  1 
ATOM   151  C  CD1 . TYR A 1 18  ? -8.485  11.007  0.172   1.00 22.44  ? 18  TYR A CD1 1 
ATOM   152  C  CD2 . TYR A 1 18  ? -10.349 10.037  1.319   1.00 29.55  ? 18  TYR A CD2 1 
ATOM   153  C  CE1 . TYR A 1 18  ? -7.665  9.944   0.567   1.00 22.26  ? 18  TYR A CE1 1 
ATOM   154  C  CE2 . TYR A 1 18  ? -9.541  8.980   1.751   1.00 33.89  ? 18  TYR A CE2 1 
ATOM   155  C  CZ  . TYR A 1 18  ? -8.198  8.905   1.335   1.00 25.14  ? 18  TYR A CZ  1 
ATOM   156  O  OH  . TYR A 1 18  ? -7.359  7.876   1.747   1.00 44.05  ? 18  TYR A OH  1 
ATOM   157  N  N   . LYS A 1 19  ? -9.836  12.819  -2.761  1.00 12.04  ? 19  LYS A N   1 
ATOM   158  C  CA  . LYS A 1 19  ? -8.898  12.533  -3.817  1.00 16.79  ? 19  LYS A CA  1 
ATOM   159  C  C   . LYS A 1 19  ? -7.535  12.226  -3.194  1.00 39.32  ? 19  LYS A C   1 
ATOM   160  O  O   . LYS A 1 19  ? -7.085  12.851  -2.213  1.00 24.32  ? 19  LYS A O   1 
ATOM   161  C  CB  . LYS A 1 19  ? -8.682  13.512  -4.973  1.00 21.93  ? 19  LYS A CB  1 
ATOM   162  C  CG  . LYS A 1 19  ? -9.921  13.904  -5.755  1.00 18.51  ? 19  LYS A CG  1 
ATOM   163  C  CD  . LYS A 1 19  ? -9.596  14.398  -7.161  1.00 69.78  ? 19  LYS A CD  1 
ATOM   164  C  CE  . LYS A 1 19  ? -10.462 15.585  -7.587  1.00 33.08  ? 19  LYS A CE  1 
ATOM   165  N  NZ  . LYS A 1 19  ? -10.431 15.886  -9.034  1.00 65.01  ? 19  LYS A NZ  1 
ATOM   166  N  N   . ASP A 1 20  ? -6.849  11.237  -3.763  1.00 16.23  ? 20  ASP A N   1 
ATOM   167  C  CA  . ASP A 1 20  ? -5.573  10.859  -3.198  1.00 19.45  ? 20  ASP A CA  1 
ATOM   168  C  C   . ASP A 1 20  ? -4.472  11.718  -3.797  1.00 26.67  ? 20  ASP A C   1 
ATOM   169  O  O   . ASP A 1 20  ? -4.714  12.588  -4.647  1.00 19.77  ? 20  ASP A O   1 
ATOM   170  C  CB  . ASP A 1 20  ? -5.355  9.359   -3.335  1.00 21.48  ? 20  ASP A CB  1 
ATOM   171  C  CG  . ASP A 1 20  ? -5.023  8.998   -4.765  1.00 26.69  ? 20  ASP A CG  1 
ATOM   172  O  OD1 . ASP A 1 20  ? -4.971  9.790   -5.660  1.00 25.66  ? 20  ASP A OD1 1 
ATOM   173  O  OD2 . ASP A 1 20  ? -4.731  7.752   -4.956  1.00 28.78  ? 20  ASP A OD2 1 
ATOM   174  N  N   . THR A 1 21  ? -3.244  11.371  -3.442  1.00 20.94  ? 21  THR A N   1 
ATOM   175  C  CA  . THR A 1 21  ? -2.102  12.150  -3.921  1.00 18.71  ? 21  THR A CA  1 
ATOM   176  C  C   . THR A 1 21  ? -2.004  12.177  -5.432  1.00 33.64  ? 21  THR A C   1 
ATOM   177  O  O   . THR A 1 21  ? -1.392  13.093  -5.981  1.00 23.64  ? 21  THR A O   1 
ATOM   178  C  CB  . THR A 1 21  ? -0.811  11.787  -3.172  1.00 47.75  ? 21  THR A CB  1 
ATOM   179  O  OG1 . THR A 1 21  ? -0.531  10.437  -3.520  1.00 28.17  ? 21  THR A OG1 1 
ATOM   180  C  CG2 . THR A 1 21  ? -1.110  11.849  -1.672  1.00 62.61  ? 21  THR A CG2 1 
ATOM   181  N  N   . GLU A 1 22  ? -2.627  11.194  -6.111  1.00 25.47  ? 22  GLU A N   1 
ATOM   182  C  CA  . GLU A 1 22  ? -2.587  11.152  -7.588  1.00 20.36  ? 22  GLU A CA  1 
ATOM   183  C  C   . GLU A 1 22  ? -3.818  11.782  -8.274  1.00 20.35  ? 22  GLU A C   1 
ATOM   184  O  O   . GLU A 1 22  ? -3.919  11.852  -9.498  1.00 24.86  ? 22  GLU A O   1 
ATOM   185  C  CB  . GLU A 1 22  ? -2.344  9.737   -8.106  1.00 20.26  ? 22  GLU A CB  1 
ATOM   186  C  CG  . GLU A 1 22  ? -1.026  9.108   -7.627  1.00 25.48  ? 22  GLU A CG  1 
ATOM   187  C  CD  . GLU A 1 22  ? -0.009  9.148   -8.711  1.00 66.60  ? 22  GLU A CD  1 
ATOM   188  O  OE1 . GLU A 1 22  ? -0.067  8.488   -9.751  1.00 79.57  ? 22  GLU A OE1 1 
ATOM   189  O  OE2 . GLU A 1 22  ? 0.892   10.037  -8.412  1.00 60.97  ? 22  GLU A OE2 1 
ATOM   190  N  N   . GLY A 1 23  ? -4.756  12.191  -7.411  1.00 15.02  ? 23  GLY A N   1 
ATOM   191  C  CA  . GLY A 1 23  ? -6.013  12.836  -7.772  1.00 20.36  ? 23  GLY A CA  1 
ATOM   192  C  C   . GLY A 1 23  ? -7.164  11.864  -7.936  1.00 34.75  ? 23  GLY A C   1 
ATOM   193  O  O   . GLY A 1 23  ? -8.176  12.231  -8.487  1.00 34.00  ? 23  GLY A O   1 
ATOM   194  N  N   . TYR A 1 24  ? -7.032  10.654  -7.414  1.00 24.33  ? 24  TYR A N   1 
ATOM   195  C  CA  . TYR A 1 24  ? -8.121  9.725   -7.560  1.00 14.74  ? 24  TYR A CA  1 
ATOM   196  C  C   . TYR A 1 24  ? -8.973  9.512   -6.378  1.00 17.72  ? 24  TYR A C   1 
ATOM   197  O  O   . TYR A 1 24  ? -8.532  9.487   -5.242  1.00 23.29  ? 24  TYR A O   1 
ATOM   198  C  CB  . TYR A 1 24  ? -7.656  8.330   -7.769  1.00 23.05  ? 24  TYR A CB  1 
ATOM   199  C  CG  . TYR A 1 24  ? -6.714  8.306   -8.925  1.00 21.64  ? 24  TYR A CG  1 
ATOM   200  C  CD1 . TYR A 1 24  ? -5.546  7.554   -8.833  1.00 22.79  ? 24  TYR A CD1 1 
ATOM   201  C  CD2 . TYR A 1 24  ? -7.050  8.946   -10.115 1.00 41.31  ? 24  TYR A CD2 1 
ATOM   202  C  CE1 . TYR A 1 24  ? -4.656  7.481   -9.901  1.00 29.51  ? 24  TYR A CE1 1 
ATOM   203  C  CE2 . TYR A 1 24  ? -6.177  8.846   -11.198 1.00 61.70  ? 24  TYR A CE2 1 
ATOM   204  C  CZ  . TYR A 1 24  ? -4.991  8.111   -11.100 1.00 44.33  ? 24  TYR A CZ  1 
ATOM   205  O  OH  . TYR A 1 24  ? -4.127  8.019   -12.165 1.00 62.77  ? 24  TYR A OH  1 
ATOM   206  N  N   . TYR A 1 25  ? -10.221 9.314   -6.699  1.00 19.51  ? 25  TYR A N   1 
ATOM   207  C  CA  . TYR A 1 25  ? -11.225 9.064   -5.715  1.00 17.12  ? 25  TYR A CA  1 
ATOM   208  C  C   . TYR A 1 25  ? -10.929 7.838   -4.842  1.00 16.59  ? 25  TYR A C   1 
ATOM   209  O  O   . TYR A 1 25  ? -10.857 6.645   -5.260  1.00 16.39  ? 25  TYR A O   1 
ATOM   210  C  CB  . TYR A 1 25  ? -12.601 8.900   -6.427  1.00 10.87  ? 25  TYR A CB  1 
ATOM   211  C  CG  . TYR A 1 25  ? -13.014 10.213  -6.996  1.00 27.47  ? 25  TYR A CG  1 
ATOM   212  C  CD1 . TYR A 1 25  ? -13.313 10.338  -8.356  1.00 32.25  ? 25  TYR A CD1 1 
ATOM   213  C  CD2 . TYR A 1 25  ? -13.095 11.325  -6.162  1.00 24.96  ? 25  TYR A CD2 1 
ATOM   214  C  CE1 . TYR A 1 25  ? -13.666 11.571  -8.907  1.00 24.34  ? 25  TYR A CE1 1 
ATOM   215  C  CE2 . TYR A 1 25  ? -13.473 12.562  -6.688  1.00 29.42  ? 25  TYR A CE2 1 
ATOM   216  C  CZ  . TYR A 1 25  ? -13.793 12.660  -8.051  1.00 34.21  ? 25  TYR A CZ  1 
ATOM   217  O  OH  . TYR A 1 25  ? -14.207 13.854  -8.596  1.00 40.56  ? 25  TYR A OH  1 
ATOM   218  N  N   . THR A 1 26  ? -10.933 8.143   -3.568  1.00 12.64  ? 26  THR A N   1 
ATOM   219  C  CA  . THR A 1 26  ? -10.628 7.120   -2.612  1.00 18.30  ? 26  THR A CA  1 
ATOM   220  C  C   . THR A 1 26  ? -11.410 7.367   -1.357  1.00 14.62  ? 26  THR A C   1 
ATOM   221  O  O   . THR A 1 26  ? -11.999 8.441   -1.191  1.00 14.99  ? 26  THR A O   1 
ATOM   222  C  CB  . THR A 1 26  ? -9.151  7.404   -2.193  1.00 32.62  ? 26  THR A CB  1 
ATOM   223  O  OG1 . THR A 1 26  ? -8.367  7.365   -3.376  1.00 16.51  ? 26  THR A OG1 1 
ATOM   224  C  CG2 . THR A 1 26  ? -8.437  6.549   -1.113  1.00 11.98  ? 26  THR A CG2 1 
ATOM   225  N  N   . ILE A 1 27  ? -11.370 6.406   -0.412  1.00 18.81  ? 27  ILE A N   1 
ATOM   226  C  CA  . ILE A 1 27  ? -12.078 6.610   0.841   1.00 20.73  ? 27  ILE A CA  1 
ATOM   227  C  C   . ILE A 1 27  ? -11.500 5.721   1.939   1.00 10.39  ? 27  ILE A C   1 
ATOM   228  O  O   . ILE A 1 27  ? -10.745 4.770   1.694   1.00 16.04  ? 27  ILE A O   1 
ATOM   229  C  CB  . ILE A 1 27  ? -13.596 6.351   0.649   1.00 25.13  ? 27  ILE A CB  1 
ATOM   230  C  CG1 . ILE A 1 27  ? -14.432 6.880   1.814   1.00 14.68  ? 27  ILE A CG1 1 
ATOM   231  C  CG2 . ILE A 1 27  ? -13.805 4.823   0.567   1.00 23.90  ? 27  ILE A CG2 1 
ATOM   232  C  CD1 . ILE A 1 27  ? -15.923 7.015   1.589   1.00 13.85  ? 27  ILE A CD1 1 
ATOM   233  N  N   . GLY A 1 28  ? -11.947 6.022   3.149   1.00 13.50  ? 28  GLY A N   1 
ATOM   234  C  CA  . GLY A 1 28  ? -11.559 5.221   4.279   1.00 15.98  ? 28  GLY A CA  1 
ATOM   235  C  C   . GLY A 1 28  ? -10.053 5.237   4.519   1.00 22.09  ? 28  GLY A C   1 
ATOM   236  O  O   . GLY A 1 28  ? -9.432  6.308   4.659   1.00 14.34  ? 28  GLY A O   1 
ATOM   237  N  N   . ILE A 1 29  ? -9.479  4.029   4.586   1.00 16.37  ? 29  ILE A N   1 
ATOM   238  C  CA  . ILE A 1 29  ? -8.055  3.859   4.831   1.00 12.46  ? 29  ILE A CA  1 
ATOM   239  C  C   . ILE A 1 29  ? -7.334  3.520   3.559   1.00 14.95  ? 29  ILE A C   1 
ATOM   240  O  O   . ILE A 1 29  ? -6.902  2.390   3.310   1.00 18.47  ? 29  ILE A O   1 
ATOM   241  C  CB  . ILE A 1 29  ? -7.735  2.867   5.963   1.00 16.23  ? 29  ILE A CB  1 
ATOM   242  C  CG1 . ILE A 1 29  ? -8.283  3.329   7.317   1.00 20.31  ? 29  ILE A CG1 1 
ATOM   243  C  CG2 . ILE A 1 29  ? -6.234  2.782   6.103   1.00 15.40  ? 29  ILE A CG2 1 
ATOM   244  C  CD1 . ILE A 1 29  ? -8.667  2.211   8.277   1.00 30.48  ? 29  ILE A CD1 1 
ATOM   245  N  N   . GLY A 1 30  ? -7.222  4.534   2.712   1.00 16.13  ? 30  GLY A N   1 
ATOM   246  C  CA  . GLY A 1 30  ? -6.545  4.337   1.469   1.00 11.56  ? 30  GLY A CA  1 
ATOM   247  C  C   . GLY A 1 30  ? -7.322  3.453   0.511   1.00 14.80  ? 30  GLY A C   1 
ATOM   248  O  O   . GLY A 1 30  ? -6.734  2.886   -0.351  1.00 18.12  ? 30  GLY A O   1 
ATOM   249  N  N   . HIS A 1 31  ? -8.630  3.384   0.548   1.00 10.72  ? 31  HIS A N   1 
ATOM   250  C  CA  . HIS A 1 31  ? -9.253  2.506   -0.436  1.00 8.22   ? 31  HIS A CA  1 
ATOM   251  C  C   . HIS A 1 31  ? -9.622  3.195   -1.764  1.00 16.59  ? 31  HIS A C   1 
ATOM   252  O  O   . HIS A 1 31  ? -10.524 4.061   -1.921  1.00 16.63  ? 31  HIS A O   1 
ATOM   253  C  CB  . HIS A 1 31  ? -10.526 1.862   0.190   1.00 7.68   ? 31  HIS A CB  1 
ATOM   254  C  CG  . HIS A 1 31  ? -11.212 0.911   -0.766  1.00 11.76  ? 31  HIS A CG  1 
ATOM   255  N  ND1 . HIS A 1 31  ? -10.840 -0.445  -0.877  1.00 13.67  ? 31  HIS A ND1 1 
ATOM   256  C  CD2 . HIS A 1 31  ? -12.293 1.099   -1.575  1.00 13.85  ? 31  HIS A CD2 1 
ATOM   257  C  CE1 . HIS A 1 31  ? -11.593 -1.040  -1.782  1.00 10.59  ? 31  HIS A CE1 1 
ATOM   258  N  NE2 . HIS A 1 31  ? -12.462 -0.124  -2.256  1.00 13.20  ? 31  HIS A NE2 1 
ATOM   259  N  N   . LEU A 1 32  ? -8.906  2.802   -2.797  1.00 12.00  ? 32  LEU A N   1 
ATOM   260  C  CA  . LEU A 1 32  ? -9.089  3.434   -4.065  1.00 16.21  ? 32  LEU A CA  1 
ATOM   261  C  C   . LEU A 1 32  ? -10.438 3.091   -4.626  1.00 19.41  ? 32  LEU A C   1 
ATOM   262  O  O   . LEU A 1 32  ? -10.838 1.944   -4.601  1.00 21.33  ? 32  LEU A O   1 
ATOM   263  C  CB  . LEU A 1 32  ? -8.069  2.816   -5.030  1.00 18.17  ? 32  LEU A CB  1 
ATOM   264  C  CG  . LEU A 1 32  ? -8.326  3.316   -6.456  1.00 43.45  ? 32  LEU A CG  1 
ATOM   265  C  CD1 . LEU A 1 32  ? -8.187  4.836   -6.473  1.00 43.09  ? 32  LEU A CD1 1 
ATOM   266  C  CD2 . LEU A 1 32  ? -7.381  2.696   -7.484  1.00 22.03  ? 32  LEU A CD2 1 
ATOM   267  N  N   . LEU A 1 33  ? -11.170 4.027   -5.112  1.00 10.94  ? 33  LEU A N   1 
ATOM   268  C  CA  . LEU A 1 33  ? -12.467 3.625   -5.634  1.00 14.02  ? 33  LEU A CA  1 
ATOM   269  C  C   . LEU A 1 33  ? -12.486 3.520   -7.147  1.00 25.38  ? 33  LEU A C   1 
ATOM   270  O  O   . LEU A 1 33  ? -13.002 2.572   -7.746  1.00 21.60  ? 33  LEU A O   1 
ATOM   271  C  CB  . LEU A 1 33  ? -13.518 4.666   -5.283  1.00 16.84  ? 33  LEU A CB  1 
ATOM   272  C  CG  . LEU A 1 33  ? -13.773 4.608   -3.797  1.00 22.27  ? 33  LEU A CG  1 
ATOM   273  C  CD1 . LEU A 1 33  ? -14.614 5.801   -3.400  1.00 16.28  ? 33  LEU A CD1 1 
ATOM   274  C  CD2 . LEU A 1 33  ? -14.684 3.384   -3.621  1.00 11.88  ? 33  LEU A CD2 1 
ATOM   275  N  N   . THR A 1 34  ? -11.907 4.521   -7.775  1.00 24.46  ? 34  THR A N   1 
ATOM   276  C  CA  . THR A 1 34  ? -11.834 4.563   -9.208  1.00 24.30  ? 34  THR A CA  1 
ATOM   277  C  C   . THR A 1 34  ? -10.820 5.567   -9.680  1.00 35.41  ? 34  THR A C   1 
ATOM   278  O  O   . THR A 1 34  ? -10.530 6.563   -9.001  1.00 28.12  ? 34  THR A O   1 
ATOM   279  C  CB  . THR A 1 34  ? -13.174 5.071   -9.844  1.00 32.69  ? 34  THR A CB  1 
ATOM   280  O  OG1 . THR A 1 34  ? -13.066 4.942   -11.255 1.00 27.93  ? 34  THR A OG1 1 
ATOM   281  C  CG2 . THR A 1 34  ? -13.690 6.477   -9.482  1.00 20.07  ? 34  THR A CG2 1 
ATOM   282  N  N   . LYS A 1 35  ? -10.353 5.327   -10.887 1.00 25.44  ? 35  LYS A N   1 
ATOM   283  C  CA  . LYS A 1 35  ? -9.382  6.228   -11.474 1.00 33.25  ? 35  LYS A CA  1 
ATOM   284  C  C   . LYS A 1 35  ? -10.001 7.286   -12.366 1.00 35.38  ? 35  LYS A C   1 
ATOM   285  O  O   . LYS A 1 35  ? -9.393  8.246   -12.797 1.00 38.52  ? 35  LYS A O   1 
ATOM   286  C  CB  . LYS A 1 35  ? -8.335  5.511   -12.265 1.00 35.27  ? 35  LYS A CB  1 
ATOM   287  C  CG  . LYS A 1 35  ? -7.248  4.875   -11.390 1.00 49.12  ? 35  LYS A CG  1 
ATOM   288  C  CD  . LYS A 1 35  ? -6.327  3.917   -12.143 1.00 41.34  ? 35  LYS A CD  1 
ATOM   289  C  CE  . LYS A 1 35  ? -5.132  3.358   -11.359 1.00 56.69  ? 35  LYS A CE  1 
ATOM   290  N  NZ  . LYS A 1 35  ? -4.190  2.525   -12.151 1.00 100.00 ? 35  LYS A NZ  1 
ATOM   291  N  N   . SER A 1 36  ? -11.262 7.095   -12.579 1.00 25.18  ? 36  SER A N   1 
ATOM   292  C  CA  . SER A 1 36  ? -12.045 7.996   -13.333 1.00 28.10  ? 36  SER A CA  1 
ATOM   293  C  C   . SER A 1 36  ? -12.286 9.244   -12.521 1.00 32.79  ? 36  SER A C   1 
ATOM   294  O  O   . SER A 1 36  ? -12.443 9.247   -11.281 1.00 32.90  ? 36  SER A O   1 
ATOM   295  C  CB  . SER A 1 36  ? -13.405 7.348   -13.600 1.00 32.57  ? 36  SER A CB  1 
ATOM   296  O  OG  . SER A 1 36  ? -14.416 8.271   -13.995 1.00 53.66  ? 36  SER A OG  1 
ATOM   297  N  N   . PRO A 1 37  ? -12.428 10.311  -13.303 1.00 34.01  ? 37  PRO A N   1 
ATOM   298  C  CA  . PRO A 1 37  ? -12.685 11.643  -12.810 1.00 26.06  ? 37  PRO A CA  1 
ATOM   299  C  C   . PRO A 1 37  ? -14.137 11.934  -12.455 1.00 36.06  ? 37  PRO A C   1 
ATOM   300  O  O   . PRO A 1 37  ? -14.388 13.002  -11.870 1.00 57.74  ? 37  PRO A O   1 
ATOM   301  C  CB  . PRO A 1 37  ? -12.091 12.505  -13.875 1.00 34.91  ? 37  PRO A CB  1 
ATOM   302  C  CG  . PRO A 1 37  ? -12.207 11.715  -15.143 1.00 28.79  ? 37  PRO A CG  1 
ATOM   303  C  CD  . PRO A 1 37  ? -12.181 10.268  -14.747 1.00 34.78  ? 37  PRO A CD  1 
ATOM   304  N  N   . SER A 1 38  ? -15.067 10.991  -12.784 1.00 36.57  ? 38  SER A N   1 
ATOM   305  C  CA  . SER A 1 38  ? -16.523 11.107  -12.523 1.00 50.27  ? 38  SER A CA  1 
ATOM   306  C  C   . SER A 1 38  ? -16.855 10.776  -11.048 1.00 34.14  ? 38  SER A C   1 
ATOM   307  O  O   . SER A 1 38  ? -16.838 9.638   -10.561 1.00 31.72  ? 38  SER A O   1 
ATOM   308  C  CB  . SER A 1 38  ? -17.502 10.500  -13.617 1.00 36.13  ? 38  SER A CB  1 
ATOM   309  O  OG  . SER A 1 38  ? -18.859 10.955  -13.358 1.00 40.25  ? 38  SER A OG  1 
ATOM   310  N  N   . LEU A 1 39  ? -17.206 11.794  -10.311 1.00 26.04  ? 39  LEU A N   1 
ATOM   311  C  CA  . LEU A 1 39  ? -17.576 11.586  -8.942  1.00 32.14  ? 39  LEU A CA  1 
ATOM   312  C  C   . LEU A 1 39  ? -18.754 10.662  -8.839  1.00 29.62  ? 39  LEU A C   1 
ATOM   313  O  O   . LEU A 1 39  ? -18.992 10.051  -7.797  1.00 32.28  ? 39  LEU A O   1 
ATOM   314  C  CB  . LEU A 1 39  ? -17.873 12.918  -8.202  1.00 25.68  ? 39  LEU A CB  1 
ATOM   315  C  CG  . LEU A 1 39  ? -18.347 12.714  -6.769  1.00 44.53  ? 39  LEU A CG  1 
ATOM   316  C  CD1 . LEU A 1 39  ? -17.169 12.357  -5.866  1.00 54.25  ? 39  LEU A CD1 1 
ATOM   317  C  CD2 . LEU A 1 39  ? -18.819 14.004  -6.104  1.00 41.20  ? 39  LEU A CD2 1 
ATOM   318  N  N   . ASN A 1 40  ? -19.515 10.600  -9.910  1.00 28.77  ? 40  ASN A N   1 
ATOM   319  C  CA  . ASN A 1 40  ? -20.701 9.762   -9.868  1.00 25.15  ? 40  ASN A CA  1 
ATOM   320  C  C   . ASN A 1 40  ? -20.253 8.292   -10.008 1.00 20.64  ? 40  ASN A C   1 
ATOM   321  O  O   . ASN A 1 40  ? -20.758 7.363   -9.402  1.00 32.20  ? 40  ASN A O   1 
ATOM   322  C  CB  . ASN A 1 40  ? -21.912 10.573  -10.409 1.00 53.43  ? 40  ASN A CB  1 
ATOM   323  C  CG  . ASN A 1 40  ? -22.432 11.640  -9.427  1.00 45.15  ? 40  ASN A CG  1 
ATOM   324  O  OD1 . ASN A 1 40  ? -23.120 11.329  -8.437  1.00 100.00 ? 40  ASN A OD1 1 
ATOM   325  N  ND2 . ASN A 1 40  ? -22.034 12.909  -9.641  1.00 100.00 ? 40  ASN A ND2 1 
ATOM   326  N  N   . ALA A 1 41  ? -19.227 8.097   -10.783 1.00 18.19  ? 41  ALA A N   1 
ATOM   327  C  CA  . ALA A 1 41  ? -18.622 6.811   -10.917 1.00 23.00  ? 41  ALA A CA  1 
ATOM   328  C  C   . ALA A 1 41  ? -18.059 6.360   -9.567  1.00 24.49  ? 41  ALA A C   1 
ATOM   329  O  O   . ALA A 1 41  ? -18.164 5.214   -9.145  1.00 24.68  ? 41  ALA A O   1 
ATOM   330  C  CB  . ALA A 1 41  ? -17.409 6.892   -11.825 1.00 22.79  ? 41  ALA A CB  1 
ATOM   331  N  N   . ALA A 1 42  ? -17.475 7.287   -8.860  1.00 22.27  ? 42  ALA A N   1 
ATOM   332  C  CA  . ALA A 1 42  ? -16.902 6.943   -7.607  1.00 21.10  ? 42  ALA A CA  1 
ATOM   333  C  C   . ALA A 1 42  ? -17.976 6.581   -6.590  1.00 19.76  ? 42  ALA A C   1 
ATOM   334  O  O   . ALA A 1 42  ? -17.849 5.613   -5.800  1.00 22.63  ? 42  ALA A O   1 
ATOM   335  C  CB  . ALA A 1 42  ? -15.768 7.924   -7.404  1.00 18.61  ? 42  ALA A CB  1 
ATOM   336  N  N   . LYS A 1 43  ? -19.057 7.307   -6.567  1.00 22.73  ? 43  LYS A N   1 
ATOM   337  C  CA  . LYS A 1 43  ? -20.150 7.027   -5.604  1.00 27.71  ? 43  LYS A CA  1 
ATOM   338  C  C   . LYS A 1 43  ? -20.824 5.692   -5.842  1.00 21.24  ? 43  LYS A C   1 
ATOM   339  O  O   . LYS A 1 43  ? -21.213 4.920   -4.973  1.00 23.24  ? 43  LYS A O   1 
ATOM   340  C  CB  . LYS A 1 43  ? -21.258 8.052   -5.705  1.00 18.42  ? 43  LYS A CB  1 
ATOM   341  C  CG  . LYS A 1 43  ? -20.909 9.239   -4.841  1.00 29.20  ? 43  LYS A CG  1 
ATOM   342  C  CD  . LYS A 1 43  ? -21.277 10.547  -5.498  1.00 42.97  ? 43  LYS A CD  1 
ATOM   343  C  CE  . LYS A 1 43  ? -22.058 11.450  -4.558  1.00 75.82  ? 43  LYS A CE  1 
ATOM   344  N  NZ  . LYS A 1 43  ? -23.515 11.351  -4.775  1.00 100.00 ? 43  LYS A NZ  1 
ATOM   345  N  N   . SER A 1 44  ? -20.890 5.384   -7.104  1.00 19.59  ? 44  SER A N   1 
ATOM   346  C  CA  . SER A 1 44  ? -21.415 4.113   -7.524  1.00 33.31  ? 44  SER A CA  1 
ATOM   347  C  C   . SER A 1 44  ? -20.558 2.939   -6.970  1.00 17.86  ? 44  SER A C   1 
ATOM   348  O  O   . SER A 1 44  ? -21.023 1.957   -6.379  1.00 21.55  ? 44  SER A O   1 
ATOM   349  C  CB  . SER A 1 44  ? -21.566 4.197   -9.045  1.00 19.08  ? 44  SER A CB  1 
ATOM   350  O  OG  . SER A 1 44  ? -22.164 3.027   -9.543  1.00 58.23  ? 44  SER A OG  1 
ATOM   351  N  N   . GLU A 1 45  ? -19.282 3.090   -7.212  1.00 18.84  ? 45  GLU A N   1 
ATOM   352  C  CA  . GLU A 1 45  ? -18.278 2.124   -6.811  1.00 20.69  ? 45  GLU A CA  1 
ATOM   353  C  C   . GLU A 1 45  ? -18.322 1.945   -5.315  1.00 22.27  ? 45  GLU A C   1 
ATOM   354  O  O   . GLU A 1 45  ? -18.265 0.823   -4.770  1.00 21.15  ? 45  GLU A O   1 
ATOM   355  C  CB  . GLU A 1 45  ? -16.860 2.582   -7.202  1.00 11.86  ? 45  GLU A CB  1 
ATOM   356  C  CG  . GLU A 1 45  ? -16.480 2.401   -8.643  1.00 12.70  ? 45  GLU A CG  1 
ATOM   357  C  CD  . GLU A 1 45  ? -16.553 0.952   -9.033  1.00 30.86  ? 45  GLU A CD  1 
ATOM   358  O  OE1 . GLU A 1 45  ? -16.078 -0.025  -8.434  1.00 26.25  ? 45  GLU A OE1 1 
ATOM   359  O  OE2 . GLU A 1 45  ? -17.177 0.832   -10.139 1.00 22.80  ? 45  GLU A OE2 1 
ATOM   360  N  N   . LEU A 1 46  ? -18.494 3.076   -4.667  1.00 13.77  ? 46  LEU A N   1 
ATOM   361  C  CA  . LEU A 1 46  ? -18.602 3.021   -3.233  1.00 8.51   ? 46  LEU A CA  1 
ATOM   362  C  C   . LEU A 1 46  ? -19.808 2.180   -2.765  1.00 22.50  ? 46  LEU A C   1 
ATOM   363  O  O   . LEU A 1 46  ? -19.698 1.293   -1.906  1.00 18.75  ? 46  LEU A O   1 
ATOM   364  C  CB  . LEU A 1 46  ? -18.773 4.442   -2.600  1.00 15.27  ? 46  LEU A CB  1 
ATOM   365  C  CG  . LEU A 1 46  ? -18.966 4.395   -1.077  1.00 15.41  ? 46  LEU A CG  1 
ATOM   366  C  CD1 . LEU A 1 46  ? -17.716 3.795   -0.418  1.00 15.26  ? 46  LEU A CD1 1 
ATOM   367  C  CD2 . LEU A 1 46  ? -18.865 5.797   -0.486  1.00 15.32  ? 46  LEU A CD2 1 
ATOM   368  N  N   . ASP A 1 47  ? -20.976 2.424   -3.376  1.00 16.06  ? 47  ASP A N   1 
ATOM   369  C  CA  . ASP A 1 47  ? -22.182 1.748   -2.998  1.00 30.40  ? 47  ASP A CA  1 
ATOM   370  C  C   . ASP A 1 47  ? -22.063 0.311   -3.255  1.00 18.37  ? 47  ASP A C   1 
ATOM   371  O  O   . ASP A 1 47  ? -22.523 -0.487  -2.421  1.00 20.54  ? 47  ASP A O   1 
ATOM   372  C  CB  . ASP A 1 47  ? -23.459 2.277   -3.651  1.00 21.20  ? 47  ASP A CB  1 
ATOM   373  C  CG  . ASP A 1 47  ? -23.703 3.711   -3.213  1.00 36.97  ? 47  ASP A CG  1 
ATOM   374  O  OD1 . ASP A 1 47  ? -23.458 4.192   -2.119  1.00 26.57  ? 47  ASP A OD1 1 
ATOM   375  O  OD2 . ASP A 1 47  ? -24.200 4.397   -4.163  1.00 29.01  ? 47  ASP A OD2 1 
ATOM   376  N  N   . LYS A 1 48  ? -21.458 0.029   -4.416  1.00 16.86  ? 48  LYS A N   1 
ATOM   377  C  CA  . LYS A 1 48  ? -21.222 -1.396  -4.775  1.00 12.49  ? 48  LYS A CA  1 
ATOM   378  C  C   . LYS A 1 48  ? -20.307 -2.111  -3.710  1.00 17.48  ? 48  LYS A C   1 
ATOM   379  O  O   . LYS A 1 48  ? -20.499 -3.264  -3.289  1.00 19.23  ? 48  LYS A O   1 
ATOM   380  C  CB  . LYS A 1 48  ? -20.542 -1.477  -6.179  1.00 13.48  ? 48  LYS A CB  1 
ATOM   381  C  CG  . LYS A 1 48  ? -20.033 -2.855  -6.570  1.00 13.96  ? 48  LYS A CG  1 
ATOM   382  C  CD  . LYS A 1 48  ? -19.897 -2.987  -8.066  1.00 20.44  ? 48  LYS A CD  1 
ATOM   383  C  CE  . LYS A 1 48  ? -18.924 -2.047  -8.718  1.00 10.25  ? 48  LYS A CE  1 
ATOM   384  N  NZ  . LYS A 1 48  ? -17.569 -2.567  -8.490  1.00 13.93  ? 48  LYS A NZ  1 
ATOM   385  N  N   . ALA A 1 49  ? -19.258 -1.393  -3.282  1.00 16.03  ? 49  ALA A N   1 
ATOM   386  C  CA  . ALA A 1 49  ? -18.332 -1.948  -2.342  1.00 28.09  ? 49  ALA A CA  1 
ATOM   387  C  C   . ALA A 1 49  ? -18.922 -2.129  -0.964  1.00 23.70  ? 49  ALA A C   1 
ATOM   388  O  O   . ALA A 1 49  ? -18.628 -3.105  -0.309  1.00 13.73  ? 49  ALA A O   1 
ATOM   389  C  CB  . ALA A 1 49  ? -17.077 -1.089  -2.210  1.00 14.26  ? 49  ALA A CB  1 
ATOM   390  N  N   . ILE A 1 50  ? -19.757 -1.202  -0.529  1.00 15.68  ? 50  ILE A N   1 
ATOM   391  C  CA  . ILE A 1 50  ? -20.350 -1.255  0.812   1.00 16.81  ? 50  ILE A CA  1 
ATOM   392  C  C   . ILE A 1 50  ? -21.632 -2.043  0.885   1.00 19.35  ? 50  ILE A C   1 
ATOM   393  O  O   . ILE A 1 50  ? -22.036 -2.651  1.902   1.00 25.14  ? 50  ILE A O   1 
ATOM   394  C  CB  . ILE A 1 50  ? -20.647 0.189   1.249   1.00 23.74  ? 50  ILE A CB  1 
ATOM   395  C  CG1 . ILE A 1 50  ? -19.293 0.894   1.326   1.00 22.44  ? 50  ILE A CG1 1 
ATOM   396  C  CG2 . ILE A 1 50  ? -21.345 0.183   2.597   1.00 17.06  ? 50  ILE A CG2 1 
ATOM   397  C  CD1 . ILE A 1 50  ? -18.369 0.309   2.409   1.00 12.41  ? 50  ILE A CD1 1 
ATOM   398  N  N   . GLY A 1 51  ? -22.318 -2.019  -0.212  1.00 18.88  ? 51  GLY A N   1 
ATOM   399  C  CA  . GLY A 1 51  ? -23.549 -2.793  -0.201  1.00 21.66  ? 51  GLY A CA  1 
ATOM   400  C  C   . GLY A 1 51  ? -24.752 -1.952  0.238   1.00 30.45  ? 51  GLY A C   1 
ATOM   401  O  O   . GLY A 1 51  ? -25.668 -2.423  0.918   1.00 37.62  ? 51  GLY A O   1 
ATOM   402  N  N   . ARG A 1 52  ? -24.714 -0.666  -0.098  1.00 29.86  ? 52  ARG A N   1 
ATOM   403  C  CA  . ARG A 1 52  ? -25.768 0.254   0.295   1.00 26.43  ? 52  ARG A CA  1 
ATOM   404  C  C   . ARG A 1 52  ? -25.489 1.602   -0.266  1.00 25.74  ? 52  ARG A C   1 
ATOM   405  O  O   . ARG A 1 52  ? -24.376 1.866   -0.784  1.00 21.29  ? 52  ARG A O   1 
ATOM   406  C  CB  . ARG A 1 52  ? -25.980 0.399   1.789   1.00 21.73  ? 52  ARG A CB  1 
ATOM   407  C  CG  . ARG A 1 52  ? -25.095 1.432   2.453   1.00 27.14  ? 52  ARG A CG  1 
ATOM   408  C  CD  . ARG A 1 52  ? -25.025 1.216   3.979   1.00 19.61  ? 52  ARG A CD  1 
ATOM   409  N  NE  . ARG A 1 52  ? -24.045 2.083   4.632   1.00 25.11  ? 52  ARG A NE  1 
ATOM   410  C  CZ  . ARG A 1 52  ? -24.043 3.419   4.662   1.00 28.42  ? 52  ARG A CZ  1 
ATOM   411  N  NH1 . ARG A 1 52  ? -25.034 4.146   4.164   1.00 40.38  ? 52  ARG A NH1 1 
ATOM   412  N  NH2 . ARG A 1 52  ? -23.020 4.060   5.224   1.00 30.88  ? 52  ARG A NH2 1 
ATOM   413  N  N   . ASN A 1 53  ? -26.555 2.389   -0.223  1.00 26.29  ? 53  ASN A N   1 
ATOM   414  C  CA  . ASN A 1 53  ? -26.489 3.753   -0.770  1.00 40.38  ? 53  ASN A CA  1 
ATOM   415  C  C   . ASN A 1 53  ? -25.788 4.620   0.274   1.00 31.12  ? 53  ASN A C   1 
ATOM   416  O  O   . ASN A 1 53  ? -26.337 4.903   1.372   1.00 30.08  ? 53  ASN A O   1 
ATOM   417  C  CB  . ASN A 1 53  ? -27.870 4.293   -1.270  1.00 69.22  ? 53  ASN A CB  1 
ATOM   418  C  CG  . ASN A 1 53  ? -28.350 3.761   -2.619  1.00 100.00 ? 53  ASN A CG  1 
ATOM   419  O  OD1 . ASN A 1 53  ? -28.346 2.527   -2.873  1.00 100.00 ? 53  ASN A OD1 1 
ATOM   420  N  ND2 . ASN A 1 53  ? -28.803 4.700   -3.473  1.00 100.00 ? 53  ASN A ND2 1 
ATOM   421  N  N   . CYS A 1 54  ? -24.531 4.965   -0.034  1.00 23.61  ? 54  CYS A N   1 
ATOM   422  C  CA  . CYS A 1 54  ? -23.705 5.691   0.914   1.00 29.19  ? 54  CYS A CA  1 
ATOM   423  C  C   . CYS A 1 54  ? -23.799 7.200   0.760   1.00 28.25  ? 54  CYS A C   1 
ATOM   424  O  O   . CYS A 1 54  ? -23.587 7.943   1.709   1.00 52.60  ? 54  CYS A O   1 
ATOM   425  C  CB  . CYS A 1 54  ? -22.233 5.213   0.785   1.00 24.93  ? 54  CYS A CB  1 
ATOM   426  S  SG  . CYS A 1 54  ? -22.177 3.467   1.321   1.00 33.02  ? 54  CYS A SG  1 
ATOM   427  N  N   . ASN A 1 55  ? -24.019 7.637   -0.469  1.00 27.29  ? 55  ASN A N   1 
ATOM   428  C  CA  . ASN A 1 55  ? -24.005 9.049   -0.681  1.00 42.52  ? 55  ASN A CA  1 
ATOM   429  C  C   . ASN A 1 55  ? -22.605 9.598   -0.315  1.00 48.06  ? 55  ASN A C   1 
ATOM   430  O  O   . ASN A 1 55  ? -22.489 10.645  0.340   1.00 50.37  ? 55  ASN A O   1 
ATOM   431  C  CB  . ASN A 1 55  ? -25.208 9.747   0.029   1.00 51.37  ? 55  ASN A CB  1 
ATOM   432  C  CG  . ASN A 1 55  ? -25.537 11.090  -0.627  1.00 100.00 ? 55  ASN A CG  1 
ATOM   433  O  OD1 . ASN A 1 55  ? -25.377 11.208  -1.890  1.00 37.18  ? 55  ASN A OD1 1 
ATOM   434  N  ND2 . ASN A 1 55  ? -25.935 12.082  0.225   1.00 36.01  ? 55  ASN A ND2 1 
ATOM   435  N  N   . GLY A 1 56  ? -21.531 8.888   -0.715  1.00 29.70  ? 56  GLY A N   1 
ATOM   436  C  CA  . GLY A 1 56  ? -20.152 9.360   -0.486  1.00 23.27  ? 56  GLY A CA  1 
ATOM   437  C  C   . GLY A 1 56  ? -19.682 9.362   0.952   1.00 24.52  ? 56  GLY A C   1 
ATOM   438  O  O   . GLY A 1 56  ? -18.619 9.861   1.229   1.00 24.91  ? 56  GLY A O   1 
ATOM   439  N  N   . VAL A 1 57  ? -20.453 8.809   1.878   1.00 18.41  ? 57  VAL A N   1 
ATOM   440  C  CA  . VAL A 1 57  ? -19.994 8.758   3.268   1.00 14.62  ? 57  VAL A CA  1 
ATOM   441  C  C   . VAL A 1 57  ? -20.085 7.371   3.903   1.00 25.66  ? 57  VAL A C   1 
ATOM   442  O  O   . VAL A 1 57  ? -21.108 6.701   3.738   1.00 23.50  ? 57  VAL A O   1 
ATOM   443  C  CB  . VAL A 1 57  ? -20.800 9.725   4.128   1.00 20.79  ? 57  VAL A CB  1 
ATOM   444  C  CG1 . VAL A 1 57  ? -20.320 9.621   5.569   1.00 23.68  ? 57  VAL A CG1 1 
ATOM   445  C  CG2 . VAL A 1 57  ? -20.737 11.074  3.428   1.00 28.22  ? 57  VAL A CG2 1 
ATOM   446  N  N   . ILE A 1 58  ? -19.082 6.952   4.697   1.00 19.59  ? 58  ILE A N   1 
ATOM   447  C  CA  . ILE A 1 58  ? -19.172 5.630   5.293   1.00 17.53  ? 58  ILE A CA  1 
ATOM   448  C  C   . ILE A 1 58  ? -18.902 5.759   6.766   1.00 25.04  ? 58  ILE A C   1 
ATOM   449  O  O   . ILE A 1 58  ? -18.576 6.859   7.251   1.00 15.94  ? 58  ILE A O   1 
ATOM   450  C  CB  . ILE A 1 58  ? -18.172 4.648   4.660   1.00 28.06  ? 58  ILE A CB  1 
ATOM   451  C  CG1 . ILE A 1 58  ? -16.733 5.186   4.808   1.00 16.85  ? 58  ILE A CG1 1 
ATOM   452  C  CG2 . ILE A 1 58  ? -18.450 4.391   3.158   1.00 15.41  ? 58  ILE A CG2 1 
ATOM   453  C  CD1 . ILE A 1 58  ? -15.722 4.137   4.359   1.00 13.53  ? 58  ILE A CD1 1 
ATOM   454  N  N   . THR A 1 59  ? -19.078 4.646   7.469   1.00 18.84  ? 59  THR A N   1 
ATOM   455  C  CA  . THR A 1 59  ? -18.804 4.608   8.893   1.00 28.73  ? 59  THR A CA  1 
ATOM   456  C  C   . THR A 1 59  ? -17.379 4.074   9.133   1.00 33.09  ? 59  THR A C   1 
ATOM   457  O  O   . THR A 1 59  ? -16.791 3.483   8.242   1.00 23.40  ? 59  THR A O   1 
ATOM   458  C  CB  . THR A 1 59  ? -19.896 3.750   9.578   1.00 28.31  ? 59  THR A CB  1 
ATOM   459  O  OG1 . THR A 1 59  ? -19.576 2.400   9.384   1.00 29.39  ? 59  THR A OG1 1 
ATOM   460  C  CG2 . THR A 1 59  ? -21.341 3.998   9.093   1.00 29.06  ? 59  THR A CG2 1 
ATOM   461  N  N   . LYS A 1 60  ? -16.833 4.243   10.330  1.00 23.86  ? 60  LYS A N   1 
ATOM   462  C  CA  . LYS A 1 60  ? -15.519 3.748   10.701  1.00 18.84  ? 60  LYS A CA  1 
ATOM   463  C  C   . LYS A 1 60  ? -15.415 2.232   10.550  1.00 17.81  ? 60  LYS A C   1 
ATOM   464  O  O   . LYS A 1 60  ? -14.418 1.624   10.109  1.00 18.53  ? 60  LYS A O   1 
ATOM   465  C  CB  . LYS A 1 60  ? -15.254 4.147   12.167  1.00 22.15  ? 60  LYS A CB  1 
ATOM   466  C  CG  . LYS A 1 60  ? -13.755 4.226   12.524  1.00 38.06  ? 60  LYS A CG  1 
ATOM   467  C  CD  . LYS A 1 60  ? -13.454 3.968   13.995  1.00 73.00  ? 60  LYS A CD  1 
ATOM   468  C  CE  . LYS A 1 60  ? -12.063 4.422   14.413  1.00 89.91  ? 60  LYS A CE  1 
ATOM   469  N  NZ  . LYS A 1 60  ? -12.071 5.328   15.576  1.00 100.00 ? 60  LYS A NZ  1 
ATOM   470  N  N   . ASP A 1 61  ? -16.473 1.572   10.959  1.00 27.05  ? 61  ASP A N   1 
ATOM   471  C  CA  . ASP A 1 61  ? -16.489 0.104   10.877  1.00 22.89  ? 61  ASP A CA  1 
ATOM   472  C  C   . ASP A 1 61  ? -16.464 -0.323  9.439   1.00 23.96  ? 61  ASP A C   1 
ATOM   473  O  O   . ASP A 1 61  ? -15.803 -1.302  9.102   1.00 20.31  ? 61  ASP A O   1 
ATOM   474  C  CB  . ASP A 1 61  ? -17.651 -0.515  11.682  1.00 39.21  ? 61  ASP A CB  1 
ATOM   475  C  CG  . ASP A 1 61  ? -17.611 0.043   13.091  1.00 100.00 ? 61  ASP A CG  1 
ATOM   476  O  OD1 . ASP A 1 61  ? -16.871 -0.381  13.986  1.00 88.20  ? 61  ASP A OD1 1 
ATOM   477  O  OD2 . ASP A 1 61  ? -18.354 1.128   13.203  1.00 100.00 ? 61  ASP A OD2 1 
ATOM   478  N  N   . GLU A 1 62  ? -17.170 0.452   8.606   1.00 20.32  ? 62  GLU A N   1 
ATOM   479  C  CA  . GLU A 1 62  ? -17.246 0.216   7.164   1.00 16.58  ? 62  GLU A CA  1 
ATOM   480  C  C   . GLU A 1 62  ? -15.850 0.394   6.596   1.00 22.68  ? 62  GLU A C   1 
ATOM   481  O  O   . GLU A 1 62  ? -15.369 -0.416  5.823   1.00 15.45  ? 62  GLU A O   1 
ATOM   482  C  CB  . GLU A 1 62  ? -18.255 1.222   6.582   1.00 18.49  ? 62  GLU A CB  1 
ATOM   483  C  CG  . GLU A 1 62  ? -19.655 0.597   6.719   1.00 32.19  ? 62  GLU A CG  1 
ATOM   484  C  CD  . GLU A 1 62  ? -20.736 1.461   6.208   1.00 25.44  ? 62  GLU A CD  1 
ATOM   485  O  OE1 . GLU A 1 62  ? -20.505 2.608   5.872   1.00 24.61  ? 62  GLU A OE1 1 
ATOM   486  O  OE2 . GLU A 1 62  ? -21.882 0.829   6.125   1.00 23.03  ? 62  GLU A OE2 1 
ATOM   487  N  N   . ALA A 1 63  ? -15.201 1.482   7.055   1.00 15.64  ? 63  ALA A N   1 
ATOM   488  C  CA  . ALA A 1 63  ? -13.862 1.759   6.601   1.00 14.52  ? 63  ALA A CA  1 
ATOM   489  C  C   . ALA A 1 63  ? -12.920 0.654   7.025   1.00 22.84  ? 63  ALA A C   1 
ATOM   490  O  O   . ALA A 1 63  ? -12.068 0.272   6.231   1.00 20.85  ? 63  ALA A O   1 
ATOM   491  C  CB  . ALA A 1 63  ? -13.284 2.990   7.230   1.00 18.30  ? 63  ALA A CB  1 
ATOM   492  N  N   . GLU A 1 64  ? -13.083 0.140   8.273   1.00 16.43  ? 64  GLU A N   1 
ATOM   493  C  CA  . GLU A 1 64  ? -12.221 -0.882  8.779   1.00 17.62  ? 64  GLU A CA  1 
ATOM   494  C  C   . GLU A 1 64  ? -12.457 -2.195  8.071   1.00 17.24  ? 64  GLU A C   1 
ATOM   495  O  O   . GLU A 1 64  ? -11.581 -3.042  7.903   1.00 17.93  ? 64  GLU A O   1 
ATOM   496  C  CB  . GLU A 1 64  ? -12.352 -0.931  10.286  1.00 14.13  ? 64  GLU A CB  1 
ATOM   497  C  CG  . GLU A 1 64  ? -11.395 0.114   10.873  1.00 27.24  ? 64  GLU A CG  1 
ATOM   498  C  CD  . GLU A 1 64  ? -11.761 0.458   12.269  1.00 41.94  ? 64  GLU A CD  1 
ATOM   499  O  OE1 . GLU A 1 64  ? -12.659 -0.118  12.900  1.00 41.89  ? 64  GLU A OE1 1 
ATOM   500  O  OE2 . GLU A 1 64  ? -11.044 1.459   12.696  1.00 53.30  ? 64  GLU A OE2 1 
ATOM   501  N  N   . LYS A 1 65  ? -13.660 -2.364  7.661   1.00 15.04  ? 65  LYS A N   1 
ATOM   502  C  CA  . LYS A 1 65  ? -13.959 -3.570  6.928   1.00 10.87  ? 65  LYS A CA  1 
ATOM   503  C  C   . LYS A 1 65  ? -13.289 -3.558  5.558   1.00 28.20  ? 65  LYS A C   1 
ATOM   504  O  O   . LYS A 1 65  ? -12.665 -4.555  5.120   1.00 20.50  ? 65  LYS A O   1 
ATOM   505  C  CB  . LYS A 1 65  ? -15.431 -3.781  6.635   1.00 21.01  ? 65  LYS A CB  1 
ATOM   506  C  CG  . LYS A 1 65  ? -15.683 -5.146  5.975   1.00 19.66  ? 65  LYS A CG  1 
ATOM   507  C  CD  . LYS A 1 65  ? -17.118 -5.707  6.123   1.00 45.59  ? 65  LYS A CD  1 
ATOM   508  C  CE  . LYS A 1 65  ? -17.216 -7.229  6.185   1.00 63.36  ? 65  LYS A CE  1 
ATOM   509  N  NZ  . LYS A 1 65  ? -18.549 -7.713  5.825   1.00 60.66  ? 65  LYS A NZ  1 
ATOM   510  N  N   . LEU A 1 66  ? -13.429 -2.437  4.861   1.00 16.42  ? 66  LEU A N   1 
ATOM   511  C  CA  . LEU A 1 66  ? -12.742 -2.322  3.559   1.00 11.66  ? 66  LEU A CA  1 
ATOM   512  C  C   . LEU A 1 66  ? -11.223 -2.561  3.747   1.00 14.60  ? 66  LEU A C   1 
ATOM   513  O  O   . LEU A 1 66  ? -10.552 -3.270  2.999   1.00 13.24  ? 66  LEU A O   1 
ATOM   514  C  CB  . LEU A 1 66  ? -12.777 -0.910  2.904   1.00 12.15  ? 66  LEU A CB  1 
ATOM   515  C  CG  . LEU A 1 66  ? -14.207 -0.599  2.458   1.00 23.51  ? 66  LEU A CG  1 
ATOM   516  C  CD1 . LEU A 1 66  ? -14.285 0.867   2.057   1.00 19.39  ? 66  LEU A CD1 1 
ATOM   517  C  CD2 . LEU A 1 66  ? -14.560 -1.500  1.275   1.00 10.36  ? 66  LEU A CD2 1 
ATOM   518  N  N   . PHE A 1 67  ? -10.689 -2.022  4.807   1.00 11.53  ? 67  PHE A N   1 
ATOM   519  C  CA  . PHE A 1 67  ? -9.238  -2.158  5.068   1.00 7.64   ? 67  PHE A CA  1 
ATOM   520  C  C   . PHE A 1 67  ? -8.744  -3.589  5.247   1.00 21.12  ? 67  PHE A C   1 
ATOM   521  O  O   . PHE A 1 67  ? -7.708  -4.039  4.733   1.00 14.04  ? 67  PHE A O   1 
ATOM   522  C  CB  . PHE A 1 67  ? -9.005  -1.291  6.315   1.00 8.16   ? 67  PHE A CB  1 
ATOM   523  C  CG  . PHE A 1 67  ? -7.531  -1.110  6.729   1.00 16.61  ? 67  PHE A CG  1 
ATOM   524  C  CD1 . PHE A 1 67  ? -6.512  -1.041  5.772   1.00 18.70  ? 67  PHE A CD1 1 
ATOM   525  C  CD2 . PHE A 1 67  ? -7.190  -0.926  8.079   1.00 15.26  ? 67  PHE A CD2 1 
ATOM   526  C  CE1 . PHE A 1 67  ? -5.199  -0.794  6.177   1.00 14.41  ? 67  PHE A CE1 1 
ATOM   527  C  CE2 . PHE A 1 67  ? -5.892  -0.645  8.525   1.00 16.39  ? 67  PHE A CE2 1 
ATOM   528  C  CZ  . PHE A 1 67  ? -4.899  -0.622  7.538   1.00 18.50  ? 67  PHE A CZ  1 
ATOM   529  N  N   . ASN A 1 68  ? -9.522  -4.320  5.994   1.00 16.87  ? 68  ASN A N   1 
ATOM   530  C  CA  . ASN A 1 68  ? -9.204  -5.701  6.201   1.00 13.01  ? 68  ASN A CA  1 
ATOM   531  C  C   . ASN A 1 68  ? -9.208  -6.462  4.910   1.00 16.81  ? 68  ASN A C   1 
ATOM   532  O  O   . ASN A 1 68  ? -8.382  -7.298  4.615   1.00 14.68  ? 68  ASN A O   1 
ATOM   533  C  CB  . ASN A 1 68  ? -10.295 -6.315  7.076   1.00 19.27  ? 68  ASN A CB  1 
ATOM   534  C  CG  . ASN A 1 68  ? -10.044 -6.037  8.567   1.00 24.62  ? 68  ASN A CG  1 
ATOM   535  O  OD1 . ASN A 1 68  ? -8.892  -6.021  9.007   1.00 28.77  ? 68  ASN A OD1 1 
ATOM   536  N  ND2 . ASN A 1 68  ? -11.095 -5.821  9.386   1.00 24.80  ? 68  ASN A ND2 1 
ATOM   537  N  N   . GLN A 1 69  ? -10.237 -6.223  4.153   1.00 10.49  ? 69  GLN A N   1 
ATOM   538  C  CA  . GLN A 1 69  ? -10.284 -6.960  2.931   1.00 7.48   ? 69  GLN A CA  1 
ATOM   539  C  C   . GLN A 1 69  ? -9.161  -6.500  2.056   1.00 6.85   ? 69  GLN A C   1 
ATOM   540  O  O   . GLN A 1 69  ? -8.630  -7.240  1.267   1.00 16.52  ? 69  GLN A O   1 
ATOM   541  C  CB  . GLN A 1 69  ? -11.532 -6.583  2.115   1.00 9.48   ? 69  GLN A CB  1 
ATOM   542  C  CG  . GLN A 1 69  ? -12.823 -6.971  2.876   1.00 16.00  ? 69  GLN A CG  1 
ATOM   543  C  CD  . GLN A 1 69  ? -14.139 -6.489  2.204   1.00 24.39  ? 69  GLN A CD  1 
ATOM   544  O  OE1 . GLN A 1 69  ? -15.261 -6.910  2.528   1.00 20.40  ? 69  GLN A OE1 1 
ATOM   545  N  NE2 . GLN A 1 69  ? -14.022 -5.636  1.204   1.00 21.29  ? 69  GLN A NE2 1 
ATOM   546  N  N   . ASP A 1 70  ? -8.742  -5.243  2.174   1.00 12.40  ? 70  ASP A N   1 
ATOM   547  C  CA  . ASP A 1 70  ? -7.662  -4.797  1.279   1.00 10.86  ? 70  ASP A CA  1 
ATOM   548  C  C   . ASP A 1 70  ? -6.262  -5.340  1.624   1.00 11.57  ? 70  ASP A C   1 
ATOM   549  O  O   . ASP A 1 70  ? -5.449  -5.593  0.735   1.00 12.34  ? 70  ASP A O   1 
ATOM   550  C  CB  . ASP A 1 70  ? -7.554  -3.253  1.214   1.00 10.85  ? 70  ASP A CB  1 
ATOM   551  C  CG  . ASP A 1 70  ? -8.662  -2.620  0.384   1.00 23.78  ? 70  ASP A CG  1 
ATOM   552  O  OD1 . ASP A 1 70  ? -9.330  -3.251  -0.395  1.00 20.41  ? 70  ASP A OD1 1 
ATOM   553  O  OD2 . ASP A 1 70  ? -8.891  -1.360  0.663   1.00 15.62  ? 70  ASP A OD2 1 
ATOM   554  N  N   . VAL A 1 71  ? -6.025  -5.525  2.926   1.00 12.18  ? 71  VAL A N   1 
ATOM   555  C  CA  . VAL A 1 71  ? -4.744  -6.015  3.354   1.00 16.93  ? 71  VAL A CA  1 
ATOM   556  C  C   . VAL A 1 71  ? -4.701  -7.423  2.905   1.00 13.77  ? 71  VAL A C   1 
ATOM   557  O  O   . VAL A 1 71  ? -3.740  -7.967  2.378   1.00 16.22  ? 71  VAL A O   1 
ATOM   558  C  CB  . VAL A 1 71  ? -4.601  -5.921  4.889   1.00 18.50  ? 71  VAL A CB  1 
ATOM   559  C  CG1 . VAL A 1 71  ? -3.428  -6.784  5.346   1.00 12.06  ? 71  VAL A CG1 1 
ATOM   560  C  CG2 . VAL A 1 71  ? -4.289  -4.485  5.373   1.00 13.54  ? 71  VAL A CG2 1 
ATOM   561  N  N   . ASP A 1 72  ? -5.797  -8.068  3.148   1.00 14.52  ? 72  ASP A N   1 
ATOM   562  C  CA  . ASP A 1 72  ? -5.850  -9.441  2.731   1.00 10.95  ? 72  ASP A CA  1 
ATOM   563  C  C   . ASP A 1 72  ? -5.584  -9.697  1.258   1.00 18.13  ? 72  ASP A C   1 
ATOM   564  O  O   . ASP A 1 72  ? -4.791  -10.584 0.823   1.00 18.26  ? 72  ASP A O   1 
ATOM   565  C  CB  . ASP A 1 72  ? -7.224  -10.008 3.002   1.00 19.62  ? 72  ASP A CB  1 
ATOM   566  C  CG  . ASP A 1 72  ? -7.099  -11.435 3.352   1.00 39.13  ? 72  ASP A CG  1 
ATOM   567  O  OD1 . ASP A 1 72  ? -6.264  -11.827 4.143   1.00 100.00 ? 72  ASP A OD1 1 
ATOM   568  O  OD2 . ASP A 1 72  ? -7.954  -12.164 2.722   1.00 28.75  ? 72  ASP A OD2 1 
ATOM   569  N  N   . ALA A 1 73  ? -6.250  -8.885  0.464   1.00 14.61  ? 73  ALA A N   1 
ATOM   570  C  CA  . ALA A 1 73  ? -6.095  -9.020  -0.951  1.00 16.07  ? 73  ALA A CA  1 
ATOM   571  C  C   . ALA A 1 73  ? -4.653  -8.802  -1.355  1.00 24.22  ? 73  ALA A C   1 
ATOM   572  O  O   . ALA A 1 73  ? -4.103  -9.487  -2.212  1.00 25.15  ? 73  ALA A O   1 
ATOM   573  C  CB  . ALA A 1 73  ? -6.915  -7.937  -1.647  1.00 19.64  ? 73  ALA A CB  1 
ATOM   574  N  N   . ALA A 1 74  ? -4.041  -7.798  -0.735  1.00 22.02  ? 74  ALA A N   1 
ATOM   575  C  CA  . ALA A 1 74  ? -2.647  -7.516  -1.066  1.00 24.96  ? 74  ALA A CA  1 
ATOM   576  C  C   . ALA A 1 74  ? -1.705  -8.716  -0.832  1.00 15.57  ? 74  ALA A C   1 
ATOM   577  O  O   . ALA A 1 74  ? -0.911  -9.051  -1.682  1.00 25.88  ? 74  ALA A O   1 
ATOM   578  C  CB  . ALA A 1 74  ? -2.019  -6.306  -0.321  1.00 17.83  ? 74  ALA A CB  1 
ATOM   579  N  N   . VAL A 1 75  ? -1.780  -9.267  0.376   1.00 21.96  ? 75  VAL A N   1 
ATOM   580  C  CA  . VAL A 1 75  ? -0.927  -10.372 0.719   1.00 25.80  ? 75  VAL A CA  1 
ATOM   581  C  C   . VAL A 1 75  ? -1.113  -11.522 -0.275  1.00 30.81  ? 75  VAL A C   1 
ATOM   582  O  O   . VAL A 1 75  ? -0.148  -12.172 -0.801  1.00 26.32  ? 75  VAL A O   1 
ATOM   583  C  CB  . VAL A 1 75  ? -1.336  -10.909 2.093   1.00 24.20  ? 75  VAL A CB  1 
ATOM   584  C  CG1 . VAL A 1 75  ? -0.336  -11.972 2.577   1.00 23.56  ? 75  VAL A CG1 1 
ATOM   585  C  CG2 . VAL A 1 75  ? -1.196  -9.783  3.079   1.00 18.06  ? 75  VAL A CG2 1 
ATOM   586  N  N   . ARG A 1 76  ? -2.389  -11.725 -0.530  1.00 16.29  ? 76  ARG A N   1 
ATOM   587  C  CA  . ARG A 1 76  ? -2.768  -12.796 -1.399  1.00 21.76  ? 76  ARG A CA  1 
ATOM   588  C  C   . ARG A 1 76  ? -2.265  -12.487 -2.760  1.00 13.75  ? 76  ARG A C   1 
ATOM   589  O  O   . ARG A 1 76  ? -1.710  -13.341 -3.450  1.00 27.42  ? 76  ARG A O   1 
ATOM   590  C  CB  . ARG A 1 76  ? -4.251  -13.066 -1.276  1.00 24.90  ? 76  ARG A CB  1 
ATOM   591  C  CG  . ARG A 1 76  ? -4.504  -14.218 -0.332  1.00 40.71  ? 76  ARG A CG  1 
ATOM   592  C  CD  . ARG A 1 76  ? -5.983  -14.287 -0.029  1.00 55.20  ? 76  ARG A CD  1 
ATOM   593  N  NE  . ARG A 1 76  ? -6.313  -15.475 0.730   1.00 100.00 ? 76  ARG A NE  1 
ATOM   594  C  CZ  . ARG A 1 76  ? -7.516  -16.041 0.712   1.00 100.00 ? 76  ARG A CZ  1 
ATOM   595  N  NH1 . ARG A 1 76  ? -8.513  -15.541 -0.013  1.00 100.00 ? 76  ARG A NH1 1 
ATOM   596  N  NH2 . ARG A 1 76  ? -7.728  -17.140 1.449   1.00 100.00 ? 76  ARG A NH2 1 
ATOM   597  N  N   . GLY A 1 77  ? -2.378  -11.233 -3.160  1.00 14.74  ? 77  GLY A N   1 
ATOM   598  C  CA  . GLY A 1 77  ? -1.827  -10.869 -4.464  1.00 15.22  ? 77  GLY A CA  1 
ATOM   599  C  C   . GLY A 1 77  ? -0.305  -11.197 -4.487  1.00 38.58  ? 77  GLY A C   1 
ATOM   600  O  O   . GLY A 1 77  ? 0.291   -11.699 -5.423  1.00 25.02  ? 77  GLY A O   1 
ATOM   601  N  N   . ILE A 1 78  ? 0.370   -10.993 -3.398  1.00 20.49  ? 78  ILE A N   1 
ATOM   602  C  CA  . ILE A 1 78  ? 1.791   -11.323 -3.380  1.00 15.94  ? 78  ILE A CA  1 
ATOM   603  C  C   . ILE A 1 78  ? 2.079   -12.780 -3.562  1.00 28.87  ? 78  ILE A C   1 
ATOM   604  O  O   . ILE A 1 78  ? 2.961   -13.204 -4.344  1.00 27.40  ? 78  ILE A O   1 
ATOM   605  C  CB  . ILE A 1 78  ? 2.436   -10.876 -2.021  1.00 14.84  ? 78  ILE A CB  1 
ATOM   606  C  CG1 . ILE A 1 78  ? 2.785   -9.375  -2.163  1.00 21.11  ? 78  ILE A CG1 1 
ATOM   607  C  CG2 . ILE A 1 78  ? 3.763   -11.640 -1.752  1.00 11.18  ? 78  ILE A CG2 1 
ATOM   608  C  CD1 . ILE A 1 78  ? 2.998   -8.644  -0.828  1.00 18.18  ? 78  ILE A CD1 1 
ATOM   609  N  N   . LEU A 1 79  ? 1.343   -13.572 -2.795  1.00 23.20  ? 79  LEU A N   1 
ATOM   610  C  CA  . LEU A 1 79  ? 1.621   -14.996 -2.782  1.00 16.44  ? 79  LEU A CA  1 
ATOM   611  C  C   . LEU A 1 79  ? 1.279   -15.671 -4.073  1.00 29.12  ? 79  LEU A C   1 
ATOM   612  O  O   . LEU A 1 79  ? 1.716   -16.759 -4.369  1.00 35.35  ? 79  LEU A O   1 
ATOM   613  C  CB  . LEU A 1 79  ? 1.018   -15.690 -1.537  1.00 23.72  ? 79  LEU A CB  1 
ATOM   614  C  CG  . LEU A 1 79  ? 1.419   -15.037 -0.202  1.00 30.90  ? 79  LEU A CG  1 
ATOM   615  C  CD1 . LEU A 1 79  ? 0.592   -15.688 0.896   1.00 21.11  ? 79  LEU A CD1 1 
ATOM   616  C  CD2 . LEU A 1 79  ? 2.879   -15.303 0.139   1.00 23.41  ? 79  LEU A CD2 1 
ATOM   617  N  N   . ARG A 1 80  ? 0.466   -14.985 -4.841  1.00 30.78  ? 80  ARG A N   1 
ATOM   618  C  CA  . ARG A 1 80  ? 0.000   -15.490 -6.111  1.00 35.93  ? 80  ARG A CA  1 
ATOM   619  C  C   . ARG A 1 80  ? 0.969   -15.075 -7.198  1.00 49.75  ? 80  ARG A C   1 
ATOM   620  O  O   . ARG A 1 80  ? 0.959   -15.634 -8.262  1.00 47.65  ? 80  ARG A O   1 
ATOM   621  C  CB  . ARG A 1 80  ? -1.527  -15.242 -6.366  1.00 47.53  ? 80  ARG A CB  1 
ATOM   622  C  CG  . ARG A 1 80  ? -2.501  -15.798 -5.270  1.00 100.00 ? 80  ARG A CG  1 
ATOM   623  C  CD  . ARG A 1 80  ? -3.926  -16.274 -5.695  1.00 100.00 ? 80  ARG A CD  1 
ATOM   624  N  NE  . ARG A 1 80  ? -4.793  -16.825 -4.595  1.00 100.00 ? 80  ARG A NE  1 
ATOM   625  C  CZ  . ARG A 1 80  ? -5.465  -18.035 -4.472  1.00 100.00 ? 80  ARG A CZ  1 
ATOM   626  N  NH1 . ARG A 1 80  ? -5.472  -19.066 -5.367  1.00 54.72  ? 80  ARG A NH1 1 
ATOM   627  N  NH2 . ARG A 1 80  ? -6.177  -18.221 -3.347  1.00 100.00 ? 80  ARG A NH2 1 
ATOM   628  N  N   . ASN A 1 81  ? 1.786   -14.063 -6.965  1.00 19.01  ? 81  ASN A N   1 
ATOM   629  C  CA  . ASN A 1 81  ? 2.750   -13.668 -7.959  1.00 16.14  ? 81  ASN A CA  1 
ATOM   630  C  C   . ASN A 1 81  ? 4.006   -14.560 -7.870  1.00 36.38  ? 81  ASN A C   1 
ATOM   631  O  O   . ASN A 1 81  ? 4.566   -14.836 -6.787  1.00 40.83  ? 81  ASN A O   1 
ATOM   632  C  CB  . ASN A 1 81  ? 2.791   -12.138 -7.985  1.00 21.83  ? 81  ASN A CB  1 
ATOM   633  C  CG  . ASN A 1 81  ? 3.596   -11.564 -9.134  1.00 31.62  ? 81  ASN A CG  1 
ATOM   634  O  OD1 . ASN A 1 81  ? 4.613   -12.124 -9.592  1.00 34.25  ? 81  ASN A OD1 1 
ATOM   635  N  ND2 . ASN A 1 81  ? 3.110   -10.444 -9.632  1.00 51.90  ? 81  ASN A ND2 1 
ATOM   636  N  N   . ALA A 1 82  ? 4.442   -15.073 -9.030  1.00 41.43  ? 82  ALA A N   1 
ATOM   637  C  CA  . ALA A 1 82  ? 5.624   -15.942 -9.129  1.00 46.58  ? 82  ALA A CA  1 
ATOM   638  C  C   . ALA A 1 82  ? 6.973   -15.192 -9.022  1.00 34.60  ? 82  ALA A C   1 
ATOM   639  O  O   . ALA A 1 82  ? 8.034   -15.715 -8.671  1.00 48.39  ? 82  ALA A O   1 
ATOM   640  C  CB  . ALA A 1 82  ? 5.635   -16.730 -10.443 1.00 41.92  ? 82  ALA A CB  1 
ATOM   641  N  N   . LYS A 1 83  ? 6.953   -13.943 -9.409  1.00 28.89  ? 83  LYS A N   1 
ATOM   642  C  CA  . LYS A 1 83  ? 8.132   -13.125 -9.338  1.00 50.33  ? 83  LYS A CA  1 
ATOM   643  C  C   . LYS A 1 83  ? 8.290   -12.639 -7.869  1.00 50.78  ? 83  LYS A C   1 
ATOM   644  O  O   . LYS A 1 83  ? 9.398   -12.563 -7.327  1.00 38.67  ? 83  LYS A O   1 
ATOM   645  C  CB  . LYS A 1 83  ? 8.037   -12.125 -10.492 1.00 62.32  ? 83  LYS A CB  1 
ATOM   646  C  CG  . LYS A 1 83  ? 9.291   -12.011 -11.344 1.00 100.00 ? 83  LYS A CG  1 
ATOM   647  C  CD  . LYS A 1 83  ? 9.469   -13.147 -12.337 1.00 100.00 ? 83  LYS A CD  1 
ATOM   648  C  CE  . LYS A 1 83  ? 10.851  -13.792 -12.220 1.00 100.00 ? 83  LYS A CE  1 
ATOM   649  N  NZ  . LYS A 1 83  ? 11.977  -12.826 -12.240 1.00 100.00 ? 83  LYS A NZ  1 
ATOM   650  N  N   . LEU A 1 84  ? 7.135   -12.360 -7.229  1.00 22.39  ? 84  LEU A N   1 
ATOM   651  C  CA  . LEU A 1 84  ? 6.987   -11.828 -5.878  1.00 17.29  ? 84  LEU A CA  1 
ATOM   652  C  C   . LEU A 1 84  ? 7.142   -12.778 -4.696  1.00 19.52  ? 84  LEU A C   1 
ATOM   653  O  O   . LEU A 1 84  ? 7.871   -12.512 -3.762  1.00 14.87  ? 84  LEU A O   1 
ATOM   654  C  CB  . LEU A 1 84  ? 5.568   -11.224 -5.682  1.00 14.79  ? 84  LEU A CB  1 
ATOM   655  C  CG  . LEU A 1 84  ? 5.325   -9.998  -6.553  1.00 31.51  ? 84  LEU A CG  1 
ATOM   656  C  CD1 . LEU A 1 84  ? 4.264   -9.086  -5.957  1.00 27.21  ? 84  LEU A CD1 1 
ATOM   657  C  CD2 . LEU A 1 84  ? 6.574   -9.124  -6.633  1.00 24.20  ? 84  LEU A CD2 1 
ATOM   658  N  N   . LYS A 1 85  ? 6.417   -13.865 -4.739  1.00 17.00  ? 85  LYS A N   1 
ATOM   659  C  CA  . LYS A 1 85  ? 6.392   -14.839 -3.664  1.00 13.61  ? 85  LYS A CA  1 
ATOM   660  C  C   . LYS A 1 85  ? 7.694   -15.232 -3.070  1.00 10.66  ? 85  LYS A C   1 
ATOM   661  O  O   . LYS A 1 85  ? 7.923   -15.294 -1.867  1.00 19.69  ? 85  LYS A O   1 
ATOM   662  C  CB  . LYS A 1 85  ? 5.663   -16.058 -4.152  1.00 15.26  ? 85  LYS A CB  1 
ATOM   663  C  CG  . LYS A 1 85  ? 5.247   -16.877 -2.943  1.00 24.83  ? 85  LYS A CG  1 
ATOM   664  C  CD  . LYS A 1 85  ? 4.606   -18.223 -3.287  1.00 29.25  ? 85  LYS A CD  1 
ATOM   665  C  CE  . LYS A 1 85  ? 4.735   -19.290 -2.182  1.00 27.36  ? 85  LYS A CE  1 
ATOM   666  N  NZ  . LYS A 1 85  ? 4.653   -18.809 -0.777  1.00 55.92  ? 85  LYS A NZ  1 
ATOM   667  N  N   . PRO A 1 86  ? 8.605   -15.561 -3.935  1.00 20.07  ? 86  PRO A N   1 
ATOM   668  C  CA  . PRO A 1 86  ? 9.921   -15.972 -3.505  1.00 44.59  ? 86  PRO A CA  1 
ATOM   669  C  C   . PRO A 1 86  ? 10.699  -14.863 -2.802  1.00 25.14  ? 86  PRO A C   1 
ATOM   670  O  O   . PRO A 1 86  ? 11.477  -15.135 -1.920  1.00 17.74  ? 86  PRO A O   1 
ATOM   671  C  CB  . PRO A 1 86  ? 10.629  -16.562 -4.727  1.00 29.52  ? 86  PRO A CB  1 
ATOM   672  C  CG  . PRO A 1 86  ? 9.734   -16.291 -5.906  1.00 38.92  ? 86  PRO A CG  1 
ATOM   673  C  CD  . PRO A 1 86  ? 8.458   -15.655 -5.375  1.00 24.67  ? 86  PRO A CD  1 
ATOM   674  N  N   . VAL A 1 87  ? 10.463  -13.631 -3.171  1.00 20.20  ? 87  VAL A N   1 
ATOM   675  C  CA  . VAL A 1 87  ? 11.141  -12.558 -2.490  1.00 16.75  ? 87  VAL A CA  1 
ATOM   676  C  C   . VAL A 1 87  ? 10.535  -12.417 -1.093  1.00 15.48  ? 87  VAL A C   1 
ATOM   677  O  O   . VAL A 1 87  ? 11.152  -12.300 -0.057  1.00 12.90  ? 87  VAL A O   1 
ATOM   678  C  CB  . VAL A 1 87  ? 11.125  -11.227 -3.318  1.00 13.84  ? 87  VAL A CB  1 
ATOM   679  C  CG1 . VAL A 1 87  ? 12.009  -10.224 -2.534  1.00 15.57  ? 87  VAL A CG1 1 
ATOM   680  C  CG2 . VAL A 1 87  ? 11.529  -11.458 -4.813  1.00 13.21  ? 87  VAL A CG2 1 
ATOM   681  N  N   . TYR A 1 88  ? 9.265   -12.355 -1.111  1.00 10.84  ? 88  TYR A N   1 
ATOM   682  C  CA  . TYR A 1 88  ? 8.541   -12.187 0.097   1.00 14.14  ? 88  TYR A CA  1 
ATOM   683  C  C   . TYR A 1 88  ? 8.866   -13.269 1.096   1.00 16.85  ? 88  TYR A C   1 
ATOM   684  O  O   . TYR A 1 88  ? 9.053   -13.059 2.275   1.00 18.56  ? 88  TYR A O   1 
ATOM   685  C  CB  . TYR A 1 88  ? 7.109   -12.427 -0.331  1.00 8.88   ? 88  TYR A CB  1 
ATOM   686  C  CG  . TYR A 1 88  ? 6.202   -12.142 0.822   1.00 13.56  ? 88  TYR A CG  1 
ATOM   687  C  CD1 . TYR A 1 88  ? 5.933   -10.829 1.201   1.00 14.82  ? 88  TYR A CD1 1 
ATOM   688  C  CD2 . TYR A 1 88  ? 5.679   -13.190 1.566   1.00 17.15  ? 88  TYR A CD2 1 
ATOM   689  C  CE1 . TYR A 1 88  ? 5.077   -10.554 2.261   1.00 11.55  ? 88  TYR A CE1 1 
ATOM   690  C  CE2 . TYR A 1 88  ? 4.851   -12.929 2.655   1.00 20.89  ? 88  TYR A CE2 1 
ATOM   691  C  CZ  . TYR A 1 88  ? 4.555   -11.608 3.001   1.00 27.74  ? 88  TYR A CZ  1 
ATOM   692  O  OH  . TYR A 1 88  ? 3.746   -11.327 4.072   1.00 27.21  ? 88  TYR A OH  1 
ATOM   693  N  N   . ASP A 1 89  ? 8.862   -14.494 0.644   1.00 12.55  ? 89  ASP A N   1 
ATOM   694  C  CA  . ASP A 1 89  ? 9.155   -15.593 1.605   1.00 9.49   ? 89  ASP A CA  1 
ATOM   695  C  C   . ASP A 1 89  ? 10.587  -15.580 2.097   1.00 16.35  ? 89  ASP A C   1 
ATOM   696  O  O   . ASP A 1 89  ? 10.899  -16.124 3.155   1.00 21.00  ? 89  ASP A O   1 
ATOM   697  C  CB  . ASP A 1 89  ? 9.030   -16.968 0.968   1.00 21.98  ? 89  ASP A CB  1 
ATOM   698  C  CG  . ASP A 1 89  ? 7.602   -17.376 0.729   1.00 27.06  ? 89  ASP A CG  1 
ATOM   699  O  OD1 . ASP A 1 89  ? 6.707   -16.707 1.127   1.00 18.58  ? 89  ASP A OD1 1 
ATOM   700  O  OD2 . ASP A 1 89  ? 7.469   -18.400 -0.060  1.00 21.31  ? 89  ASP A OD2 1 
ATOM   701  N  N   . SER A 1 90  ? 11.494  -14.916 1.379   1.00 11.30  ? 90  SER A N   1 
ATOM   702  C  CA  . SER A 1 90  ? 12.824  -14.858 1.914   1.00 9.96   ? 90  SER A CA  1 
ATOM   703  C  C   . SER A 1 90  ? 13.005  -13.807 3.003   1.00 11.33  ? 90  SER A C   1 
ATOM   704  O  O   . SER A 1 90  ? 14.045  -13.702 3.673   1.00 12.37  ? 90  SER A O   1 
ATOM   705  C  CB  . SER A 1 90  ? 13.854  -14.492 0.890   1.00 19.89  ? 90  SER A CB  1 
ATOM   706  O  OG  . SER A 1 90  ? 13.727  -13.158 0.465   1.00 11.93  ? 90  SER A OG  1 
ATOM   707  N  N   . LEU A 1 91  ? 12.061  -12.945 3.178   1.00 7.02   ? 91  LEU A N   1 
ATOM   708  C  CA  . LEU A 1 91  ? 12.265  -11.895 4.167   1.00 12.49  ? 91  LEU A CA  1 
ATOM   709  C  C   . LEU A 1 91  ? 11.793  -12.216 5.572   1.00 16.55  ? 91  LEU A C   1 
ATOM   710  O  O   . LEU A 1 91  ? 10.937  -13.088 5.756   1.00 20.85  ? 91  LEU A O   1 
ATOM   711  C  CB  . LEU A 1 91  ? 11.299  -10.735 3.819   1.00 5.90   ? 91  LEU A CB  1 
ATOM   712  C  CG  . LEU A 1 91  ? 11.554  -10.199 2.399   1.00 21.72  ? 91  LEU A CG  1 
ATOM   713  C  CD1 . LEU A 1 91  ? 10.414  -9.317  1.915   1.00 16.72  ? 91  LEU A CD1 1 
ATOM   714  C  CD2 . LEU A 1 91  ? 12.804  -9.334  2.464   1.00 11.14  ? 91  LEU A CD2 1 
ATOM   715  N  N   . ASP A 1 92  ? 12.266  -11.454 6.562   1.00 9.87   ? 92  ASP A N   1 
ATOM   716  C  CA  . ASP A 1 92  ? 11.811  -11.590 7.942   1.00 4.75   ? 92  ASP A CA  1 
ATOM   717  C  C   . ASP A 1 92  ? 10.478  -10.854 8.068   1.00 13.83  ? 92  ASP A C   1 
ATOM   718  O  O   . ASP A 1 92  ? 9.976   -10.165 7.155   1.00 14.34  ? 92  ASP A O   1 
ATOM   719  C  CB  . ASP A 1 92  ? 12.794  -10.924 8.851   1.00 9.77   ? 92  ASP A CB  1 
ATOM   720  C  CG  . ASP A 1 92  ? 13.017  -9.453  8.469   1.00 26.15  ? 92  ASP A CG  1 
ATOM   721  O  OD1 . ASP A 1 92  ? 12.471  -8.525  9.038   1.00 16.73  ? 92  ASP A OD1 1 
ATOM   722  O  OD2 . ASP A 1 92  ? 13.843  -9.262  7.429   1.00 18.33  ? 92  ASP A OD2 1 
ATOM   723  N  N   . ALA A 1 93  ? 9.900   -10.951 9.233   1.00 12.69  ? 93  ALA A N   1 
ATOM   724  C  CA  . ALA A 1 93  ? 8.576   -10.400 9.505   1.00 13.83  ? 93  ALA A CA  1 
ATOM   725  C  C   . ALA A 1 93  ? 8.382   -8.880  9.355   1.00 14.95  ? 93  ALA A C   1 
ATOM   726  O  O   . ALA A 1 93  ? 7.332   -8.477  8.822   1.00 22.78  ? 93  ALA A O   1 
ATOM   727  C  CB  . ALA A 1 93  ? 8.043   -10.969 10.831  1.00 14.99  ? 93  ALA A CB  1 
ATOM   728  N  N   . VAL A 1 94  ? 9.364   -8.049  9.770   1.00 15.73  ? 94  VAL A N   1 
ATOM   729  C  CA  . VAL A 1 94  ? 9.211   -6.635  9.593   1.00 11.67  ? 94  VAL A CA  1 
ATOM   730  C  C   . VAL A 1 94  ? 9.261   -6.245  8.121   1.00 14.48  ? 94  VAL A C   1 
ATOM   731  O  O   . VAL A 1 94  ? 8.408   -5.539  7.563   1.00 15.32  ? 94  VAL A O   1 
ATOM   732  C  CB  . VAL A 1 94  ? 10.262  -5.968  10.461  1.00 19.46  ? 94  VAL A CB  1 
ATOM   733  C  CG1 . VAL A 1 94  ? 10.077  -4.444  10.435  1.00 13.22  ? 94  VAL A CG1 1 
ATOM   734  C  CG2 . VAL A 1 94  ? 9.961   -6.373  11.893  1.00 13.07  ? 94  VAL A CG2 1 
ATOM   735  N  N   . ARG A 1 95  ? 10.313  -6.728  7.476   1.00 13.30  ? 95  ARG A N   1 
ATOM   736  C  CA  . ARG A 1 95  ? 10.497  -6.405  6.068   1.00 17.35  ? 95  ARG A CA  1 
ATOM   737  C  C   . ARG A 1 95  ? 9.291   -6.864  5.247   1.00 12.28  ? 95  ARG A C   1 
ATOM   738  O  O   . ARG A 1 95  ? 8.913   -6.246  4.244   1.00 19.81  ? 95  ARG A O   1 
ATOM   739  C  CB  . ARG A 1 95  ? 11.851  -6.982  5.505   1.00 8.33   ? 95  ARG A CB  1 
ATOM   740  C  CG  . ARG A 1 95  ? 13.038  -6.356  6.217   1.00 8.29   ? 95  ARG A CG  1 
ATOM   741  C  CD  . ARG A 1 95  ? 14.326  -6.609  5.466   1.00 12.18  ? 95  ARG A CD  1 
ATOM   742  N  NE  . ARG A 1 95  ? 15.446  -5.813  5.911   1.00 15.79  ? 95  ARG A NE  1 
ATOM   743  C  CZ  . ARG A 1 95  ? 16.265  -6.172  6.920   1.00 18.70  ? 95  ARG A CZ  1 
ATOM   744  N  NH1 . ARG A 1 95  ? 15.989  -7.264  7.659   1.00 14.12  ? 95  ARG A NH1 1 
ATOM   745  N  NH2 . ARG A 1 95  ? 17.310  -5.381  7.242   1.00 14.69  ? 95  ARG A NH2 1 
ATOM   746  N  N   . ARG A 1 96  ? 8.676   -8.006  5.647   1.00 12.90  ? 96  ARG A N   1 
ATOM   747  C  CA  . ARG A 1 96  ? 7.477   -8.425  4.961   1.00 14.50  ? 96  ARG A CA  1 
ATOM   748  C  C   . ARG A 1 96  ? 6.412   -7.347  5.130   1.00 11.98  ? 96  ARG A C   1 
ATOM   749  O  O   . ARG A 1 96  ? 5.642   -7.193  4.193   1.00 13.31  ? 96  ARG A O   1 
ATOM   750  C  CB  . ARG A 1 96  ? 6.875   -9.697  5.537   1.00 8.96   ? 96  ARG A CB  1 
ATOM   751  C  CG  . ARG A 1 96  ? 7.619   -10.911 4.963   1.00 8.74   ? 96  ARG A CG  1 
ATOM   752  C  CD  . ARG A 1 96  ? 7.024   -12.213 5.435   1.00 16.37  ? 96  ARG A CD  1 
ATOM   753  N  NE  . ARG A 1 96  ? 7.925   -13.271 5.000   1.00 21.54  ? 96  ARG A NE  1 
ATOM   754  C  CZ  . ARG A 1 96  ? 7.907   -14.478 5.505   1.00 29.09  ? 96  ARG A CZ  1 
ATOM   755  N  NH1 . ARG A 1 96  ? 7.011   -14.702 6.446   1.00 33.68  ? 96  ARG A NH1 1 
ATOM   756  N  NH2 . ARG A 1 96  ? 8.806   -15.452 5.119   1.00 15.57  ? 96  ARG A NH2 1 
ATOM   757  N  N   . CYS A 1 97  ? 6.391   -6.622  6.245   1.00 13.35  ? 97  CYS A N   1 
ATOM   758  C  CA  . CYS A 1 97  ? 5.358   -5.619  6.326   1.00 11.26  ? 97  CYS A CA  1 
ATOM   759  C  C   . CYS A 1 97  ? 5.614   -4.498  5.350   1.00 13.32  ? 97  CYS A C   1 
ATOM   760  O  O   . CYS A 1 97  ? 4.696   -3.886  4.786   1.00 11.50  ? 97  CYS A O   1 
ATOM   761  C  CB  . CYS A 1 97  ? 5.278   -4.913  7.662   1.00 17.11  ? 97  CYS A CB  1 
ATOM   762  S  SG  . CYS A 1 97  ? 4.597   -6.151  8.785   1.00 18.72  ? 97  CYS A SG  1 
ATOM   763  N  N   . ALA A 1 98  ? 6.855   -4.202  5.152   1.00 14.40  ? 98  ALA A N   1 
ATOM   764  C  CA  . ALA A 1 98  ? 7.219   -3.178  4.166   1.00 13.26  ? 98  ALA A CA  1 
ATOM   765  C  C   . ALA A 1 98  ? 6.856   -3.578  2.707   1.00 28.44  ? 98  ALA A C   1 
ATOM   766  O  O   . ALA A 1 98  ? 6.468   -2.733  1.909   1.00 14.99  ? 98  ALA A O   1 
ATOM   767  C  CB  . ALA A 1 98  ? 8.700   -2.912  4.259   1.00 14.72  ? 98  ALA A CB  1 
ATOM   768  N  N   . ALA A 1 99  ? 6.917   -4.880  2.331   1.00 10.77  ? 99  ALA A N   1 
ATOM   769  C  CA  . ALA A 1 99  ? 6.512   -5.379  1.009   1.00 15.09  ? 99  ALA A CA  1 
ATOM   770  C  C   . ALA A 1 99  ? 5.000   -5.210  0.841   1.00 13.22  ? 99  ALA A C   1 
ATOM   771  O  O   . ALA A 1 99  ? 4.499   -4.759  -0.177  1.00 12.48  ? 99  ALA A O   1 
ATOM   772  C  CB  . ALA A 1 99  ? 6.989   -6.863  0.767   1.00 9.44   ? 99  ALA A CB  1 
ATOM   773  N  N   . ILE A 1 100 ? 4.223   -5.558  1.881   1.00 11.74  ? 100 ILE A N   1 
ATOM   774  C  CA  . ILE A 1 100 ? 2.779   -5.425  1.833   1.00 14.01  ? 100 ILE A CA  1 
ATOM   775  C  C   . ILE A 1 100 ? 2.400   -3.950  1.641   1.00 16.89  ? 100 ILE A C   1 
ATOM   776  O  O   . ILE A 1 100 ? 1.489   -3.586  0.870   1.00 17.96  ? 100 ILE A O   1 
ATOM   777  C  CB  . ILE A 1 100 ? 2.122   -6.061  3.074   1.00 15.86  ? 100 ILE A CB  1 
ATOM   778  C  CG1 . ILE A 1 100 ? 2.427   -7.586  3.205   1.00 8.04   ? 100 ILE A CG1 1 
ATOM   779  C  CG2 . ILE A 1 100 ? 0.613   -5.805  3.071   1.00 10.61  ? 100 ILE A CG2 1 
ATOM   780  C  CD1 . ILE A 1 100 ? 2.158   -8.152  4.584   1.00 8.44   ? 100 ILE A CD1 1 
ATOM   781  N  N   . ASN A 1 101 ? 3.095   -3.043  2.350   1.00 9.64   ? 101 ASN A N   1 
ATOM   782  C  CA  . ASN A 1 101 ? 2.777   -1.632  2.245   1.00 9.31   ? 101 ASN A CA  1 
ATOM   783  C  C   . ASN A 1 101 ? 2.990   -1.109  0.849   1.00 9.85   ? 101 ASN A C   1 
ATOM   784  O  O   . ASN A 1 101 ? 2.127   -0.420  0.304   1.00 13.42  ? 101 ASN A O   1 
ATOM   785  C  CB  . ASN A 1 101 ? 3.730   -0.799  3.139   1.00 16.55  ? 101 ASN A CB  1 
ATOM   786  C  CG  . ASN A 1 101 ? 3.314   0.646   3.412   1.00 14.75  ? 101 ASN A CG  1 
ATOM   787  O  OD1 . ASN A 1 101 ? 3.096   1.372   2.444   1.00 18.22  ? 101 ASN A OD1 1 
ATOM   788  N  ND2 . ASN A 1 101 ? 3.299   1.075   4.682   1.00 10.54  ? 101 ASN A ND2 1 
ATOM   789  N  N   . GLN A 1 102 ? 4.122   -1.450  0.255   1.00 5.60   ? 102 GLN A N   1 
ATOM   790  C  CA  . GLN A 1 102 ? 4.337   -0.997  -1.114  1.00 14.06  ? 102 GLN A CA  1 
ATOM   791  C  C   . GLN A 1 102 ? 3.286   -1.555  -2.079  1.00 25.30  ? 102 GLN A C   1 
ATOM   792  O  O   . GLN A 1 102 ? 2.771   -0.909  -2.966  1.00 14.59  ? 102 GLN A O   1 
ATOM   793  C  CB  . GLN A 1 102 ? 5.752   -1.443  -1.514  1.00 15.81  ? 102 GLN A CB  1 
ATOM   794  C  CG  . GLN A 1 102 ? 6.306   -0.816  -2.785  1.00 20.69  ? 102 GLN A CG  1 
ATOM   795  C  CD  . GLN A 1 102 ? 7.775   -1.128  -3.006  1.00 27.39  ? 102 GLN A CD  1 
ATOM   796  O  OE1 . GLN A 1 102 ? 8.277   -2.191  -2.624  1.00 24.62  ? 102 GLN A OE1 1 
ATOM   797  N  NE2 . GLN A 1 102 ? 8.460   -0.199  -3.639  1.00 41.30  ? 102 GLN A NE2 1 
ATOM   798  N  N   . VAL A 1 103 ? 2.950   -2.821  -1.926  1.00 15.86  ? 103 VAL A N   1 
ATOM   799  C  CA  . VAL A 1 103 ? 1.958   -3.395  -2.808  1.00 15.81  ? 103 VAL A CA  1 
ATOM   800  C  C   . VAL A 1 103 ? 0.600   -2.769  -2.606  1.00 21.62  ? 103 VAL A C   1 
ATOM   801  O  O   . VAL A 1 103 ? -0.161  -2.605  -3.552  1.00 25.43  ? 103 VAL A O   1 
ATOM   802  C  CB  . VAL A 1 103 ? 1.746   -4.896  -2.559  1.00 15.11  ? 103 VAL A CB  1 
ATOM   803  C  CG1 . VAL A 1 103 ? 0.672   -5.472  -3.505  1.00 16.11  ? 103 VAL A CG1 1 
ATOM   804  C  CG2 . VAL A 1 103 ? 2.897   -5.661  -3.171  1.00 20.64  ? 103 VAL A CG2 1 
ATOM   805  N  N   . PHE A 1 104 ? 0.284   -2.473  -1.351  1.00 11.28  ? 104 PHE A N   1 
ATOM   806  C  CA  . PHE A 1 104 ? -0.999  -1.882  -1.030  1.00 13.01  ? 104 PHE A CA  1 
ATOM   807  C  C   . PHE A 1 104 ? -1.079  -0.525  -1.701  1.00 15.34  ? 104 PHE A C   1 
ATOM   808  O  O   . PHE A 1 104 ? -2.034  -0.175  -2.371  1.00 23.72  ? 104 PHE A O   1 
ATOM   809  C  CB  . PHE A 1 104 ? -1.030  -1.645  0.464   1.00 14.17  ? 104 PHE A CB  1 
ATOM   810  C  CG  . PHE A 1 104 ? -2.333  -1.116  0.942   1.00 8.51   ? 104 PHE A CG  1 
ATOM   811  C  CD1 . PHE A 1 104 ? -3.308  -1.950  1.496   1.00 10.76  ? 104 PHE A CD1 1 
ATOM   812  C  CD2 . PHE A 1 104 ? -2.537  0.255   1.012   1.00 10.23  ? 104 PHE A CD2 1 
ATOM   813  C  CE1 . PHE A 1 104 ? -4.472  -1.430  2.067   1.00 12.98  ? 104 PHE A CE1 1 
ATOM   814  C  CE2 . PHE A 1 104 ? -3.721  0.780   1.545   1.00 15.46  ? 104 PHE A CE2 1 
ATOM   815  C  CZ  . PHE A 1 104 ? -4.720  -0.050  2.062   1.00 12.11  ? 104 PHE A CZ  1 
ATOM   816  N  N   . GLN A 1 105 ? 0.027   0.187   -1.671  1.00 17.80  ? 105 GLN A N   1 
ATOM   817  C  CA  . GLN A 1 105 ? 0.038   1.477   -2.275  1.00 18.69  ? 105 GLN A CA  1 
ATOM   818  C  C   . GLN A 1 105 ? 0.019   1.464   -3.770  1.00 25.50  ? 105 GLN A C   1 
ATOM   819  O  O   . GLN A 1 105 ? -0.613  2.279   -4.416  1.00 18.10  ? 105 GLN A O   1 
ATOM   820  C  CB  . GLN A 1 105 ? 1.326   2.264   -1.895  1.00 17.49  ? 105 GLN A CB  1 
ATOM   821  C  CG  . GLN A 1 105 ? 1.257   3.747   -2.290  1.00 23.12  ? 105 GLN A CG  1 
ATOM   822  C  CD  . GLN A 1 105 ? 2.488   4.585   -1.977  1.00 22.79  ? 105 GLN A CD  1 
ATOM   823  O  OE1 . GLN A 1 105 ? 3.371   4.185   -1.230  1.00 18.48  ? 105 GLN A OE1 1 
ATOM   824  N  NE2 . GLN A 1 105 ? 2.495   5.822   -2.456  1.00 14.14  ? 105 GLN A NE2 1 
ATOM   825  N  N   . MET A 1 106 ? 0.808   0.602   -4.348  1.00 22.83  ? 106 MET A N   1 
ATOM   826  C  CA  . MET A 1 106 ? 0.942   0.700   -5.778  1.00 16.52  ? 106 MET A CA  1 
ATOM   827  C  C   . MET A 1 106 ? 0.378   -0.393  -6.606  1.00 20.12  ? 106 MET A C   1 
ATOM   828  O  O   . MET A 1 106 ? 0.410   -0.296  -7.842  1.00 30.89  ? 106 MET A O   1 
ATOM   829  C  CB  . MET A 1 106 ? 2.369   1.214   -6.164  1.00 22.09  ? 106 MET A CB  1 
ATOM   830  C  CG  . MET A 1 106 ? 3.629   0.358   -5.989  1.00 41.00  ? 106 MET A CG  1 
ATOM   831  S  SD  . MET A 1 106 ? 5.082   1.463   -5.995  1.00 42.82  ? 106 MET A SD  1 
ATOM   832  C  CE  . MET A 1 106 ? 6.471   0.402   -5.512  1.00 78.04  ? 106 MET A CE  1 
ATOM   833  N  N   . GLY A 1 107 ? -0.092  -1.435  -5.971  1.00 22.34  ? 107 GLY A N   1 
ATOM   834  C  CA  . GLY A 1 107 ? -0.533  -2.538  -6.754  1.00 24.55  ? 107 GLY A CA  1 
ATOM   835  C  C   . GLY A 1 107 ? 0.654   -3.415  -7.163  1.00 30.80  ? 107 GLY A C   1 
ATOM   836  O  O   . GLY A 1 107 ? 1.817   -2.973  -7.208  1.00 31.73  ? 107 GLY A O   1 
ATOM   837  N  N   . GLU A 1 108 ? 0.327   -4.677  -7.465  1.00 38.94  ? 108 GLU A N   1 
ATOM   838  C  CA  . GLU A 1 108 ? 1.284   -5.727  -7.792  1.00 50.86  ? 108 GLU A CA  1 
ATOM   839  C  C   . GLU A 1 108 ? 1.948   -5.451  -9.105  1.00 65.05  ? 108 GLU A C   1 
ATOM   840  O  O   . GLU A 1 108 ? 3.004   -5.995  -9.462  1.00 59.67  ? 108 GLU A O   1 
ATOM   841  C  CB  . GLU A 1 108 ? 0.754   -7.125  -7.410  1.00 52.04  ? 108 GLU A CB  1 
ATOM   842  C  CG  . GLU A 1 108 ? 0.438   -8.054  -8.583  1.00 78.95  ? 108 GLU A CG  1 
ATOM   843  C  CD  . GLU A 1 108 ? -0.455  -9.138  -8.070  1.00 100.00 ? 108 GLU A CD  1 
ATOM   844  O  OE1 . GLU A 1 108 ? -1.158  -8.962  -7.099  1.00 100.00 ? 108 GLU A OE1 1 
ATOM   845  O  OE2 . GLU A 1 108 ? -0.339  -10.281 -8.710  1.00 100.00 ? 108 GLU A OE2 1 
ATOM   846  N  N   . THR A 1 109 ? 1.277   -4.531  -9.760  1.00 62.24  ? 109 THR A N   1 
ATOM   847  C  CA  . THR A 1 109 ? 1.645   -4.009  -11.042 1.00 65.31  ? 109 THR A CA  1 
ATOM   848  C  C   . THR A 1 109 ? 2.755   -3.008  -10.886 1.00 80.75  ? 109 THR A C   1 
ATOM   849  O  O   . THR A 1 109 ? 3.832   -3.161  -11.448 1.00 100.00 ? 109 THR A O   1 
ATOM   850  C  CB  . THR A 1 109 ? 0.403   -3.383  -11.695 1.00 96.12  ? 109 THR A CB  1 
ATOM   851  O  OG1 . THR A 1 109 ? -0.194  -2.400  -10.849 1.00 100.00 ? 109 THR A OG1 1 
ATOM   852  C  CG2 . THR A 1 109 ? -0.458  -4.643  -11.755 1.00 100.00 ? 109 THR A CG2 1 
ATOM   853  N  N   . GLY A 1 110 ? 2.476   -1.986  -10.085 1.00 72.76  ? 110 GLY A N   1 
ATOM   854  C  CA  . GLY A 1 110 ? 3.430   -0.920  -9.858  1.00 56.71  ? 110 GLY A CA  1 
ATOM   855  C  C   . GLY A 1 110 ? 4.755   -1.467  -9.418  1.00 48.17  ? 110 GLY A C   1 
ATOM   856  O  O   . GLY A 1 110 ? 5.811   -0.982  -9.811  1.00 43.39  ? 110 GLY A O   1 
ATOM   857  N  N   . VAL A 1 111 ? 4.633   -2.504  -8.618  1.00 44.07  ? 111 VAL A N   1 
ATOM   858  C  CA  . VAL A 1 111 ? 5.726   -3.166  -7.987  1.00 35.64  ? 111 VAL A CA  1 
ATOM   859  C  C   . VAL A 1 111 ? 6.496   -4.078  -8.901  1.00 64.75  ? 111 VAL A C   1 
ATOM   860  O  O   . VAL A 1 111 ? 7.670   -4.344  -8.674  1.00 65.28  ? 111 VAL A O   1 
ATOM   861  C  CB  . VAL A 1 111 ? 5.143   -3.926  -6.831  1.00 41.48  ? 111 VAL A CB  1 
ATOM   862  C  CG1 . VAL A 1 111 ? 6.076   -5.072  -6.540  1.00 36.99  ? 111 VAL A CG1 1 
ATOM   863  C  CG2 . VAL A 1 111 ? 4.724   -2.929  -5.743  1.00 30.82  ? 111 VAL A CG2 1 
ATOM   864  N  N   . ALA A 1 112 ? 5.880   -4.543  -9.968  1.00 75.30  ? 112 ALA A N   1 
ATOM   865  C  CA  . ALA A 1 112 ? 6.620   -5.442  -10.851 1.00 96.77  ? 112 ALA A CA  1 
ATOM   866  C  C   . ALA A 1 112 ? 7.868   -4.783  -11.531 1.00 74.07  ? 112 ALA A C   1 
ATOM   867  O  O   . ALA A 1 112 ? 8.837   -5.479  -11.870 1.00 76.63  ? 112 ALA A O   1 
ATOM   868  C  CB  . ALA A 1 112 ? 5.641   -6.477  -11.408 1.00 100.00 ? 112 ALA A CB  1 
ATOM   869  N  N   . GLY A 1 113 ? 7.883   -3.434  -11.668 1.00 53.63  ? 113 GLY A N   1 
ATOM   870  C  CA  . GLY A 1 113 ? 8.995   -2.601  -12.202 1.00 43.38  ? 113 GLY A CA  1 
ATOM   871  C  C   . GLY A 1 113 ? 10.207  -2.382  -11.223 1.00 50.40  ? 113 GLY A C   1 
ATOM   872  O  O   . GLY A 1 113 ? 11.238  -1.767  -11.502 1.00 36.70  ? 113 GLY A O   1 
ATOM   873  N  N   . PHE A 1 114 ? 10.089  -2.913  -10.005 1.00 26.74  ? 114 PHE A N   1 
ATOM   874  C  CA  . PHE A 1 114 ? 11.130  -2.863  -9.011  1.00 11.93  ? 114 PHE A CA  1 
ATOM   875  C  C   . PHE A 1 114 ? 12.022  -4.082  -9.118  1.00 20.70  ? 114 PHE A C   1 
ATOM   876  O  O   . PHE A 1 114 ? 12.746  -4.434  -8.194  1.00 26.32  ? 114 PHE A O   1 
ATOM   877  C  CB  . PHE A 1 114 ? 10.476  -2.612  -7.633  1.00 21.91  ? 114 PHE A CB  1 
ATOM   878  C  CG  . PHE A 1 114 ? 10.123  -1.154  -7.369  1.00 31.73  ? 114 PHE A CG  1 
ATOM   879  C  CD1 . PHE A 1 114 ? 8.966   -0.615  -7.926  1.00 52.07  ? 114 PHE A CD1 1 
ATOM   880  C  CD2 . PHE A 1 114 ? 10.935  -0.295  -6.624  1.00 28.97  ? 114 PHE A CD2 1 
ATOM   881  C  CE1 . PHE A 1 114 ? 8.614   0.722   -7.741  1.00 30.79  ? 114 PHE A CE1 1 
ATOM   882  C  CE2 . PHE A 1 114 ? 10.596  1.039   -6.410  1.00 19.54  ? 114 PHE A CE2 1 
ATOM   883  C  CZ  . PHE A 1 114 ? 9.414   1.544   -6.951  1.00 42.41  ? 114 PHE A CZ  1 
ATOM   884  N  N   . THR A 1 115 ? 12.003  -4.742  -10.241 1.00 14.49  ? 115 THR A N   1 
ATOM   885  C  CA  . THR A 1 115 ? 12.816  -5.970  -10.351 1.00 14.28  ? 115 THR A CA  1 
ATOM   886  C  C   . THR A 1 115 ? 14.226  -5.990  -9.830  1.00 24.68  ? 115 THR A C   1 
ATOM   887  O  O   . THR A 1 115 ? 14.693  -6.896  -9.152  1.00 21.77  ? 115 THR A O   1 
ATOM   888  C  CB  . THR A 1 115 ? 13.216  -6.251  -11.776 1.00 32.66  ? 115 THR A CB  1 
ATOM   889  O  OG1 . THR A 1 115 ? 12.033  -6.163  -12.502 1.00 40.00  ? 115 THR A OG1 1 
ATOM   890  C  CG2 . THR A 1 115 ? 13.625  -7.702  -11.569 1.00 88.09  ? 115 THR A CG2 1 
ATOM   891  N  N   . ASN A 1 116 ? 14.904  -4.928  -10.144 1.00 19.68  ? 116 ASN A N   1 
ATOM   892  C  CA  . ASN A 1 116 ? 16.238  -4.793  -9.663  1.00 21.18  ? 116 ASN A CA  1 
ATOM   893  C  C   . ASN A 1 116 ? 16.268  -4.681  -8.142  1.00 19.33  ? 116 ASN A C   1 
ATOM   894  O  O   . ASN A 1 116 ? 17.055  -5.275  -7.447  1.00 21.07  ? 116 ASN A O   1 
ATOM   895  C  CB  . ASN A 1 116 ? 16.866  -3.502  -10.237 1.00 49.49  ? 116 ASN A CB  1 
ATOM   896  C  CG  . ASN A 1 116 ? 17.199  -3.661  -11.707 1.00 33.20  ? 116 ASN A CG  1 
ATOM   897  O  OD1 . ASN A 1 116 ? 17.468  -4.779  -12.137 1.00 34.73  ? 116 ASN A OD1 1 
ATOM   898  N  ND2 . ASN A 1 116 ? 17.151  -2.581  -12.509 1.00 22.80  ? 116 ASN A ND2 1 
ATOM   899  N  N   . SER A 1 117 ? 15.403  -3.890  -7.578  1.00 18.83  ? 117 SER A N   1 
ATOM   900  C  CA  . SER A 1 117 ? 15.455  -3.792  -6.158  1.00 14.79  ? 117 SER A CA  1 
ATOM   901  C  C   . SER A 1 117 ? 15.041  -5.109  -5.540  1.00 15.19  ? 117 SER A C   1 
ATOM   902  O  O   . SER A 1 117 ? 15.451  -5.462  -4.454  1.00 17.68  ? 117 SER A O   1 
ATOM   903  C  CB  . SER A 1 117 ? 14.336  -2.862  -5.681  1.00 16.87  ? 117 SER A CB  1 
ATOM   904  O  OG  . SER A 1 117 ? 14.510  -1.575  -6.205  1.00 22.38  ? 117 SER A OG  1 
ATOM   905  N  N   . LEU A 1 118 ? 14.137  -5.811  -6.202  1.00 14.34  ? 118 LEU A N   1 
ATOM   906  C  CA  . LEU A 1 118 ? 13.679  -7.055  -5.634  1.00 22.90  ? 118 LEU A CA  1 
ATOM   907  C  C   . LEU A 1 118 ? 14.812  -8.012  -5.538  1.00 20.85  ? 118 LEU A C   1 
ATOM   908  O  O   . LEU A 1 118 ? 14.949  -8.762  -4.586  1.00 18.01  ? 118 LEU A O   1 
ATOM   909  C  CB  . LEU A 1 118 ? 12.665  -7.812  -6.543  1.00 24.90  ? 118 LEU A CB  1 
ATOM   910  C  CG  . LEU A 1 118 ? 11.356  -7.043  -6.713  1.00 39.07  ? 118 LEU A CG  1 
ATOM   911  C  CD1 . LEU A 1 118 ? 10.682  -7.655  -7.919  1.00 47.02  ? 118 LEU A CD1 1 
ATOM   912  C  CD2 . LEU A 1 118 ? 10.487  -6.990  -5.431  1.00 18.48  ? 118 LEU A CD2 1 
ATOM   913  N  N   . ARG A 1 119 ? 15.630  -8.007  -6.555  1.00 16.11  ? 119 ARG A N   1 
ATOM   914  C  CA  . ARG A 1 119 ? 16.721  -8.923  -6.488  1.00 16.67  ? 119 ARG A CA  1 
ATOM   915  C  C   . ARG A 1 119 ? 17.647  -8.583  -5.349  1.00 33.40  ? 119 ARG A C   1 
ATOM   916  O  O   . ARG A 1 119 ? 18.156  -9.505  -4.692  1.00 25.29  ? 119 ARG A O   1 
ATOM   917  C  CB  . ARG A 1 119 ? 17.571  -8.980  -7.764  1.00 23.99  ? 119 ARG A CB  1 
ATOM   918  C  CG  . ARG A 1 119 ? 16.788  -9.750  -8.820  1.00 100.00 ? 119 ARG A CG  1 
ATOM   919  C  CD  . ARG A 1 119 ? 15.984  -10.955 -8.242  1.00 100.00 ? 119 ARG A CD  1 
ATOM   920  N  NE  . ARG A 1 119 ? 14.519  -10.774 -8.045  1.00 100.00 ? 119 ARG A NE  1 
ATOM   921  C  CZ  . ARG A 1 119 ? 13.554  -11.550 -8.582  1.00 100.00 ? 119 ARG A CZ  1 
ATOM   922  N  NH1 . ARG A 1 119 ? 13.824  -12.579 -9.394  1.00 100.00 ? 119 ARG A NH1 1 
ATOM   923  N  NH2 . ARG A 1 119 ? 12.266  -11.281 -8.324  1.00 86.06  ? 119 ARG A NH2 1 
ATOM   924  N  N   . MET A 1 120 ? 17.873  -7.272  -5.113  1.00 16.16  ? 120 MET A N   1 
ATOM   925  C  CA  . MET A 1 120 ? 18.801  -6.942  -4.053  1.00 12.19  ? 120 MET A CA  1 
ATOM   926  C  C   . MET A 1 120 ? 18.230  -7.293  -2.730  1.00 18.97  ? 120 MET A C   1 
ATOM   927  O  O   . MET A 1 120 ? 18.909  -7.724  -1.869  1.00 20.26  ? 120 MET A O   1 
ATOM   928  C  CB  . MET A 1 120 ? 19.201  -5.472  -3.983  1.00 7.57   ? 120 MET A CB  1 
ATOM   929  C  CG  . MET A 1 120 ? 19.982  -5.099  -5.197  1.00 22.87  ? 120 MET A CG  1 
ATOM   930  S  SD  . MET A 1 120 ? 20.109  -3.287  -5.310  1.00 32.96  ? 120 MET A SD  1 
ATOM   931  C  CE  . MET A 1 120 ? 20.220  -2.959  -7.068  1.00 32.50  ? 120 MET A CE  1 
ATOM   932  N  N   . LEU A 1 121 ? 16.964  -7.091  -2.565  1.00 13.78  ? 121 LEU A N   1 
ATOM   933  C  CA  . LEU A 1 121 ? 16.354  -7.474  -1.309  1.00 18.79  ? 121 LEU A CA  1 
ATOM   934  C  C   . LEU A 1 121 ? 16.466  -9.007  -1.173  1.00 21.62  ? 121 LEU A C   1 
ATOM   935  O  O   . LEU A 1 121 ? 16.705  -9.596  -0.121  1.00 16.31  ? 121 LEU A O   1 
ATOM   936  C  CB  . LEU A 1 121 ? 14.843  -7.133  -1.353  1.00 18.76  ? 121 LEU A CB  1 
ATOM   937  C  CG  . LEU A 1 121 ? 14.630  -5.611  -1.234  1.00 17.01  ? 121 LEU A CG  1 
ATOM   938  C  CD1 . LEU A 1 121 ? 13.165  -5.303  -1.462  1.00 26.55  ? 121 LEU A CD1 1 
ATOM   939  C  CD2 . LEU A 1 121 ? 14.999  -5.078  0.144   1.00 15.07  ? 121 LEU A CD2 1 
ATOM   940  N  N   . GLN A 1 122 ? 16.257  -9.723  -2.236  1.00 14.12  ? 122 GLN A N   1 
ATOM   941  C  CA  . GLN A 1 122 ? 16.322  -11.157 -2.044  1.00 17.44  ? 122 GLN A CA  1 
ATOM   942  C  C   . GLN A 1 122 ? 17.715  -11.589 -1.607  1.00 30.51  ? 122 GLN A C   1 
ATOM   943  O  O   . GLN A 1 122 ? 17.902  -12.509 -0.815  1.00 22.18  ? 122 GLN A O   1 
ATOM   944  C  CB  . GLN A 1 122 ? 16.111  -11.873 -3.384  1.00 19.08  ? 122 GLN A CB  1 
ATOM   945  C  CG  . GLN A 1 122 ? 15.588  -13.282 -3.118  1.00 30.09  ? 122 GLN A CG  1 
ATOM   946  C  CD  . GLN A 1 122 ? 15.194  -13.936 -4.409  1.00 33.73  ? 122 GLN A CD  1 
ATOM   947  O  OE1 . GLN A 1 122 ? 15.286  -13.300 -5.489  1.00 77.02  ? 122 GLN A OE1 1 
ATOM   948  N  NE2 . GLN A 1 122 ? 14.837  -15.223 -4.287  1.00 43.98  ? 122 GLN A NE2 1 
ATOM   949  N  N   . GLN A 1 123 ? 18.685  -10.859 -2.106  1.00 16.62  ? 123 GLN A N   1 
ATOM   950  C  CA  . GLN A 1 123 ? 20.044  -11.150 -1.777  1.00 16.10  ? 123 GLN A CA  1 
ATOM   951  C  C   . GLN A 1 123 ? 20.478  -10.647 -0.417  1.00 28.23  ? 123 GLN A C   1 
ATOM   952  O  O   . GLN A 1 123 ? 21.626  -10.891 0.033   1.00 28.98  ? 123 GLN A O   1 
ATOM   953  C  CB  . GLN A 1 123 ? 20.949  -10.499 -2.814  1.00 18.82  ? 123 GLN A CB  1 
ATOM   954  C  CG  . GLN A 1 123 ? 20.962  -11.316 -4.108  1.00 33.09  ? 123 GLN A CG  1 
ATOM   955  C  CD  . GLN A 1 123 ? 22.143  -11.022 -5.045  1.00 30.86  ? 123 GLN A CD  1 
ATOM   956  O  OE1 . GLN A 1 123 ? 23.091  -11.832 -5.138  1.00 100.00 ? 123 GLN A OE1 1 
ATOM   957  N  NE2 . GLN A 1 123 ? 22.099  -9.842  -5.658  1.00 62.02  ? 123 GLN A NE2 1 
ATOM   958  N  N   . LYS A 1 124 ? 19.563  -9.887  0.236   1.00 19.86  ? 124 LYS A N   1 
ATOM   959  C  CA  . LYS A 1 124 ? 19.826  -9.318  1.574   1.00 9.80   ? 124 LYS A CA  1 
ATOM   960  C  C   . LYS A 1 124 ? 20.916  -8.217  1.585   1.00 16.51  ? 124 LYS A C   1 
ATOM   961  O  O   . LYS A 1 124 ? 21.611  -7.941  2.591   1.00 22.36  ? 124 LYS A O   1 
ATOM   962  C  CB  . LYS A 1 124 ? 20.137  -10.336 2.705   1.00 23.53  ? 124 LYS A CB  1 
ATOM   963  C  CG  . LYS A 1 124 ? 19.115  -11.472 2.783   1.00 14.77  ? 124 LYS A CG  1 
ATOM   964  C  CD  . LYS A 1 124 ? 18.926  -12.024 4.203   1.00 22.67  ? 124 LYS A CD  1 
ATOM   965  C  CE  . LYS A 1 124 ? 17.814  -13.073 4.217   1.00 11.45  ? 124 LYS A CE  1 
ATOM   966  N  NZ  . LYS A 1 124 ? 16.476  -12.501 4.123   1.00 21.87  ? 124 LYS A NZ  1 
ATOM   967  N  N   . ARG A 1 125 ? 21.029  -7.525  0.470   1.00 15.82  ? 125 ARG A N   1 
ATOM   968  C  CA  . ARG A 1 125 ? 21.918  -6.374  0.331   1.00 22.32  ? 125 ARG A CA  1 
ATOM   969  C  C   . ARG A 1 125 ? 21.086  -5.114  0.614   1.00 15.20  ? 125 ARG A C   1 
ATOM   970  O  O   . ARG A 1 125 ? 20.668  -4.367  -0.287  1.00 16.03  ? 125 ARG A O   1 
ATOM   971  C  CB  . ARG A 1 125 ? 22.396  -6.345  -1.100  1.00 17.18  ? 125 ARG A CB  1 
ATOM   972  C  CG  . ARG A 1 125 ? 23.065  -7.623  -1.565  1.00 16.99  ? 125 ARG A CG  1 
ATOM   973  C  CD  . ARG A 1 125 ? 23.244  -7.449  -3.098  1.00 36.26  ? 125 ARG A CD  1 
ATOM   974  N  NE  . ARG A 1 125 ? 24.517  -7.886  -3.647  1.00 71.37  ? 125 ARG A NE  1 
ATOM   975  C  CZ  . ARG A 1 125 ? 24.987  -9.147  -3.496  1.00 100.00 ? 125 ARG A CZ  1 
ATOM   976  N  NH1 . ARG A 1 125 ? 24.314  -10.111 -2.809  1.00 100.00 ? 125 ARG A NH1 1 
ATOM   977  N  NH2 . ARG A 1 125 ? 26.181  -9.445  -4.035  1.00 100.00 ? 125 ARG A NH2 1 
ATOM   978  N  N   . TRP A 1 126 ? 20.873  -4.877  1.901   1.00 22.13  ? 126 TRP A N   1 
ATOM   979  C  CA  . TRP A 1 126 ? 19.984  -3.843  2.361   1.00 13.85  ? 126 TRP A CA  1 
ATOM   980  C  C   . TRP A 1 126 ? 20.274  -2.431  1.932   1.00 18.41  ? 126 TRP A C   1 
ATOM   981  O  O   . TRP A 1 126 ? 19.409  -1.679  1.499   1.00 15.07  ? 126 TRP A O   1 
ATOM   982  C  CB  . TRP A 1 126 ? 19.744  -3.959  3.865   1.00 8.24   ? 126 TRP A CB  1 
ATOM   983  C  CG  . TRP A 1 126 ? 19.508  -5.376  4.310   1.00 16.12  ? 126 TRP A CG  1 
ATOM   984  C  CD1 . TRP A 1 126 ? 20.197  -5.999  5.327   1.00 18.06  ? 126 TRP A CD1 1 
ATOM   985  C  CD2 . TRP A 1 126 ? 18.447  -6.258  3.954   1.00 12.01  ? 126 TRP A CD2 1 
ATOM   986  N  NE1 . TRP A 1 126 ? 19.668  -7.220  5.604   1.00 13.21  ? 126 TRP A NE1 1 
ATOM   987  C  CE2 . TRP A 1 126 ? 18.579  -7.409  4.789   1.00 7.49   ? 126 TRP A CE2 1 
ATOM   988  C  CE3 . TRP A 1 126 ? 17.374  -6.183  3.048   1.00 9.38   ? 126 TRP A CE3 1 
ATOM   989  C  CZ2 . TRP A 1 126 ? 17.733  -8.509  4.687   1.00 18.56  ? 126 TRP A CZ2 1 
ATOM   990  C  CZ3 . TRP A 1 126 ? 16.546  -7.295  2.924   1.00 12.36  ? 126 TRP A CZ3 1 
ATOM   991  C  CH2 . TRP A 1 126 ? 16.710  -8.423  3.769   1.00 14.40  ? 126 TRP A CH2 1 
ATOM   992  N  N   . ASP A 1 127 ? 21.457  -2.012  2.220   1.00 16.40  ? 127 ASP A N   1 
ATOM   993  C  CA  . ASP A 1 127 ? 21.849  -0.661  1.901   1.00 12.33  ? 127 ASP A CA  1 
ATOM   994  C  C   . ASP A 1 127 ? 21.781  -0.469  0.410   1.00 22.12  ? 127 ASP A C   1 
ATOM   995  O  O   . ASP A 1 127 ? 21.307  0.553   -0.045  1.00 21.73  ? 127 ASP A O   1 
ATOM   996  C  CB  . ASP A 1 127 ? 23.217  -0.356  2.536   1.00 18.34  ? 127 ASP A CB  1 
ATOM   997  C  CG  . ASP A 1 127 ? 23.243  -0.312  4.056   1.00 24.37  ? 127 ASP A CG  1 
ATOM   998  O  OD1 . ASP A 1 127 ? 22.478  -0.835  4.845   1.00 44.67  ? 127 ASP A OD1 1 
ATOM   999  O  OD2 . ASP A 1 127 ? 24.141  0.503   4.435   1.00 40.12  ? 127 ASP A OD2 1 
ATOM   1000 N  N   . GLU A 1 128 ? 22.151  -1.488  -0.373  1.00 17.94  ? 128 GLU A N   1 
ATOM   1001 C  CA  . GLU A 1 128 ? 22.077  -1.360  -1.802  1.00 14.03  ? 128 GLU A CA  1 
ATOM   1002 C  C   . GLU A 1 128 ? 20.653  -1.215  -2.306  1.00 18.35  ? 128 GLU A C   1 
ATOM   1003 O  O   . GLU A 1 128 ? 20.371  -0.358  -3.194  1.00 22.07  ? 128 GLU A O   1 
ATOM   1004 C  CB  . GLU A 1 128 ? 22.782  -2.494  -2.572  1.00 18.14  ? 128 GLU A CB  1 
ATOM   1005 C  CG  . GLU A 1 128 ? 24.235  -2.672  -2.081  1.00 30.10  ? 128 GLU A CG  1 
ATOM   1006 C  CD  . GLU A 1 128 ? 24.999  -3.765  -2.807  1.00 100.00 ? 128 GLU A CD  1 
ATOM   1007 O  OE1 . GLU A 1 128 ? 24.845  -4.030  -4.022  1.00 100.00 ? 128 GLU A OE1 1 
ATOM   1008 O  OE2 . GLU A 1 128 ? 25.837  -4.373  -1.986  1.00 100.00 ? 128 GLU A OE2 1 
ATOM   1009 N  N   . ALA A 1 129 ? 19.771  -2.088  -1.768  1.00 15.94  ? 129 ALA A N   1 
ATOM   1010 C  CA  . ALA A 1 129 ? 18.360  -2.051  -2.141  1.00 11.50  ? 129 ALA A CA  1 
ATOM   1011 C  C   . ALA A 1 129 ? 17.708  -0.647  -1.869  1.00 9.38   ? 129 ALA A C   1 
ATOM   1012 O  O   . ALA A 1 129 ? 16.976  -0.114  -2.713  1.00 16.49  ? 129 ALA A O   1 
ATOM   1013 C  CB  . ALA A 1 129 ? 17.609  -3.136  -1.389  1.00 10.23  ? 129 ALA A CB  1 
ATOM   1014 N  N   . ALA A 1 130 ? 18.066  -0.070  -0.723  1.00 12.18  ? 130 ALA A N   1 
ATOM   1015 C  CA  . ALA A 1 130 ? 17.546  1.190   -0.256  1.00 12.21  ? 130 ALA A CA  1 
ATOM   1016 C  C   . ALA A 1 130 ? 17.910  2.270   -1.238  1.00 18.15  ? 130 ALA A C   1 
ATOM   1017 O  O   . ALA A 1 130 ? 17.104  3.061   -1.597  1.00 22.60  ? 130 ALA A O   1 
ATOM   1018 C  CB  . ALA A 1 130 ? 18.034  1.406   1.166   1.00 13.12  ? 130 ALA A CB  1 
ATOM   1019 N  N   . VAL A 1 131 ? 19.132  2.275   -1.706  1.00 16.17  ? 131 VAL A N   1 
ATOM   1020 C  CA  . VAL A 1 131 ? 19.504  3.235   -2.686  1.00 12.99  ? 131 VAL A CA  1 
ATOM   1021 C  C   . VAL A 1 131 ? 18.760  3.014   -3.995  1.00 12.96  ? 131 VAL A C   1 
ATOM   1022 O  O   . VAL A 1 131 ? 18.277  3.956   -4.603  1.00 18.99  ? 131 VAL A O   1 
ATOM   1023 C  CB  . VAL A 1 131 ? 21.010  3.160   -2.970  1.00 20.12  ? 131 VAL A CB  1 
ATOM   1024 C  CG1 . VAL A 1 131 ? 21.456  3.995   -4.174  1.00 17.42  ? 131 VAL A CG1 1 
ATOM   1025 C  CG2 . VAL A 1 131 ? 21.790  3.854   -1.899  1.00 19.89  ? 131 VAL A CG2 1 
ATOM   1026 N  N   . ASN A 1 132 ? 18.680  1.775   -4.445  1.00 18.59  ? 132 ASN A N   1 
ATOM   1027 C  CA  . ASN A 1 132 ? 17.978  1.470   -5.692  1.00 13.63  ? 132 ASN A CA  1 
ATOM   1028 C  C   . ASN A 1 132 ? 16.483  1.843   -5.614  1.00 22.28  ? 132 ASN A C   1 
ATOM   1029 O  O   . ASN A 1 132 ? 15.835  2.456   -6.476  1.00 16.37  ? 132 ASN A O   1 
ATOM   1030 C  CB  . ASN A 1 132 ? 18.009  -0.051  -5.930  1.00 12.10  ? 132 ASN A CB  1 
ATOM   1031 C  CG  . ASN A 1 132 ? 17.530  -0.343  -7.353  1.00 14.57  ? 132 ASN A CG  1 
ATOM   1032 O  OD1 . ASN A 1 132 ? 16.372  -0.764  -7.637  1.00 21.58  ? 132 ASN A OD1 1 
ATOM   1033 N  ND2 . ASN A 1 132 ? 18.388  0.044   -8.306  1.00 15.24  ? 132 ASN A ND2 1 
ATOM   1034 N  N   . LEU A 1 133 ? 15.897  1.564   -4.476  1.00 17.98  ? 133 LEU A N   1 
ATOM   1035 C  CA  . LEU A 1 133 ? 14.481  1.886   -4.306  1.00 17.25  ? 133 LEU A CA  1 
ATOM   1036 C  C   . LEU A 1 133 ? 14.134  3.407   -4.409  1.00 6.66   ? 133 LEU A C   1 
ATOM   1037 O  O   . LEU A 1 133 ? 13.036  3.818   -4.801  1.00 17.60  ? 133 LEU A O   1 
ATOM   1038 C  CB  . LEU A 1 133 ? 13.994  1.384   -2.871  1.00 17.47  ? 133 LEU A CB  1 
ATOM   1039 C  CG  . LEU A 1 133 ? 13.689  -0.134  -2.719  1.00 16.13  ? 133 LEU A CG  1 
ATOM   1040 C  CD1 . LEU A 1 133 ? 13.529  -0.483  -1.215  1.00 11.42  ? 133 LEU A CD1 1 
ATOM   1041 C  CD2 . LEU A 1 133 ? 12.523  -0.598  -3.581  1.00 18.62  ? 133 LEU A CD2 1 
ATOM   1042 N  N   . ALA A 1 134 ? 15.117  4.239   -4.045  1.00 11.07  ? 134 ALA A N   1 
ATOM   1043 C  CA  . ALA A 1 134 ? 14.915  5.694   -4.013  1.00 12.81  ? 134 ALA A CA  1 
ATOM   1044 C  C   . ALA A 1 134 ? 14.938  6.262   -5.368  1.00 9.81   ? 134 ALA A C   1 
ATOM   1045 O  O   . ALA A 1 134 ? 14.495  7.372   -5.608  1.00 15.12  ? 134 ALA A O   1 
ATOM   1046 C  CB  . ALA A 1 134 ? 15.877  6.314   -2.967  1.00 15.62  ? 134 ALA A CB  1 
ATOM   1047 N  N   . LYS A 1 135 ? 15.540  5.522   -6.270  1.00 11.05  ? 135 LYS A N   1 
ATOM   1048 C  CA  . LYS A 1 135 ? 15.624  6.007   -7.653  1.00 17.26  ? 135 LYS A CA  1 
ATOM   1049 C  C   . LYS A 1 135 ? 14.335  5.681   -8.394  1.00 14.75  ? 135 LYS A C   1 
ATOM   1050 O  O   . LYS A 1 135 ? 14.289  4.782   -9.211  1.00 18.16  ? 135 LYS A O   1 
ATOM   1051 C  CB  . LYS A 1 135 ? 16.881  5.433   -8.367  1.00 21.63  ? 135 LYS A CB  1 
ATOM   1052 C  CG  . LYS A 1 135 ? 18.233  5.747   -7.657  1.00 34.15  ? 135 LYS A CG  1 
ATOM   1053 C  CD  . LYS A 1 135 ? 19.580  5.366   -8.368  1.00 35.90  ? 135 LYS A CD  1 
ATOM   1054 C  CE  . LYS A 1 135 ? 19.912  3.861   -8.532  1.00 100.00 ? 135 LYS A CE  1 
ATOM   1055 N  NZ  . LYS A 1 135 ? 21.079  3.528   -9.409  1.00 68.21  ? 135 LYS A NZ  1 
ATOM   1056 N  N   . SER A 1 136 ? 13.264  6.324   -8.023  1.00 11.71  ? 136 SER A N   1 
ATOM   1057 C  CA  . SER A 1 136 ? 12.006  5.921   -8.571  1.00 15.21  ? 136 SER A CA  1 
ATOM   1058 C  C   . SER A 1 136 ? 10.989  7.036   -8.488  1.00 18.85  ? 136 SER A C   1 
ATOM   1059 O  O   . SER A 1 136 ? 11.087  7.971   -7.671  1.00 14.48  ? 136 SER A O   1 
ATOM   1060 C  CB  . SER A 1 136 ? 11.401  4.720   -7.792  1.00 15.69  ? 136 SER A CB  1 
ATOM   1061 O  OG  . SER A 1 136 ? 11.249  5.073   -6.400  1.00 16.54  ? 136 SER A OG  1 
ATOM   1062 N  N   . ARG A 1 137 ? 9.973   6.915   -9.361  1.00 13.91  ? 137 ARG A N   1 
ATOM   1063 C  CA  . ARG A 1 137 ? 8.938   7.927   -9.324  1.00 17.29  ? 137 ARG A CA  1 
ATOM   1064 C  C   . ARG A 1 137 ? 8.240   7.942   -7.972  1.00 18.88  ? 137 ARG A C   1 
ATOM   1065 O  O   . ARG A 1 137 ? 7.927   8.969   -7.415  1.00 15.40  ? 137 ARG A O   1 
ATOM   1066 C  CB  . ARG A 1 137 ? 7.969   7.671   -10.457 1.00 18.77  ? 137 ARG A CB  1 
ATOM   1067 C  CG  . ARG A 1 137 ? 6.911   8.729   -10.402 1.00 21.39  ? 137 ARG A CG  1 
ATOM   1068 C  CD  . ARG A 1 137 ? 5.676   8.220   -11.104 1.00 22.75  ? 137 ARG A CD  1 
ATOM   1069 N  NE  . ARG A 1 137 ? 4.688   9.275   -11.269 1.00 32.80  ? 137 ARG A NE  1 
ATOM   1070 C  CZ  . ARG A 1 137 ? 3.606   9.510   -10.520 1.00 100.00 ? 137 ARG A CZ  1 
ATOM   1071 N  NH1 . ARG A 1 137 ? 3.251   8.743   -9.482  1.00 37.33  ? 137 ARG A NH1 1 
ATOM   1072 N  NH2 . ARG A 1 137 ? 2.837   10.551  -10.857 1.00 62.73  ? 137 ARG A NH2 1 
ATOM   1073 N  N   . TRP A 1 138 ? 8.017   6.708   -7.448  1.00 13.57  ? 138 TRP A N   1 
ATOM   1074 C  CA  . TRP A 1 138 ? 7.417   6.495   -6.143  1.00 9.67   ? 138 TRP A CA  1 
ATOM   1075 C  C   . TRP A 1 138 ? 8.136   7.269   -5.061  1.00 22.21  ? 138 TRP A C   1 
ATOM   1076 O  O   . TRP A 1 138 ? 7.505   7.982   -4.282  1.00 17.36  ? 138 TRP A O   1 
ATOM   1077 C  CB  . TRP A 1 138 ? 7.648   5.033   -5.687  1.00 17.42  ? 138 TRP A CB  1 
ATOM   1078 C  CG  . TRP A 1 138 ? 7.238   4.637   -4.284  1.00 14.20  ? 138 TRP A CG  1 
ATOM   1079 C  CD1 . TRP A 1 138 ? 6.003   4.733   -3.702  1.00 17.55  ? 138 TRP A CD1 1 
ATOM   1080 C  CD2 . TRP A 1 138 ? 8.069   3.986   -3.361  1.00 10.08  ? 138 TRP A CD2 1 
ATOM   1081 N  NE1 . TRP A 1 138 ? 6.035   4.163   -2.442  1.00 17.53  ? 138 TRP A NE1 1 
ATOM   1082 C  CE2 . TRP A 1 138 ? 7.300   3.725   -2.206  1.00 11.76  ? 138 TRP A CE2 1 
ATOM   1083 C  CE3 . TRP A 1 138 ? 9.403   3.550   -3.458  1.00 7.98   ? 138 TRP A CE3 1 
ATOM   1084 C  CZ2 . TRP A 1 138 ? 7.811   2.987   -1.124  1.00 12.89  ? 138 TRP A CZ2 1 
ATOM   1085 C  CZ3 . TRP A 1 138 ? 9.940   2.943   -2.356  1.00 22.84  ? 138 TRP A CZ3 1 
ATOM   1086 C  CH2 . TRP A 1 138 ? 9.163   2.651   -1.202  1.00 19.68  ? 138 TRP A CH2 1 
ATOM   1087 N  N   . TYR A 1 139 ? 9.462   7.120   -4.933  1.00 14.26  ? 139 TYR A N   1 
ATOM   1088 C  CA  . TYR A 1 139 ? 10.053  7.918   -3.854  1.00 2.57   ? 139 TYR A CA  1 
ATOM   1089 C  C   . TYR A 1 139 ? 9.904   9.425   -4.155  1.00 19.75  ? 139 TYR A C   1 
ATOM   1090 O  O   . TYR A 1 139 ? 9.672   10.214  -3.247  1.00 17.67  ? 139 TYR A O   1 
ATOM   1091 C  CB  . TYR A 1 139 ? 11.557  7.697   -3.999  1.00 7.45   ? 139 TYR A CB  1 
ATOM   1092 C  CG  . TYR A 1 139 ? 12.435  8.496   -3.109  1.00 21.75  ? 139 TYR A CG  1 
ATOM   1093 C  CD1 . TYR A 1 139 ? 12.649  8.091   -1.791  1.00 20.32  ? 139 TYR A CD1 1 
ATOM   1094 C  CD2 . TYR A 1 139 ? 13.180  9.551   -3.634  1.00 29.89  ? 139 TYR A CD2 1 
ATOM   1095 C  CE1 . TYR A 1 139 ? 13.484  8.830   -0.953  1.00 28.70  ? 139 TYR A CE1 1 
ATOM   1096 C  CE2 . TYR A 1 139 ? 14.052  10.267  -2.818  1.00 37.02  ? 139 TYR A CE2 1 
ATOM   1097 C  CZ  . TYR A 1 139 ? 14.188  9.914   -1.477  1.00 46.95  ? 139 TYR A CZ  1 
ATOM   1098 O  OH  . TYR A 1 139 ? 15.039  10.631  -0.679  1.00 100.00 ? 139 TYR A OH  1 
ATOM   1099 N  N   . ASN A 1 140 ? 10.080  9.834   -5.450  1.00 17.21  ? 140 ASN A N   1 
ATOM   1100 C  CA  . ASN A 1 140 ? 10.016  11.265  -5.786  1.00 9.36   ? 140 ASN A CA  1 
ATOM   1101 C  C   . ASN A 1 140 ? 8.604   11.853  -5.682  1.00 21.08  ? 140 ASN A C   1 
ATOM   1102 O  O   . ASN A 1 140 ? 8.407   13.051  -5.475  1.00 24.86  ? 140 ASN A O   1 
ATOM   1103 C  CB  . ASN A 1 140 ? 10.444  11.611  -7.208  1.00 21.14  ? 140 ASN A CB  1 
ATOM   1104 C  CG  . ASN A 1 140 ? 11.929  11.484  -7.247  1.00 34.65  ? 140 ASN A CG  1 
ATOM   1105 O  OD1 . ASN A 1 140 ? 12.477  10.458  -7.654  1.00 23.64  ? 140 ASN A OD1 1 
ATOM   1106 N  ND2 . ASN A 1 140 ? 12.610  12.456  -6.668  1.00 28.25  ? 140 ASN A ND2 1 
ATOM   1107 N  N   . GLN A 1 141 ? 7.597   11.011  -5.798  1.00 10.36  ? 141 GLN A N   1 
ATOM   1108 C  CA  . GLN A 1 141 ? 6.265   11.519  -5.628  1.00 10.66  ? 141 GLN A CA  1 
ATOM   1109 C  C   . GLN A 1 141 ? 5.777   11.528  -4.198  1.00 20.98  ? 141 GLN A C   1 
ATOM   1110 O  O   . GLN A 1 141 ? 5.107   12.479  -3.840  1.00 19.10  ? 141 GLN A O   1 
ATOM   1111 C  CB  . GLN A 1 141 ? 5.233   10.756  -6.405  1.00 15.86  ? 141 GLN A CB  1 
ATOM   1112 C  CG  . GLN A 1 141 ? 5.533   10.952  -7.906  1.00 31.66  ? 141 GLN A CG  1 
ATOM   1113 C  CD  . GLN A 1 141 ? 5.568   12.396  -8.406  1.00 96.19  ? 141 GLN A CD  1 
ATOM   1114 O  OE1 . GLN A 1 141 ? 6.474   12.831  -9.121  1.00 24.96  ? 141 GLN A OE1 1 
ATOM   1115 N  NE2 . GLN A 1 141 ? 4.517   13.136  -8.155  1.00 29.42  ? 141 GLN A NE2 1 
ATOM   1116 N  N   . THR A 1 142 ? 6.108   10.550  -3.374  1.00 16.26  ? 142 THR A N   1 
ATOM   1117 C  CA  . THR A 1 142 ? 5.664   10.571  -1.978  1.00 7.77   ? 142 THR A CA  1 
ATOM   1118 C  C   . THR A 1 142 ? 6.889   10.248  -1.146  1.00 22.17  ? 142 THR A C   1 
ATOM   1119 O  O   . THR A 1 142 ? 7.037   9.184   -0.546  1.00 13.46  ? 142 THR A O   1 
ATOM   1120 C  CB  . THR A 1 142 ? 4.604   9.483   -1.739  1.00 16.82  ? 142 THR A CB  1 
ATOM   1121 O  OG1 . THR A 1 142 ? 5.020   8.230   -2.332  1.00 16.98  ? 142 THR A OG1 1 
ATOM   1122 C  CG2 . THR A 1 142 ? 3.440   9.934   -2.580  1.00 14.32  ? 142 THR A CG2 1 
ATOM   1123 N  N   . PRO A 1 143 ? 7.798   11.176  -1.133  1.00 16.60  ? 143 PRO A N   1 
ATOM   1124 C  CA  . PRO A 1 143 ? 9.050   10.985  -0.419  1.00 12.18  ? 143 PRO A CA  1 
ATOM   1125 C  C   . PRO A 1 143 ? 8.961   10.651  1.078   1.00 8.27   ? 143 PRO A C   1 
ATOM   1126 O  O   . PRO A 1 143 ? 9.759   9.854   1.630   1.00 10.81  ? 143 PRO A O   1 
ATOM   1127 C  CB  . PRO A 1 143 ? 9.822   12.283  -0.740  1.00 15.23  ? 143 PRO A CB  1 
ATOM   1128 C  CG  . PRO A 1 143 ? 8.776   13.347  -1.009  1.00 11.24  ? 143 PRO A CG  1 
ATOM   1129 C  CD  . PRO A 1 143 ? 7.620   12.568  -1.615  1.00 12.61  ? 143 PRO A CD  1 
ATOM   1130 N  N   . ASN A 1 144 ? 8.087   11.334  1.850   1.00 10.35  ? 144 ASN A N   1 
ATOM   1131 C  CA  . ASN A 1 144 ? 8.080   11.078  3.273   1.00 11.84  ? 144 ASN A CA  1 
ATOM   1132 C  C   . ASN A 1 144 ? 7.700   9.648   3.615   1.00 19.34  ? 144 ASN A C   1 
ATOM   1133 O  O   . ASN A 1 144 ? 8.336   8.984   4.418   1.00 17.83  ? 144 ASN A O   1 
ATOM   1134 C  CB  . ASN A 1 144 ? 7.066   11.942  4.028   1.00 16.38  ? 144 ASN A CB  1 
ATOM   1135 C  CG  . ASN A 1 144 ? 7.440   13.418  4.004   1.00 49.19  ? 144 ASN A CG  1 
ATOM   1136 O  OD1 . ASN A 1 144 ? 8.628   13.782  3.927   1.00 31.33  ? 144 ASN A OD1 1 
ATOM   1137 N  ND2 . ASN A 1 144 ? 6.440   14.290  4.132   1.00 41.76  ? 144 ASN A ND2 1 
ATOM   1138 N  N   . ARG A 1 145 ? 6.652   9.172   2.964   1.00 13.44  ? 145 ARG A N   1 
ATOM   1139 C  CA  . ARG A 1 145 ? 6.201   7.787   3.093   1.00 10.20  ? 145 ARG A CA  1 
ATOM   1140 C  C   . ARG A 1 145 ? 7.259   6.830   2.506   1.00 16.49  ? 145 ARG A C   1 
ATOM   1141 O  O   . ARG A 1 145 ? 7.635   5.865   3.139   1.00 14.32  ? 145 ARG A O   1 
ATOM   1142 C  CB  . ARG A 1 145 ? 4.874   7.500   2.360   1.00 22.38  ? 145 ARG A CB  1 
ATOM   1143 C  CG  . ARG A 1 145 ? 4.224   6.133   2.744   1.00 23.43  ? 145 ARG A CG  1 
ATOM   1144 C  CD  . ARG A 1 145 ? 3.235   5.648   1.758   1.00 29.38  ? 145 ARG A CD  1 
ATOM   1145 N  NE  . ARG A 1 145 ? 2.796   4.290   1.956   1.00 19.91  ? 145 ARG A NE  1 
ATOM   1146 C  CZ  . ARG A 1 145 ? 1.530   4.072   1.780   1.00 22.38  ? 145 ARG A CZ  1 
ATOM   1147 N  NH1 . ARG A 1 145 ? 0.755   5.078   1.473   1.00 21.08  ? 145 ARG A NH1 1 
ATOM   1148 N  NH2 . ARG A 1 145 ? 1.017   2.879   1.859   1.00 15.09  ? 145 ARG A NH2 1 
ATOM   1149 N  N   . ALA A 1 146 ? 7.716   7.080   1.279   1.00 18.38  ? 146 ALA A N   1 
ATOM   1150 C  CA  . ALA A 1 146 ? 8.730   6.209   0.699   1.00 15.69  ? 146 ALA A CA  1 
ATOM   1151 C  C   . ALA A 1 146 ? 9.888   6.114   1.640   1.00 25.39  ? 146 ALA A C   1 
ATOM   1152 O  O   . ALA A 1 146 ? 10.438  5.026   1.833   1.00 18.74  ? 146 ALA A O   1 
ATOM   1153 C  CB  . ALA A 1 146 ? 9.051   6.634   -0.727  1.00 12.73  ? 146 ALA A CB  1 
ATOM   1154 N  N   . LYS A 1 147 ? 10.208  7.197   2.342   1.00 16.06  ? 147 LYS A N   1 
ATOM   1155 C  CA  . LYS A 1 147 ? 11.354  7.087   3.239   1.00 13.15  ? 147 LYS A CA  1 
ATOM   1156 C  C   . LYS A 1 147 ? 11.230  6.067   4.366   1.00 22.32  ? 147 LYS A C   1 
ATOM   1157 O  O   . LYS A 1 147 ? 12.192  5.311   4.720   1.00 17.03  ? 147 LYS A O   1 
ATOM   1158 C  CB  . LYS A 1 147 ? 11.746  8.415   3.848   1.00 12.63  ? 147 LYS A CB  1 
ATOM   1159 C  CG  . LYS A 1 147 ? 12.270  9.350   2.786   1.00 37.67  ? 147 LYS A CG  1 
ATOM   1160 C  CD  . LYS A 1 147 ? 12.689  10.753  3.243   1.00 44.32  ? 147 LYS A CD  1 
ATOM   1161 C  CE  . LYS A 1 147 ? 12.665  11.840  2.140   1.00 100.00 ? 147 LYS A CE  1 
ATOM   1162 N  NZ  . LYS A 1 147 ? 11.937  13.099  2.460   1.00 100.00 ? 147 LYS A NZ  1 
ATOM   1163 N  N   . ARG A 1 148 ? 10.050  6.089   4.948   1.00 13.23  ? 148 ARG A N   1 
ATOM   1164 C  CA  . ARG A 1 148 ? 9.684   5.227   6.075   1.00 12.38  ? 148 ARG A CA  1 
ATOM   1165 C  C   . ARG A 1 148 ? 9.676   3.791   5.641   1.00 9.99   ? 148 ARG A C   1 
ATOM   1166 O  O   . ARG A 1 148 ? 10.144  2.937   6.369   1.00 17.55  ? 148 ARG A O   1 
ATOM   1167 C  CB  . ARG A 1 148 ? 8.265   5.478   6.622   1.00 16.73  ? 148 ARG A CB  1 
ATOM   1168 C  CG  . ARG A 1 148 ? 8.171   6.822   7.338   1.00 14.12  ? 148 ARG A CG  1 
ATOM   1169 C  CD  . ARG A 1 148 ? 6.959   6.917   8.214   1.00 13.53  ? 148 ARG A CD  1 
ATOM   1170 N  NE  . ARG A 1 148 ? 5.715   7.086   7.424   1.00 18.94  ? 148 ARG A NE  1 
ATOM   1171 C  CZ  . ARG A 1 148 ? 5.274   8.265   6.924   1.00 24.24  ? 148 ARG A CZ  1 
ATOM   1172 N  NH1 . ARG A 1 148 ? 5.911   9.419   7.018   1.00 18.59  ? 148 ARG A NH1 1 
ATOM   1173 N  NH2 . ARG A 1 148 ? 4.159   8.341   6.278   1.00 18.16  ? 148 ARG A NH2 1 
ATOM   1174 N  N   . VAL A 1 149 ? 9.188   3.531   4.429   1.00 8.39   ? 149 VAL A N   1 
ATOM   1175 C  CA  . VAL A 1 149 ? 9.194   2.113   3.958   1.00 7.86   ? 149 VAL A CA  1 
ATOM   1176 C  C   . VAL A 1 149 ? 10.577  1.616   3.644   1.00 13.60  ? 149 VAL A C   1 
ATOM   1177 O  O   . VAL A 1 149 ? 10.959  0.474   3.950   1.00 13.52  ? 149 VAL A O   1 
ATOM   1178 C  CB  . VAL A 1 149 ? 8.283   1.915   2.715   1.00 16.96  ? 149 VAL A CB  1 
ATOM   1179 C  CG1 . VAL A 1 149 ? 8.266   0.498   2.103   1.00 7.50   ? 149 VAL A CG1 1 
ATOM   1180 C  CG2 . VAL A 1 149 ? 6.813   2.202   3.036   1.00 13.52  ? 149 VAL A CG2 1 
ATOM   1181 N  N   . ILE A 1 150 ? 11.372  2.500   3.003   1.00 11.72  ? 150 ILE A N   1 
ATOM   1182 C  CA  . ILE A 1 150 ? 12.742  2.204   2.629   1.00 11.87  ? 150 ILE A CA  1 
ATOM   1183 C  C   . ILE A 1 150 ? 13.579  1.957   3.840   1.00 14.36  ? 150 ILE A C   1 
ATOM   1184 O  O   . ILE A 1 150 ? 14.374  1.046   3.886   1.00 14.89  ? 150 ILE A O   1 
ATOM   1185 C  CB  . ILE A 1 150 ? 13.340  3.309   1.718   1.00 11.82  ? 150 ILE A CB  1 
ATOM   1186 C  CG1 . ILE A 1 150 ? 12.676  3.226   0.345   1.00 11.94  ? 150 ILE A CG1 1 
ATOM   1187 C  CG2 . ILE A 1 150 ? 14.856  3.088   1.612   1.00 19.54  ? 150 ILE A CG2 1 
ATOM   1188 C  CD1 . ILE A 1 150 ? 13.083  4.368   -0.529  1.00 10.54  ? 150 ILE A CD1 1 
ATOM   1189 N  N   . THR A 1 151 ? 13.369  2.770   4.863   1.00 10.09  ? 151 THR A N   1 
ATOM   1190 C  CA  . THR A 1 151 ? 14.115  2.540   6.099   1.00 20.56  ? 151 THR A CA  1 
ATOM   1191 C  C   . THR A 1 151 ? 13.775  1.230   6.753   1.00 16.68  ? 151 THR A C   1 
ATOM   1192 O  O   . THR A 1 151 ? 14.574  0.573   7.463   1.00 17.33  ? 151 THR A O   1 
ATOM   1193 C  CB  . THR A 1 151 ? 13.721  3.558   7.178   1.00 29.96  ? 151 THR A CB  1 
ATOM   1194 O  OG1 . THR A 1 151 ? 14.229  4.779   6.680   1.00 33.09  ? 151 THR A OG1 1 
ATOM   1195 C  CG2 . THR A 1 151 ? 14.280  3.289   8.588   1.00 23.18  ? 151 THR A CG2 1 
ATOM   1196 N  N   . THR A 1 152 ? 12.509  0.902   6.529   1.00 15.30  ? 152 THR A N   1 
ATOM   1197 C  CA  . THR A 1 152 ? 11.988  -0.328  7.071   1.00 21.70  ? 152 THR A CA  1 
ATOM   1198 C  C   . THR A 1 152 ? 12.694  -1.468  6.335   1.00 18.19  ? 152 THR A C   1 
ATOM   1199 O  O   . THR A 1 152 ? 13.180  -2.472  6.892   1.00 14.54  ? 152 THR A O   1 
ATOM   1200 C  CB  . THR A 1 152 ? 10.435  -0.359  7.017   1.00 8.78   ? 152 THR A CB  1 
ATOM   1201 O  OG1 . THR A 1 152 ? 9.903   0.615   7.874   1.00 13.05  ? 152 THR A OG1 1 
ATOM   1202 C  CG2 . THR A 1 152 ? 9.975   -1.701  7.599   1.00 15.54  ? 152 THR A CG2 1 
ATOM   1203 N  N   . PHE A 1 153 ? 12.753  -1.350  5.017   1.00 10.66  ? 153 PHE A N   1 
ATOM   1204 C  CA  . PHE A 1 153 ? 13.424  -2.468  4.384   1.00 9.49   ? 153 PHE A CA  1 
ATOM   1205 C  C   . PHE A 1 153 ? 14.916  -2.495  4.661   1.00 23.19  ? 153 PHE A C   1 
ATOM   1206 O  O   . PHE A 1 153 ? 15.571  -3.529  4.630   1.00 19.86  ? 153 PHE A O   1 
ATOM   1207 C  CB  . PHE A 1 153 ? 13.394  -2.223  2.869   1.00 4.93   ? 153 PHE A CB  1 
ATOM   1208 C  CG  . PHE A 1 153 ? 12.132  -2.642  2.154   1.00 14.11  ? 153 PHE A CG  1 
ATOM   1209 C  CD1 . PHE A 1 153 ? 11.406  -1.711  1.404   1.00 20.91  ? 153 PHE A CD1 1 
ATOM   1210 C  CD2 . PHE A 1 153 ? 11.752  -3.996  2.100   1.00 17.46  ? 153 PHE A CD2 1 
ATOM   1211 C  CE1 . PHE A 1 153 ? 10.255  -2.121  0.713   1.00 14.81  ? 153 PHE A CE1 1 
ATOM   1212 C  CE2 . PHE A 1 153 ? 10.616  -4.411  1.384   1.00 17.07  ? 153 PHE A CE2 1 
ATOM   1213 C  CZ  . PHE A 1 153 ? 9.875   -3.467  0.662   1.00 23.03  ? 153 PHE A CZ  1 
ATOM   1214 N  N   . ARG A 1 154 ? 15.489  -1.310  4.876   1.00 18.88  ? 154 ARG A N   1 
ATOM   1215 C  CA  . ARG A 1 154 ? 16.925  -1.255  5.078   1.00 12.80  ? 154 ARG A CA  1 
ATOM   1216 C  C   . ARG A 1 154 ? 17.359  -1.812  6.396   1.00 17.06  ? 154 ARG A C   1 
ATOM   1217 O  O   . ARG A 1 154 ? 18.390  -2.480  6.439   1.00 21.45  ? 154 ARG A O   1 
ATOM   1218 C  CB  . ARG A 1 154 ? 17.484  0.155   5.136   1.00 21.56  ? 154 ARG A CB  1 
ATOM   1219 C  CG  . ARG A 1 154 ? 19.001  0.211   4.976   1.00 20.92  ? 154 ARG A CG  1 
ATOM   1220 C  CD  . ARG A 1 154 ? 19.454  1.678   5.105   1.00 24.07  ? 154 ARG A CD  1 
ATOM   1221 N  NE  . ARG A 1 154 ? 19.475  2.315   3.785   1.00 100.00 ? 154 ARG A NE  1 
ATOM   1222 C  CZ  . ARG A 1 154 ? 20.573  2.580   3.026   1.00 100.00 ? 154 ARG A CZ  1 
ATOM   1223 N  NH1 . ARG A 1 154 ? 21.825  2.381   3.416   1.00 100.00 ? 154 ARG A NH1 1 
ATOM   1224 N  NH2 . ARG A 1 154 ? 20.352  3.175   1.825   1.00 100.00 ? 154 ARG A NH2 1 
ATOM   1225 N  N   . THR A 1 155 ? 16.561  -1.529  7.422   1.00 15.52  ? 155 THR A N   1 
ATOM   1226 C  CA  . THR A 1 155 ? 16.845  -1.945  8.778   1.00 17.09  ? 155 THR A CA  1 
ATOM   1227 C  C   . THR A 1 155 ? 16.136  -3.166  9.321   1.00 25.68  ? 155 THR A C   1 
ATOM   1228 O  O   . THR A 1 155 ? 16.556  -3.728  10.307  1.00 26.42  ? 155 THR A O   1 
ATOM   1229 C  CB  . THR A 1 155 ? 16.558  -0.886  9.875   1.00 15.51  ? 155 THR A CB  1 
ATOM   1230 O  OG1 . THR A 1 155 ? 15.232  -0.463  9.863   1.00 21.07  ? 155 THR A OG1 1 
ATOM   1231 C  CG2 . THR A 1 155 ? 17.336  0.380   9.754   1.00 16.12  ? 155 THR A CG2 1 
ATOM   1232 N  N   . GLY A 1 156 ? 15.018  -3.587  8.803   1.00 18.22  ? 156 GLY A N   1 
ATOM   1233 C  CA  . GLY A 1 156 ? 14.386  -4.662  9.513   1.00 14.97  ? 156 GLY A CA  1 
ATOM   1234 C  C   . GLY A 1 156 ? 13.826  -4.270  10.927  1.00 25.73  ? 156 GLY A C   1 
ATOM   1235 O  O   . GLY A 1 156 ? 13.492  -5.107  11.726  1.00 19.18  ? 156 GLY A O   1 
ATOM   1236 N  N   . THR A 1 157 ? 13.640  -3.006  11.280  1.00 16.26  ? 157 THR A N   1 
ATOM   1237 C  CA  . THR A 1 157 ? 13.069  -2.544  12.541  1.00 15.77  ? 157 THR A CA  1 
ATOM   1238 C  C   . THR A 1 157 ? 11.927  -1.550  12.277  1.00 21.43  ? 157 THR A C   1 
ATOM   1239 O  O   . THR A 1 157 ? 11.750  -1.140  11.141  1.00 11.03  ? 157 THR A O   1 
ATOM   1240 C  CB  . THR A 1 157 ? 13.991  -1.556  13.294  1.00 25.35  ? 157 THR A CB  1 
ATOM   1241 O  OG1 . THR A 1 157 ? 14.153  -0.355  12.547  1.00 22.73  ? 157 THR A OG1 1 
ATOM   1242 C  CG2 . THR A 1 157 ? 15.315  -2.204  13.650  1.00 26.76  ? 157 THR A CG2 1 
ATOM   1243 N  N   . TRP A 1 158 ? 11.166  -1.140  13.304  1.00 14.94  ? 158 TRP A N   1 
ATOM   1244 C  CA  . TRP A 1 158 ? 10.062  -0.195  13.112  1.00 11.00  ? 158 TRP A CA  1 
ATOM   1245 C  C   . TRP A 1 158 ? 10.459  1.217   13.480  1.00 23.64  ? 158 TRP A C   1 
ATOM   1246 O  O   . TRP A 1 158 ? 9.662   2.049   13.769  1.00 14.87  ? 158 TRP A O   1 
ATOM   1247 C  CB  . TRP A 1 158 ? 8.961   -0.462  14.120  1.00 10.54  ? 158 TRP A CB  1 
ATOM   1248 C  CG  . TRP A 1 158 ? 8.246   -1.727  13.750  1.00 21.55  ? 158 TRP A CG  1 
ATOM   1249 C  CD1 . TRP A 1 158 ? 8.326   -2.882  14.458  1.00 22.96  ? 158 TRP A CD1 1 
ATOM   1250 C  CD2 . TRP A 1 158 ? 7.360   -2.036  12.583  1.00 28.10  ? 158 TRP A CD2 1 
ATOM   1251 N  NE1 . TRP A 1 158 ? 7.618   -3.880  13.806  1.00 19.41  ? 158 TRP A NE1 1 
ATOM   1252 C  CE2 . TRP A 1 158 ? 7.010   -3.407  12.650  1.00 17.28  ? 158 TRP A CE2 1 
ATOM   1253 C  CE3 . TRP A 1 158 ? 6.874   -1.349  11.466  1.00 19.12  ? 158 TRP A CE3 1 
ATOM   1254 C  CZ2 . TRP A 1 158 ? 6.139   -4.032  11.715  1.00 15.67  ? 158 TRP A CZ2 1 
ATOM   1255 C  CZ3 . TRP A 1 158 ? 6.025   -1.986  10.566  1.00 19.87  ? 158 TRP A CZ3 1 
ATOM   1256 C  CH2 . TRP A 1 158 ? 5.647   -3.300  10.674  1.00 15.42  ? 158 TRP A CH2 1 
ATOM   1257 N  N   . ASP A 1 159 ? 11.727  1.514   13.467  1.00 20.44  ? 159 ASP A N   1 
ATOM   1258 C  CA  . ASP A 1 159 ? 12.123  2.842   13.876  1.00 21.12  ? 159 ASP A CA  1 
ATOM   1259 C  C   . ASP A 1 159 ? 11.551  4.031   13.124  1.00 28.60  ? 159 ASP A C   1 
ATOM   1260 O  O   . ASP A 1 159 ? 11.439  5.108   13.694  1.00 22.21  ? 159 ASP A O   1 
ATOM   1261 C  CB  . ASP A 1 159 ? 13.655  2.877   14.022  1.00 24.27  ? 159 ASP A CB  1 
ATOM   1262 C  CG  . ASP A 1 159 ? 14.083  1.891   15.116  1.00 54.59  ? 159 ASP A CG  1 
ATOM   1263 O  OD1 . ASP A 1 159 ? 13.395  1.525   16.080  1.00 99.82  ? 159 ASP A OD1 1 
ATOM   1264 O  OD2 . ASP A 1 159 ? 15.279  1.440   14.897  1.00 42.02  ? 159 ASP A OD2 1 
ATOM   1265 N  N   . ALA A 1 160 ? 11.245  3.878   11.840  1.00 16.44  ? 160 ALA A N   1 
ATOM   1266 C  CA  . ALA A 1 160 ? 10.766  5.002   11.025  1.00 11.40  ? 160 ALA A CA  1 
ATOM   1267 C  C   . ALA A 1 160 ? 9.336   5.254   11.406  1.00 24.51  ? 160 ALA A C   1 
ATOM   1268 O  O   . ALA A 1 160 ? 8.787   6.294   11.157  1.00 26.26  ? 160 ALA A O   1 
ATOM   1269 C  CB  . ALA A 1 160 ? 10.889  4.651   9.527   1.00 18.01  ? 160 ALA A CB  1 
ATOM   1270 N  N   . TYR A 1 161 ? 8.751   4.275   12.072  1.00 15.91  ? 161 TYR A N   1 
ATOM   1271 C  CA  . TYR A 1 161 ? 7.388   4.468   12.493  1.00 18.45  ? 161 TYR A CA  1 
ATOM   1272 C  C   . TYR A 1 161 ? 7.339   4.829   13.951  1.00 33.58  ? 161 TYR A C   1 
ATOM   1273 O  O   . TYR A 1 161 ? 6.231   5.098   14.436  1.00 25.54  ? 161 TYR A O   1 
ATOM   1274 C  CB  . TYR A 1 161 ? 6.606   3.226   12.174  1.00 12.00  ? 161 TYR A CB  1 
ATOM   1275 C  CG  . TYR A 1 161 ? 6.304   3.211   10.719  1.00 14.61  ? 161 TYR A CG  1 
ATOM   1276 C  CD1 . TYR A 1 161 ? 7.289   2.683   9.905   1.00 11.52  ? 161 TYR A CD1 1 
ATOM   1277 C  CD2 . TYR A 1 161 ? 5.134   3.741   10.175  1.00 9.03   ? 161 TYR A CD2 1 
ATOM   1278 C  CE1 . TYR A 1 161 ? 7.069   2.593   8.541   1.00 10.53  ? 161 TYR A CE1 1 
ATOM   1279 C  CE2 . TYR A 1 161 ? 4.925   3.682   8.799   1.00 12.85  ? 161 TYR A CE2 1 
ATOM   1280 C  CZ  . TYR A 1 161 ? 5.894   3.080   7.990   1.00 11.36  ? 161 TYR A CZ  1 
ATOM   1281 O  OH  . TYR A 1 161 ? 5.753   3.043   6.620   1.00 18.70  ? 161 TYR A OH  1 
ATOM   1282 N  N   . LYS A 1 162 ? 8.562   4.837   14.558  1.00 45.35  ? 162 LYS A N   1 
ATOM   1283 C  CA  . LYS A 1 162 ? 8.903   5.199   15.927  1.00 53.24  ? 162 LYS A CA  1 
ATOM   1284 C  C   . LYS A 1 162 ? 8.266   4.196   16.893  1.00 100.00 ? 162 LYS A C   1 
ATOM   1285 O  O   . LYS A 1 162 ? 8.553   2.982   16.870  1.00 88.12  ? 162 LYS A O   1 
ATOM   1286 C  CB  . LYS A 1 162 ? 8.857   6.712   16.131  1.00 43.60  ? 162 LYS A CB  1 
ATOM   1287 C  CG  . LYS A 1 162 ? 7.652   7.202   16.916  1.00 27.81  ? 162 LYS A CG  1 
ATOM   1288 C  CD  . LYS A 1 162 ? 7.365   8.679   16.592  1.00 97.49  ? 162 LYS A CD  1 
ATOM   1289 C  CE  . LYS A 1 162 ? 5.896   9.039   16.304  1.00 100.00 ? 162 LYS A CE  1 
ATOM   1290 N  NZ  . LYS A 1 162 ? 5.533   9.143   14.867  1.00 100.00 ? 162 LYS A NZ  1 
HETATM 1291 CL CL  . CL  B 2 .   ? 4.803   11.125  1.489   1.00 45.94  ? 173 CL  A CL  1 
HETATM 1292 CL CL  . CL  C 2 .   ? -16.189 -4.676  -0.722  1.00 46.78  ? 178 CL  A CL  1 
HETATM 1293 C  C1  . BME D 3 .   ? -5.177  -14.533 3.578   1.00 56.47  ? 169 BME A C1  1 
HETATM 1294 C  C2  . BME D 3 .   ? -3.849  -13.740 3.672   1.00 83.84  ? 169 BME A C2  1 
HETATM 1295 O  O1  . BME D 3 .   ? -6.133  -14.059 4.476   1.00 69.18  ? 169 BME A O1  1 
HETATM 1296 S  S2  . BME D 3 .   ? -2.670  -14.247 2.413   1.00 85.93  ? 169 BME A S2  1 
HETATM 1297 C  C1  . BME E 3 .   ? 1.263   -10.082 8.532   1.00 34.71  ? 170 BME A C1  1 
HETATM 1298 C  C2  . BME E 3 .   ? 0.720   -11.224 7.665   1.00 70.78  ? 170 BME A C2  1 
HETATM 1299 O  O1  . BME E 3 .   ? 2.346   -9.398  7.910   1.00 47.50  ? 170 BME A O1  1 
HETATM 1300 S  S2  . BME E 3 .   ? -1.063  -11.242 7.838   1.00 72.91  ? 170 BME A S2  1 
HETATM 1301 C  C4  . 3CH F 4 .   ? 9.152   -7.854  -1.855  1.00 37.92  ? 401 3CH A C4  1 
HETATM 1302 C  C5  . 3CH F 4 .   ? 9.693   -6.568  -1.903  1.00 41.05  ? 401 3CH A C5  1 
HETATM 1303 C  C3  . 3CH F 4 .   ? 7.858   -7.989  -2.332  1.00 31.39  ? 401 3CH A C3  1 
HETATM 1304 C  C6  . 3CH F 4 .   ? 9.009   -5.446  -2.371  1.00 20.91  ? 401 3CH A C6  1 
HETATM 1305 C  C2  . 3CH F 4 .   ? 7.132   -6.896  -2.800  1.00 23.35  ? 401 3CH A C2  1 
HETATM 1306 C  C1  . 3CH F 4 .   ? 7.711   -5.624  -2.823  1.00 27.88  ? 401 3CH A C1  1 
HETATM 1307 O  OH  . 3CH F 4 .   ? 7.033   -4.515  -3.250  1.00 35.37  ? 401 3CH A OH  1 
HETATM 1308 CL CL  . 3CH F 4 .   ? 7.286   -9.233  -2.321  1.00 46.35  ? 401 3CH A CL  1 
HETATM 1309 O  O   . HOH G 5 .   ? -8.687  0.237   2.779   1.00 9.49   ? 171 HOH A O   1 
HETATM 1310 O  O   . HOH G 5 .   ? 3.969   7.344   -5.256  1.00 36.70  ? 172 HOH A O   1 
HETATM 1311 O  O   . HOH G 5 .   ? 3.681   14.856  -4.244  1.00 27.44  ? 174 HOH A O   1 
HETATM 1312 O  O   . HOH G 5 .   ? 11.256  1.552   10.070  1.00 24.58  ? 175 HOH A O   1 
HETATM 1313 O  O   . HOH G 5 .   ? -22.012 6.494   -2.344  1.00 23.04  ? 176 HOH A O   1 
HETATM 1314 O  O   . HOH G 5 .   ? -16.027 -9.458  3.726   1.00 22.30  ? 177 HOH A O   1 
HETATM 1315 O  O   . HOH G 5 .   ? -10.792 1.596   4.230   1.00 13.72  ? 179 HOH A O   1 
HETATM 1316 O  O   . HOH G 5 .   ? 9.906   10.038  6.059   1.00 26.69  ? 180 HOH A O   1 
HETATM 1317 O  O   . HOH G 5 .   ? 11.202  -15.096 7.710   1.00 27.39  ? 181 HOH A O   1 
HETATM 1318 O  O   . HOH G 5 .   ? -11.879 -4.115  -0.188  1.00 26.83  ? 182 HOH A O   1 
HETATM 1319 O  O   . HOH G 5 .   ? -17.897 -6.942  1.952   1.00 33.62  ? 183 HOH A O   1 
HETATM 1320 O  O   . HOH G 5 .   ? -10.530 -10.882 3.699   1.00 35.30  ? 185 HOH A O   1 
HETATM 1321 O  O   . HOH G 5 .   ? -9.101  -3.298  9.906   1.00 32.37  ? 186 HOH A O   1 
HETATM 1322 O  O   . HOH G 5 .   ? 1.441   -3.452  18.076  1.00 32.07  ? 187 HOH A O   1 
HETATM 1323 O  O   . HOH G 5 .   ? 11.879  15.295  -6.781  1.00 44.53  ? 188 HOH A O   1 
HETATM 1324 O  O   . HOH G 5 .   ? -10.462 9.265   -9.475  1.00 29.08  ? 190 HOH A O   1 
HETATM 1325 O  O   . HOH G 5 .   ? -10.257 12.226  -10.358 1.00 37.75  ? 191 HOH A O   1 
HETATM 1326 O  O   . HOH G 5 .   ? 12.349  -17.750 -1.209  1.00 29.87  ? 193 HOH A O   1 
HETATM 1327 O  O   . HOH G 5 .   ? 2.043   -7.216  10.739  1.00 23.23  ? 195 HOH A O   1 
HETATM 1328 O  O   . HOH G 5 .   ? -23.613 7.095   4.569   1.00 37.72  ? 196 HOH A O   1 
HETATM 1329 O  O   . HOH G 5 .   ? -20.893 0.461   -10.312 1.00 24.85  ? 198 HOH A O   1 
HETATM 1330 O  O   . HOH G 5 .   ? 4.609   -10.404 9.112   1.00 27.24  ? 199 HOH A O   1 
HETATM 1331 O  O   . HOH G 5 .   ? -13.886 -0.725  -4.418  1.00 31.20  ? 200 HOH A O   1 
HETATM 1332 O  O   . HOH G 5 .   ? -10.121 -9.653  0.649   1.00 39.78  ? 201 HOH A O   1 
HETATM 1333 O  O   . HOH G 5 .   ? -6.100  5.689   -3.379  1.00 27.97  ? 203 HOH A O   1 
HETATM 1334 O  O   . HOH G 5 .   ? -4.367  6.640   -0.732  1.00 54.78  ? 204 HOH A O   1 
HETATM 1335 O  O   . HOH G 5 .   ? 1.397   8.141   0.611   1.00 35.46  ? 207 HOH A O   1 
HETATM 1336 O  O   . HOH G 5 .   ? 4.594   2.117   0.038   1.00 12.87  ? 208 HOH A O   1 
HETATM 1337 O  O   . HOH G 5 .   ? 13.660  -7.849  11.440  1.00 30.95  ? 210 HOH A O   1 
HETATM 1338 O  O   . HOH G 5 .   ? 8.154   10.018  8.512   1.00 34.40  ? 211 HOH A O   1 
HETATM 1339 O  O   . HOH G 5 .   ? 15.536  -11.455 1.778   1.00 17.67  ? 213 HOH A O   1 
HETATM 1340 O  O   . HOH G 5 .   ? 22.318  -2.689  6.183   1.00 41.90  ? 217 HOH A O   1 
HETATM 1341 O  O   . HOH G 5 .   ? 22.213  0.327   -5.270  1.00 34.27  ? 218 HOH A O   1 
HETATM 1342 O  O   . HOH G 5 .   ? 20.961  1.339   -7.629  1.00 27.46  ? 219 HOH A O   1 
HETATM 1343 O  O   . HOH G 5 .   ? -1.176  -5.942  19.601  1.00 42.26  ? 221 HOH A O   1 
HETATM 1344 O  O   . HOH G 5 .   ? -10.837 2.251   -11.841 1.00 45.16  ? 222 HOH A O   1 
HETATM 1345 O  O   . HOH G 5 .   ? 0.890   -6.064  17.209  1.00 31.23  ? 223 HOH A O   1 
HETATM 1346 O  O   . HOH G 5 .   ? 3.919   -18.495 1.885   1.00 34.68  ? 226 HOH A O   1 
HETATM 1347 O  O   . HOH G 5 .   ? 23.821  -3.575  3.127   1.00 34.34  ? 235 HOH A O   1 
HETATM 1348 O  O   . HOH G 5 .   ? 20.738  -3.460  7.978   1.00 28.03  ? 238 HOH A O   1 
HETATM 1349 O  O   . HOH G 5 .   ? -18.269 -4.396  2.475   1.00 36.90  ? 239 HOH A O   1 
HETATM 1350 O  O   . HOH G 5 .   ? -14.941 -3.207  10.953  1.00 32.86  ? 240 HOH A O   1 
HETATM 1351 O  O   . HOH G 5 .   ? 19.445  6.898   -4.072  1.00 38.44  ? 251 HOH A O   1 
HETATM 1352 O  O   . HOH G 5 .   ? -2.570  4.072   -1.144  1.00 48.38  ? 256 HOH A O   1 
HETATM 1353 O  O   . HOH G 5 .   ? -4.610  2.785   -1.966  1.00 48.17  ? 265 HOH A O   1 
HETATM 1354 O  O   . HOH G 5 .   ? -4.654  13.378  -0.941  1.00 32.88  ? 269 HOH A O   1 
HETATM 1355 O  O   . HOH G 5 .   ? 8.251   4.073   -9.410  1.00 18.59  ? 270 HOH A O   1 
HETATM 1356 O  O   . HOH G 5 .   ? 13.277  -5.838  14.475  1.00 45.18  ? 273 HOH A O   1 
HETATM 1357 O  O   . HOH G 5 .   ? -4.999  -2.538  -1.896  1.00 40.10  ? 274 HOH A O   1 
HETATM 1358 O  O   . HOH G 5 .   ? 19.584  -6.226  9.199   1.00 34.18  ? 277 HOH A O   1 
HETATM 1359 O  O   . HOH G 5 .   ? -25.096 7.122   -3.462  1.00 35.94  ? 278 HOH A O   1 
HETATM 1360 O  O   . HOH G 5 .   ? -13.563 0.306   -6.830  1.00 36.60  ? 281 HOH A O   1 
HETATM 1361 O  O   . HOH G 5 .   ? -14.255 -3.702  -2.948  1.00 26.07  ? 282 HOH A O   1 
HETATM 1362 O  O   . HOH G 5 .   ? 15.859  -15.824 3.383   1.00 39.63  ? 291 HOH A O   1 
HETATM 1363 O  O   . HOH G 5 .   ? 24.274  -3.715  0.690   1.00 22.84  ? 293 HOH A O   1 
HETATM 1364 O  O   . HOH G 5 .   ? 6.558   -3.585  17.869  1.00 35.84  ? 296 HOH A O   1 
HETATM 1365 O  O   . HOH G 5 .   ? -6.853  0.260   -2.803  1.00 47.18  ? 299 HOH A O   1 
HETATM 1366 O  O   . HOH G 5 .   ? 23.149  -5.603  4.534   1.00 40.38  ? 311 HOH A O   1 
HETATM 1367 O  O   . HOH G 5 .   ? -13.658 -5.589  9.552   1.00 38.28  ? 320 HOH A O   1 
HETATM 1368 O  O   . HOH G 5 .   ? -8.239  -12.037 -0.359  1.00 53.53  ? 321 HOH A O   1 
HETATM 1369 O  O   . HOH G 5 .   ? -25.564 -1.193  -3.258  1.00 44.30  ? 322 HOH A O   1 
# 
loop_
_pdbx_poly_seq_scheme.asym_id 
_pdbx_poly_seq_scheme.entity_id 
_pdbx_poly_seq_scheme.seq_id 
_pdbx_poly_seq_scheme.mon_id 
_pdbx_poly_seq_scheme.ndb_seq_num 
_pdbx_poly_seq_scheme.pdb_seq_num 
_pdbx_poly_seq_scheme.auth_seq_num 
_pdbx_poly_seq_scheme.pdb_mon_id 
_pdbx_poly_seq_scheme.auth_mon_id 
_pdbx_poly_seq_scheme.pdb_strand_id 
_pdbx_poly_seq_scheme.pdb_ins_code 
_pdbx_poly_seq_scheme.hetero 
A 1 1   MET 1   1   1   MET MET A . n 
A 1 2   ASN 2   2   2   ASN ASN A . n 
A 1 3   ILE 3   3   3   ILE ILE A . n 
A 1 4   PHE 4   4   4   PHE PHE A . n 
A 1 5   GLU 5   5   5   GLU GLU A . n 
A 1 6   MET 6   6   6   MET MET A . n 
A 1 7   LEU 7   7   7   LEU LEU A . n 
A 1 8   ARG 8   8   8   ARG ARG A . n 
A 1 9   ILE 9   9   9   ILE ILE A . n 
A 1 10  ASP 10  10  10  ASP ASP A . n 
A 1 11  GLU 11  11  11  GLU GLU A . n 
A 1 12  GLY 12  12  12  GLY GLY A . n 
A 1 13  LEU 13  13  13  LEU LEU A . n 
A 1 14  ARG 14  14  14  ARG ARG A . n 
A 1 15  LEU 15  15  15  LEU LEU A . n 
A 1 16  LYS 16  16  16  LYS LYS A . n 
A 1 17  ILE 17  17  17  ILE ILE A . n 
A 1 18  TYR 18  18  18  TYR TYR A . n 
A 1 19  LYS 19  19  19  LYS LYS A . n 
A 1 20  ASP 20  20  20  ASP ASP A . n 
A 1 21  THR 21  21  21  THR THR A . n 
A 1 22  GLU 22  22  22  GLU GLU A . n 
A 1 23  GLY 23  23  23  GLY GLY A . n 
A 1 24  TYR 24  24  24  TYR TYR A . n 
A 1 25  TYR 25  25  25  TYR TYR A . n 
A 1 26  THR 26  26  26  THR THR A . n 
A 1 27  ILE 27  27  27  ILE ILE A . n 
A 1 28  GLY 28  28  28  GLY GLY A . n 
A 1 29  ILE 29  29  29  ILE ILE A . n 
A 1 30  GLY 30  30  30  GLY GLY A . n 
A 1 31  HIS 31  31  31  HIS HIS A . n 
A 1 32  LEU 32  32  32  LEU LEU A . n 
A 1 33  LEU 33  33  33  LEU LEU A . n 
A 1 34  THR 34  34  34  THR THR A . n 
A 1 35  LYS 35  35  35  LYS LYS A . n 
A 1 36  SER 36  36  36  SER SER A . n 
A 1 37  PRO 37  37  37  PRO PRO A . n 
A 1 38  SER 38  38  38  SER SER A . n 
A 1 39  LEU 39  39  39  LEU LEU A . n 
A 1 40  ASN 40  40  40  ASN ASN A . n 
A 1 41  ALA 41  41  41  ALA ALA A . n 
A 1 42  ALA 42  42  42  ALA ALA A . n 
A 1 43  LYS 43  43  43  LYS LYS A . n 
A 1 44  SER 44  44  44  SER SER A . n 
A 1 45  GLU 45  45  45  GLU GLU A . n 
A 1 46  LEU 46  46  46  LEU LEU A . n 
A 1 47  ASP 47  47  47  ASP ASP A . n 
A 1 48  LYS 48  48  48  LYS LYS A . n 
A 1 49  ALA 49  49  49  ALA ALA A . n 
A 1 50  ILE 50  50  50  ILE ILE A . n 
A 1 51  GLY 51  51  51  GLY GLY A . n 
A 1 52  ARG 52  52  52  ARG ARG A . n 
A 1 53  ASN 53  53  53  ASN ASN A . n 
A 1 54  CYS 54  54  54  CYS CYS A . n 
A 1 55  ASN 55  55  55  ASN ASN A . n 
A 1 56  GLY 56  56  56  GLY GLY A . n 
A 1 57  VAL 57  57  57  VAL VAL A . n 
A 1 58  ILE 58  58  58  ILE ILE A . n 
A 1 59  THR 59  59  59  THR THR A . n 
A 1 60  LYS 60  60  60  LYS LYS A . n 
A 1 61  ASP 61  61  61  ASP ASP A . n 
A 1 62  GLU 62  62  62  GLU GLU A . n 
A 1 63  ALA 63  63  63  ALA ALA A . n 
A 1 64  GLU 64  64  64  GLU GLU A . n 
A 1 65  LYS 65  65  65  LYS LYS A . n 
A 1 66  LEU 66  66  66  LEU LEU A . n 
A 1 67  PHE 67  67  67  PHE PHE A . n 
A 1 68  ASN 68  68  68  ASN ASN A . n 
A 1 69  GLN 69  69  69  GLN GLN A . n 
A 1 70  ASP 70  70  70  ASP ASP A . n 
A 1 71  VAL 71  71  71  VAL VAL A . n 
A 1 72  ASP 72  72  72  ASP ASP A . n 
A 1 73  ALA 73  73  73  ALA ALA A . n 
A 1 74  ALA 74  74  74  ALA ALA A . n 
A 1 75  VAL 75  75  75  VAL VAL A . n 
A 1 76  ARG 76  76  76  ARG ARG A . n 
A 1 77  GLY 77  77  77  GLY GLY A . n 
A 1 78  ILE 78  78  78  ILE ILE A . n 
A 1 79  LEU 79  79  79  LEU LEU A . n 
A 1 80  ARG 80  80  80  ARG ARG A . n 
A 1 81  ASN 81  81  81  ASN ASN A . n 
A 1 82  ALA 82  82  82  ALA ALA A . n 
A 1 83  LYS 83  83  83  LYS LYS A . n 
A 1 84  LEU 84  84  84  LEU LEU A . n 
A 1 85  LYS 85  85  85  LYS LYS A . n 
A 1 86  PRO 86  86  86  PRO PRO A . n 
A 1 87  VAL 87  87  87  VAL VAL A . n 
A 1 88  TYR 88  88  88  TYR TYR A . n 
A 1 89  ASP 89  89  89  ASP ASP A . n 
A 1 90  SER 90  90  90  SER SER A . n 
A 1 91  LEU 91  91  91  LEU LEU A . n 
A 1 92  ASP 92  92  92  ASP ASP A . n 
A 1 93  ALA 93  93  93  ALA ALA A . n 
A 1 94  VAL 94  94  94  VAL VAL A . n 
A 1 95  ARG 95  95  95  ARG ARG A . n 
A 1 96  ARG 96  96  96  ARG ARG A . n 
A 1 97  CYS 97  97  97  CYS CYS A . n 
A 1 98  ALA 98  98  98  ALA ALA A . n 
A 1 99  ALA 99  99  99  ALA ALA A . n 
A 1 100 ILE 100 100 100 ILE ILE A . n 
A 1 101 ASN 101 101 101 ASN ASN A . n 
A 1 102 GLN 102 102 102 GLN GLN A . n 
A 1 103 VAL 103 103 103 VAL VAL A . n 
A 1 104 PHE 104 104 104 PHE PHE A . n 
A 1 105 GLN 105 105 105 GLN GLN A . n 
A 1 106 MET 106 106 106 MET MET A . n 
A 1 107 GLY 107 107 107 GLY GLY A . n 
A 1 108 GLU 108 108 108 GLU GLU A . n 
A 1 109 THR 109 109 109 THR THR A . n 
A 1 110 GLY 110 110 110 GLY GLY A . n 
A 1 111 VAL 111 111 111 VAL VAL A . n 
A 1 112 ALA 112 112 112 ALA ALA A . n 
A 1 113 GLY 113 113 113 GLY GLY A . n 
A 1 114 PHE 114 114 114 PHE PHE A . n 
A 1 115 THR 115 115 115 THR THR A . n 
A 1 116 ASN 116 116 116 ASN ASN A . n 
A 1 117 SER 117 117 117 SER SER A . n 
A 1 118 LEU 118 118 118 LEU LEU A . n 
A 1 119 ARG 119 119 119 ARG ARG A . n 
A 1 120 MET 120 120 120 MET MET A . n 
A 1 121 LEU 121 121 121 LEU LEU A . n 
A 1 122 GLN 122 122 122 GLN GLN A . n 
A 1 123 GLN 123 123 123 GLN GLN A . n 
A 1 124 LYS 124 124 124 LYS LYS A . n 
A 1 125 ARG 125 125 125 ARG ARG A . n 
A 1 126 TRP 126 126 126 TRP TRP A . n 
A 1 127 ASP 127 127 127 ASP ASP A . n 
A 1 128 GLU 128 128 128 GLU GLU A . n 
A 1 129 ALA 129 129 129 ALA ALA A . n 
A 1 130 ALA 130 130 130 ALA ALA A . n 
A 1 131 VAL 131 131 131 VAL VAL A . n 
A 1 132 ASN 132 132 132 ASN ASN A . n 
A 1 133 LEU 133 133 133 LEU LEU A . n 
A 1 134 ALA 134 134 134 ALA ALA A . n 
A 1 135 LYS 135 135 135 LYS LYS A . n 
A 1 136 SER 136 136 136 SER SER A . n 
A 1 137 ARG 137 137 137 ARG ARG A . n 
A 1 138 TRP 138 138 138 TRP TRP A . n 
A 1 139 TYR 139 139 139 TYR TYR A . n 
A 1 140 ASN 140 140 140 ASN ASN A . n 
A 1 141 GLN 141 141 141 GLN GLN A . n 
A 1 142 THR 142 142 142 THR THR A . n 
A 1 143 PRO 143 143 143 PRO PRO A . n 
A 1 144 ASN 144 144 144 ASN ASN A . n 
A 1 145 ARG 145 145 145 ARG ARG A . n 
A 1 146 ALA 146 146 146 ALA ALA A . n 
A 1 147 LYS 147 147 147 LYS LYS A . n 
A 1 148 ARG 148 148 148 ARG ARG A . n 
A 1 149 VAL 149 149 149 VAL VAL A . n 
A 1 150 ILE 150 150 150 ILE ILE A . n 
A 1 151 THR 151 151 151 THR THR A . n 
A 1 152 THR 152 152 152 THR THR A . n 
A 1 153 PHE 153 153 153 PHE PHE A . n 
A 1 154 ARG 154 154 154 ARG ARG A . n 
A 1 155 THR 155 155 155 THR THR A . n 
A 1 156 GLY 156 156 156 GLY GLY A . n 
A 1 157 THR 157 157 157 THR THR A . n 
A 1 158 TRP 158 158 158 TRP TRP A . n 
A 1 159 ASP 159 159 159 ASP ASP A . n 
A 1 160 ALA 160 160 160 ALA ALA A . n 
A 1 161 TYR 161 161 161 TYR TYR A . n 
A 1 162 LYS 162 162 162 LYS LYS A . n 
A 1 163 ASN 163 163 ?   ?   ?   A . n 
A 1 164 LEU 164 164 ?   ?   ?   A . n 
# 
loop_
_pdbx_nonpoly_scheme.asym_id 
_pdbx_nonpoly_scheme.entity_id 
_pdbx_nonpoly_scheme.mon_id 
_pdbx_nonpoly_scheme.ndb_seq_num 
_pdbx_nonpoly_scheme.pdb_seq_num 
_pdbx_nonpoly_scheme.auth_seq_num 
_pdbx_nonpoly_scheme.pdb_mon_id 
_pdbx_nonpoly_scheme.auth_mon_id 
_pdbx_nonpoly_scheme.pdb_strand_id 
_pdbx_nonpoly_scheme.pdb_ins_code 
B 2 CL  1  173 173 CL  SOL A . 
C 2 CL  1  178 178 CL  SOL A . 
D 3 BME 1  169 169 BME BME A . 
E 3 BME 1  170 170 BME BME A . 
F 4 3CH 1  401 401 3CH 3CH A . 
G 5 HOH 1  171 171 HOH SOL A . 
G 5 HOH 2  172 172 HOH SOL A . 
G 5 HOH 3  174 174 HOH SOL A . 
G 5 HOH 4  175 175 HOH SOL A . 
G 5 HOH 5  176 176 HOH SOL A . 
G 5 HOH 6  177 177 HOH SOL A . 
G 5 HOH 7  179 179 HOH SOL A . 
G 5 HOH 8  180 180 HOH SOL A . 
G 5 HOH 9  181 181 HOH SOL A . 
G 5 HOH 10 182 182 HOH SOL A . 
G 5 HOH 11 183 183 HOH SOL A . 
G 5 HOH 12 185 185 HOH SOL A . 
G 5 HOH 13 186 186 HOH SOL A . 
G 5 HOH 14 187 187 HOH SOL A . 
G 5 HOH 15 188 188 HOH SOL A . 
G 5 HOH 16 190 190 HOH SOL A . 
G 5 HOH 17 191 191 HOH SOL A . 
G 5 HOH 18 193 193 HOH SOL A . 
G 5 HOH 19 195 195 HOH SOL A . 
G 5 HOH 20 196 196 HOH SOL A . 
G 5 HOH 21 198 198 HOH SOL A . 
G 5 HOH 22 199 199 HOH SOL A . 
G 5 HOH 23 200 200 HOH SOL A . 
G 5 HOH 24 201 201 HOH SOL A . 
G 5 HOH 25 203 203 HOH SOL A . 
G 5 HOH 26 204 204 HOH SOL A . 
G 5 HOH 27 207 207 HOH SOL A . 
G 5 HOH 28 208 208 HOH SOL A . 
G 5 HOH 29 210 210 HOH SOL A . 
G 5 HOH 30 211 211 HOH SOL A . 
G 5 HOH 31 213 213 HOH SOL A . 
G 5 HOH 32 217 217 HOH SOL A . 
G 5 HOH 33 218 218 HOH SOL A . 
G 5 HOH 34 219 219 HOH SOL A . 
G 5 HOH 35 221 221 HOH SOL A . 
G 5 HOH 36 222 222 HOH SOL A . 
G 5 HOH 37 223 223 HOH SOL A . 
G 5 HOH 38 226 226 HOH SOL A . 
G 5 HOH 39 235 235 HOH SOL A . 
G 5 HOH 40 238 238 HOH SOL A . 
G 5 HOH 41 239 239 HOH SOL A . 
G 5 HOH 42 240 240 HOH SOL A . 
G 5 HOH 43 251 251 HOH SOL A . 
G 5 HOH 44 256 256 HOH SOL A . 
G 5 HOH 45 265 265 HOH SOL A . 
G 5 HOH 46 269 269 HOH SOL A . 
G 5 HOH 47 270 270 HOH SOL A . 
G 5 HOH 48 273 273 HOH SOL A . 
G 5 HOH 49 274 274 HOH SOL A . 
G 5 HOH 50 277 277 HOH SOL A . 
G 5 HOH 51 278 278 HOH SOL A . 
G 5 HOH 52 281 281 HOH SOL A . 
G 5 HOH 53 282 282 HOH SOL A . 
G 5 HOH 54 291 291 HOH SOL A . 
G 5 HOH 55 293 293 HOH SOL A . 
G 5 HOH 56 296 296 HOH SOL A . 
G 5 HOH 57 299 299 HOH SOL A . 
G 5 HOH 58 311 311 HOH SOL A . 
G 5 HOH 59 320 320 HOH SOL A . 
G 5 HOH 60 321 321 HOH SOL A . 
G 5 HOH 61 322 322 HOH SOL A . 
# 
_pdbx_struct_assembly.id                   1 
_pdbx_struct_assembly.details              author_defined_assembly 
_pdbx_struct_assembly.method_details       ? 
_pdbx_struct_assembly.oligomeric_details   monomeric 
_pdbx_struct_assembly.oligomeric_count     1 
# 
_pdbx_struct_assembly_gen.assembly_id       1 
_pdbx_struct_assembly_gen.oper_expression   1 
_pdbx_struct_assembly_gen.asym_id_list      A,B,C,D,E,F,G 
# 
_pdbx_struct_oper_list.id                   1 
_pdbx_struct_oper_list.type                 'identity operation' 
_pdbx_struct_oper_list.name                 1_555 
_pdbx_struct_oper_list.symmetry_operation   x,y,z 
_pdbx_struct_oper_list.matrix[1][1]         1.0000000000 
_pdbx_struct_oper_list.matrix[1][2]         0.0000000000 
_pdbx_struct_oper_list.matrix[1][3]         0.0000000000 
_pdbx_struct_oper_list.vector[1]            0.0000000000 
_pdbx_struct_oper_list.matrix[2][1]         0.0000000000 
_pdbx_struct_oper_list.matrix[2][2]         1.0000000000 
_pdbx_struct_oper_list.matrix[2][3]         0.0000000000 
_pdbx_struct_oper_list.vector[2]            0.0000000000 
_pdbx_struct_oper_list.matrix[3][1]         0.0000000000 
_pdbx_struct_oper_list.matrix[3][2]         0.0000000000 
_pdbx_struct_oper_list.matrix[3][3]         1.0000000000 
_pdbx_struct_oper_list.vector[3]            0.0000000000 
# 
loop_
_pdbx_audit_revision_history.ordinal 
_pdbx_audit_revision_history.data_content_type 
_pdbx_audit_revision_history.major_revision 
_pdbx_audit_revision_history.minor_revision 
_pdbx_audit_revision_history.revision_date 
1 'Structure model' 1 0 2002-05-08 
2 'Structure model' 1 1 2008-04-28 
3 'Structure model' 1 2 2011-07-13 
4 'Structure model' 1 3 2021-10-27 
5 'Structure model' 1 4 2023-08-16 
# 
_pdbx_audit_revision_details.ordinal             1 
_pdbx_audit_revision_details.revision_ordinal    1 
_pdbx_audit_revision_details.data_content_type   'Structure model' 
_pdbx_audit_revision_details.provider            repository 
_pdbx_audit_revision_details.type                'Initial release' 
_pdbx_audit_revision_details.description         ? 
_pdbx_audit_revision_details.details             ? 
# 
loop_
_pdbx_audit_revision_group.ordinal 
_pdbx_audit_revision_group.revision_ordinal 
_pdbx_audit_revision_group.data_content_type 
_pdbx_audit_revision_group.group 
1 2 'Structure model' 'Version format compliance' 
2 3 'Structure model' 'Version format compliance' 
3 4 'Structure model' 'Database references'       
4 4 'Structure model' 'Derived calculations'      
5 5 'Structure model' 'Data collection'           
6 5 'Structure model' 'Refinement description'    
# 
loop_
_pdbx_audit_revision_category.ordinal 
_pdbx_audit_revision_category.revision_ordinal 
_pdbx_audit_revision_category.data_content_type 
_pdbx_audit_revision_category.category 
1 4 'Structure model' database_2                    
2 4 'Structure model' struct_ref_seq_dif            
3 4 'Structure model' struct_site                   
4 5 'Structure model' chem_comp_atom                
5 5 'Structure model' chem_comp_bond                
6 5 'Structure model' pdbx_initial_refinement_model 
# 
loop_
_pdbx_audit_revision_item.ordinal 
_pdbx_audit_revision_item.revision_ordinal 
_pdbx_audit_revision_item.data_content_type 
_pdbx_audit_revision_item.item 
1 4 'Structure model' '_database_2.pdbx_DOI'                
2 4 'Structure model' '_database_2.pdbx_database_accession' 
3 4 'Structure model' '_struct_ref_seq_dif.details'         
4 4 'Structure model' '_struct_site.pdbx_auth_asym_id'      
5 4 'Structure model' '_struct_site.pdbx_auth_comp_id'      
6 4 'Structure model' '_struct_site.pdbx_auth_seq_id'       
# 
loop_
_software.name 
_software.classification 
_software.version 
_software.citation_id 
_software.pdbx_ordinal 
SDMS 'data collection' . ? 1 
SDMS 'data reduction'  . ? 2 
TNT  refinement        . ? 3 
SDMS 'data scaling'    . ? 4 
TNT  phasing           . ? 5 
# 
_pdbx_validate_rmsd_bond.id                        1 
_pdbx_validate_rmsd_bond.PDB_model_num             1 
_pdbx_validate_rmsd_bond.auth_atom_id_1            CD 
_pdbx_validate_rmsd_bond.auth_asym_id_1            A 
_pdbx_validate_rmsd_bond.auth_comp_id_1            GLU 
_pdbx_validate_rmsd_bond.auth_seq_id_1             128 
_pdbx_validate_rmsd_bond.PDB_ins_code_1            ? 
_pdbx_validate_rmsd_bond.label_alt_id_1            ? 
_pdbx_validate_rmsd_bond.auth_atom_id_2            OE2 
_pdbx_validate_rmsd_bond.auth_asym_id_2            A 
_pdbx_validate_rmsd_bond.auth_comp_id_2            GLU 
_pdbx_validate_rmsd_bond.auth_seq_id_2             128 
_pdbx_validate_rmsd_bond.PDB_ins_code_2            ? 
_pdbx_validate_rmsd_bond.label_alt_id_2            ? 
_pdbx_validate_rmsd_bond.bond_value                1.321 
_pdbx_validate_rmsd_bond.bond_target_value         1.252 
_pdbx_validate_rmsd_bond.bond_deviation            0.069 
_pdbx_validate_rmsd_bond.bond_standard_deviation   0.011 
_pdbx_validate_rmsd_bond.linker_flag               N 
# 
loop_
_pdbx_validate_rmsd_angle.id 
_pdbx_validate_rmsd_angle.PDB_model_num 
_pdbx_validate_rmsd_angle.auth_atom_id_1 
_pdbx_validate_rmsd_angle.auth_asym_id_1 
_pdbx_validate_rmsd_angle.auth_comp_id_1 
_pdbx_validate_rmsd_angle.auth_seq_id_1 
_pdbx_validate_rmsd_angle.PDB_ins_code_1 
_pdbx_validate_rmsd_angle.label_alt_id_1 
_pdbx_validate_rmsd_angle.auth_atom_id_2 
_pdbx_validate_rmsd_angle.auth_asym_id_2 
_pdbx_validate_rmsd_angle.auth_comp_id_2 
_pdbx_validate_rmsd_angle.auth_seq_id_2 
_pdbx_validate_rmsd_angle.PDB_ins_code_2 
_pdbx_validate_rmsd_angle.label_alt_id_2 
_pdbx_validate_rmsd_angle.auth_atom_id_3 
_pdbx_validate_rmsd_angle.auth_asym_id_3 
_pdbx_validate_rmsd_angle.auth_comp_id_3 
_pdbx_validate_rmsd_angle.auth_seq_id_3 
_pdbx_validate_rmsd_angle.PDB_ins_code_3 
_pdbx_validate_rmsd_angle.label_alt_id_3 
_pdbx_validate_rmsd_angle.angle_value 
_pdbx_validate_rmsd_angle.angle_target_value 
_pdbx_validate_rmsd_angle.angle_deviation 
_pdbx_validate_rmsd_angle.angle_standard_deviation 
_pdbx_validate_rmsd_angle.linker_flag 
1  1 CB  A MET 1   ? ? CA A MET 1   ? ? C   A MET 1   ? ? 122.94 110.40 12.54  2.00 N 
2  1 NE  A ARG 8   ? ? CZ A ARG 8   ? ? NH1 A ARG 8   ? ? 125.69 120.30 5.39   0.50 N 
3  1 NE  A ARG 8   ? ? CZ A ARG 8   ? ? NH2 A ARG 8   ? ? 117.30 120.30 -3.00  0.50 N 
4  1 CB  A ASP 20  ? ? CG A ASP 20  ? ? OD1 A ASP 20  ? ? 123.99 118.30 5.69   0.90 N 
5  1 CA  A THR 26  ? ? CB A THR 26  ? ? CG2 A THR 26  ? ? 121.47 112.40 9.07   1.40 N 
6  1 CB  A ASN 40  ? ? CA A ASN 40  ? ? C   A ASN 40  ? ? 133.79 110.40 23.39  2.00 N 
7  1 CB  A ALA 42  ? ? CA A ALA 42  ? ? C   A ALA 42  ? ? 126.38 110.10 16.28  1.50 N 
8  1 CB  A ASP 47  ? ? CG A ASP 47  ? ? OD1 A ASP 47  ? ? 126.79 118.30 8.49   0.90 N 
9  1 CB  A ASP 47  ? ? CG A ASP 47  ? ? OD2 A ASP 47  ? ? 110.88 118.30 -7.42  0.90 N 
10 1 CB  A ASP 61  ? ? CG A ASP 61  ? ? OD1 A ASP 61  ? ? 124.25 118.30 5.95   0.90 N 
11 1 CB  A ASP 61  ? ? CG A ASP 61  ? ? OD2 A ASP 61  ? ? 111.51 118.30 -6.79  0.90 N 
12 1 CB  A ASP 72  ? ? CG A ASP 72  ? ? OD2 A ASP 72  ? ? 112.05 118.30 -6.25  0.90 N 
13 1 NE  A ARG 80  ? ? CZ A ARG 80  ? ? NH1 A ARG 80  ? ? 126.99 120.30 6.69   0.50 N 
14 1 NE  A ARG 80  ? ? CZ A ARG 80  ? ? NH2 A ARG 80  ? ? 116.78 120.30 -3.52  0.50 N 
15 1 CB  A ASN 81  ? ? CA A ASN 81  ? ? C   A ASN 81  ? ? 123.88 110.40 13.48  2.00 N 
16 1 NE  A ARG 96  ? ? CZ A ARG 96  ? ? NH1 A ARG 96  ? ? 116.23 120.30 -4.07  0.50 N 
17 1 CG1 A VAL 103 ? ? CB A VAL 103 ? ? CG2 A VAL 103 ? ? 95.31  110.90 -15.59 1.60 N 
18 1 CB  A GLU 108 ? ? CA A GLU 108 ? ? C   A GLU 108 ? ? 122.43 110.40 12.03  2.00 N 
19 1 CA  A THR 109 ? ? CB A THR 109 ? ? CG2 A THR 109 ? ? 97.81  112.40 -14.59 1.40 N 
20 1 CG1 A VAL 111 ? ? CB A VAL 111 ? ? CG2 A VAL 111 ? ? 121.79 110.90 10.89  1.60 N 
21 1 CB  A ALA 112 ? ? CA A ALA 112 ? ? C   A ALA 112 ? ? 129.53 110.10 19.43  1.50 N 
22 1 CB  A THR 115 ? ? CA A THR 115 ? ? C   A THR 115 ? ? 94.39  111.60 -17.21 2.70 N 
23 1 CA  A THR 115 ? ? CB A THR 115 ? ? CG2 A THR 115 ? ? 96.89  112.40 -15.51 1.40 N 
24 1 CB  A ASP 127 ? ? CG A ASP 127 ? ? OD1 A ASP 127 ? ? 128.67 118.30 10.37  0.90 N 
25 1 CB  A ASP 127 ? ? CG A ASP 127 ? ? OD2 A ASP 127 ? ? 109.21 118.30 -9.09  0.90 N 
26 1 CG1 A VAL 131 ? ? CB A VAL 131 ? ? CG2 A VAL 131 ? ? 99.09  110.90 -11.81 1.60 N 
27 1 CA  A THR 142 ? ? CB A THR 142 ? ? CG2 A THR 142 ? ? 103.48 112.40 -8.92  1.40 N 
28 1 NE  A ARG 148 ? ? CZ A ARG 148 ? ? NH1 A ARG 148 ? ? 125.23 120.30 4.93   0.50 N 
29 1 NE  A ARG 154 ? ? CZ A ARG 154 ? ? NH1 A ARG 154 ? ? 124.62 120.30 4.32   0.50 N 
30 1 NE  A ARG 154 ? ? CZ A ARG 154 ? ? NH2 A ARG 154 ? ? 116.59 120.30 -3.71  0.50 N 
31 1 CB  A ASP 159 ? ? CG A ASP 159 ? ? OD1 A ASP 159 ? ? 126.11 118.30 7.81   0.90 N 
32 1 CB  A ASP 159 ? ? CG A ASP 159 ? ? OD2 A ASP 159 ? ? 111.14 118.30 -7.16  0.90 N 
33 1 CB  A TYR 161 ? ? CG A TYR 161 ? ? CD1 A TYR 161 ? ? 115.80 121.00 -5.20  0.60 N 
34 1 CB  A LYS 162 ? ? CA A LYS 162 ? ? C   A LYS 162 ? ? 123.51 110.40 13.11  2.00 N 
# 
_pdbx_validate_torsion.id              1 
_pdbx_validate_torsion.PDB_model_num   1 
_pdbx_validate_torsion.auth_comp_id    ILE 
_pdbx_validate_torsion.auth_asym_id    A 
_pdbx_validate_torsion.auth_seq_id     29 
_pdbx_validate_torsion.PDB_ins_code    ? 
_pdbx_validate_torsion.label_alt_id    ? 
_pdbx_validate_torsion.phi             -103.12 
_pdbx_validate_torsion.psi             72.33 
# 
loop_
_pdbx_unobs_or_zero_occ_residues.id 
_pdbx_unobs_or_zero_occ_residues.PDB_model_num 
_pdbx_unobs_or_zero_occ_residues.polymer_flag 
_pdbx_unobs_or_zero_occ_residues.occupancy_flag 
_pdbx_unobs_or_zero_occ_residues.auth_asym_id 
_pdbx_unobs_or_zero_occ_residues.auth_comp_id 
_pdbx_unobs_or_zero_occ_residues.auth_seq_id 
_pdbx_unobs_or_zero_occ_residues.PDB_ins_code 
_pdbx_unobs_or_zero_occ_residues.label_asym_id 
_pdbx_unobs_or_zero_occ_residues.label_comp_id 
_pdbx_unobs_or_zero_occ_residues.label_seq_id 
1 1 Y 1 A ASN 163 ? A ASN 163 
2 1 Y 1 A LEU 164 ? A LEU 164 
# 
loop_
_chem_comp_atom.comp_id 
_chem_comp_atom.atom_id 
_chem_comp_atom.type_symbol 
_chem_comp_atom.pdbx_aromatic_flag 
_chem_comp_atom.pdbx_stereo_config 
_chem_comp_atom.pdbx_ordinal 
3CH C4   C  Y N 1   
3CH C5   C  Y N 2   
3CH C3   C  Y N 3   
3CH C6   C  Y N 4   
3CH C2   C  Y N 5   
3CH C1   C  Y N 6   
3CH OH   O  N N 7   
3CH CL   CL N N 8   
3CH HC4  H  N N 9   
3CH HC5  H  N N 10  
3CH HC6  H  N N 11  
3CH HC2  H  N N 12  
3CH HO   H  N N 13  
ALA N    N  N N 14  
ALA CA   C  N S 15  
ALA C    C  N N 16  
ALA O    O  N N 17  
ALA CB   C  N N 18  
ALA OXT  O  N N 19  
ALA H    H  N N 20  
ALA H2   H  N N 21  
ALA HA   H  N N 22  
ALA HB1  H  N N 23  
ALA HB2  H  N N 24  
ALA HB3  H  N N 25  
ALA HXT  H  N N 26  
ARG N    N  N N 27  
ARG CA   C  N S 28  
ARG C    C  N N 29  
ARG O    O  N N 30  
ARG CB   C  N N 31  
ARG CG   C  N N 32  
ARG CD   C  N N 33  
ARG NE   N  N N 34  
ARG CZ   C  N N 35  
ARG NH1  N  N N 36  
ARG NH2  N  N N 37  
ARG OXT  O  N N 38  
ARG H    H  N N 39  
ARG H2   H  N N 40  
ARG HA   H  N N 41  
ARG HB2  H  N N 42  
ARG HB3  H  N N 43  
ARG HG2  H  N N 44  
ARG HG3  H  N N 45  
ARG HD2  H  N N 46  
ARG HD3  H  N N 47  
ARG HE   H  N N 48  
ARG HH11 H  N N 49  
ARG HH12 H  N N 50  
ARG HH21 H  N N 51  
ARG HH22 H  N N 52  
ARG HXT  H  N N 53  
ASN N    N  N N 54  
ASN CA   C  N S 55  
ASN C    C  N N 56  
ASN O    O  N N 57  
ASN CB   C  N N 58  
ASN CG   C  N N 59  
ASN OD1  O  N N 60  
ASN ND2  N  N N 61  
ASN OXT  O  N N 62  
ASN H    H  N N 63  
ASN H2   H  N N 64  
ASN HA   H  N N 65  
ASN HB2  H  N N 66  
ASN HB3  H  N N 67  
ASN HD21 H  N N 68  
ASN HD22 H  N N 69  
ASN HXT  H  N N 70  
ASP N    N  N N 71  
ASP CA   C  N S 72  
ASP C    C  N N 73  
ASP O    O  N N 74  
ASP CB   C  N N 75  
ASP CG   C  N N 76  
ASP OD1  O  N N 77  
ASP OD2  O  N N 78  
ASP OXT  O  N N 79  
ASP H    H  N N 80  
ASP H2   H  N N 81  
ASP HA   H  N N 82  
ASP HB2  H  N N 83  
ASP HB3  H  N N 84  
ASP HD2  H  N N 85  
ASP HXT  H  N N 86  
BME C1   C  N N 87  
BME C2   C  N N 88  
BME O1   O  N N 89  
BME S2   S  N N 90  
BME H11  H  N N 91  
BME H12  H  N N 92  
BME H21  H  N N 93  
BME H22  H  N N 94  
BME HO1  H  N N 95  
BME HS2  H  N N 96  
CL  CL   CL N N 97  
CYS N    N  N N 98  
CYS CA   C  N R 99  
CYS C    C  N N 100 
CYS O    O  N N 101 
CYS CB   C  N N 102 
CYS SG   S  N N 103 
CYS OXT  O  N N 104 
CYS H    H  N N 105 
CYS H2   H  N N 106 
CYS HA   H  N N 107 
CYS HB2  H  N N 108 
CYS HB3  H  N N 109 
CYS HG   H  N N 110 
CYS HXT  H  N N 111 
GLN N    N  N N 112 
GLN CA   C  N S 113 
GLN C    C  N N 114 
GLN O    O  N N 115 
GLN CB   C  N N 116 
GLN CG   C  N N 117 
GLN CD   C  N N 118 
GLN OE1  O  N N 119 
GLN NE2  N  N N 120 
GLN OXT  O  N N 121 
GLN H    H  N N 122 
GLN H2   H  N N 123 
GLN HA   H  N N 124 
GLN HB2  H  N N 125 
GLN HB3  H  N N 126 
GLN HG2  H  N N 127 
GLN HG3  H  N N 128 
GLN HE21 H  N N 129 
GLN HE22 H  N N 130 
GLN HXT  H  N N 131 
GLU N    N  N N 132 
GLU CA   C  N S 133 
GLU C    C  N N 134 
GLU O    O  N N 135 
GLU CB   C  N N 136 
GLU CG   C  N N 137 
GLU CD   C  N N 138 
GLU OE1  O  N N 139 
GLU OE2  O  N N 140 
GLU OXT  O  N N 141 
GLU H    H  N N 142 
GLU H2   H  N N 143 
GLU HA   H  N N 144 
GLU HB2  H  N N 145 
GLU HB3  H  N N 146 
GLU HG2  H  N N 147 
GLU HG3  H  N N 148 
GLU HE2  H  N N 149 
GLU HXT  H  N N 150 
GLY N    N  N N 151 
GLY CA   C  N N 152 
GLY C    C  N N 153 
GLY O    O  N N 154 
GLY OXT  O  N N 155 
GLY H    H  N N 156 
GLY H2   H  N N 157 
GLY HA2  H  N N 158 
GLY HA3  H  N N 159 
GLY HXT  H  N N 160 
HIS N    N  N N 161 
HIS CA   C  N S 162 
HIS C    C  N N 163 
HIS O    O  N N 164 
HIS CB   C  N N 165 
HIS CG   C  Y N 166 
HIS ND1  N  Y N 167 
HIS CD2  C  Y N 168 
HIS CE1  C  Y N 169 
HIS NE2  N  Y N 170 
HIS OXT  O  N N 171 
HIS H    H  N N 172 
HIS H2   H  N N 173 
HIS HA   H  N N 174 
HIS HB2  H  N N 175 
HIS HB3  H  N N 176 
HIS HD1  H  N N 177 
HIS HD2  H  N N 178 
HIS HE1  H  N N 179 
HIS HE2  H  N N 180 
HIS HXT  H  N N 181 
HOH O    O  N N 182 
HOH H1   H  N N 183 
HOH H2   H  N N 184 
ILE N    N  N N 185 
ILE CA   C  N S 186 
ILE C    C  N N 187 
ILE O    O  N N 188 
ILE CB   C  N S 189 
ILE CG1  C  N N 190 
ILE CG2  C  N N 191 
ILE CD1  C  N N 192 
ILE OXT  O  N N 193 
ILE H    H  N N 194 
ILE H2   H  N N 195 
ILE HA   H  N N 196 
ILE HB   H  N N 197 
ILE HG12 H  N N 198 
ILE HG13 H  N N 199 
ILE HG21 H  N N 200 
ILE HG22 H  N N 201 
ILE HG23 H  N N 202 
ILE HD11 H  N N 203 
ILE HD12 H  N N 204 
ILE HD13 H  N N 205 
ILE HXT  H  N N 206 
LEU N    N  N N 207 
LEU CA   C  N S 208 
LEU C    C  N N 209 
LEU O    O  N N 210 
LEU CB   C  N N 211 
LEU CG   C  N N 212 
LEU CD1  C  N N 213 
LEU CD2  C  N N 214 
LEU OXT  O  N N 215 
LEU H    H  N N 216 
LEU H2   H  N N 217 
LEU HA   H  N N 218 
LEU HB2  H  N N 219 
LEU HB3  H  N N 220 
LEU HG   H  N N 221 
LEU HD11 H  N N 222 
LEU HD12 H  N N 223 
LEU HD13 H  N N 224 
LEU HD21 H  N N 225 
LEU HD22 H  N N 226 
LEU HD23 H  N N 227 
LEU HXT  H  N N 228 
LYS N    N  N N 229 
LYS CA   C  N S 230 
LYS C    C  N N 231 
LYS O    O  N N 232 
LYS CB   C  N N 233 
LYS CG   C  N N 234 
LYS CD   C  N N 235 
LYS CE   C  N N 236 
LYS NZ   N  N N 237 
LYS OXT  O  N N 238 
LYS H    H  N N 239 
LYS H2   H  N N 240 
LYS HA   H  N N 241 
LYS HB2  H  N N 242 
LYS HB3  H  N N 243 
LYS HG2  H  N N 244 
LYS HG3  H  N N 245 
LYS HD2  H  N N 246 
LYS HD3  H  N N 247 
LYS HE2  H  N N 248 
LYS HE3  H  N N 249 
LYS HZ1  H  N N 250 
LYS HZ2  H  N N 251 
LYS HZ3  H  N N 252 
LYS HXT  H  N N 253 
MET N    N  N N 254 
MET CA   C  N S 255 
MET C    C  N N 256 
MET O    O  N N 257 
MET CB   C  N N 258 
MET CG   C  N N 259 
MET SD   S  N N 260 
MET CE   C  N N 261 
MET OXT  O  N N 262 
MET H    H  N N 263 
MET H2   H  N N 264 
MET HA   H  N N 265 
MET HB2  H  N N 266 
MET HB3  H  N N 267 
MET HG2  H  N N 268 
MET HG3  H  N N 269 
MET HE1  H  N N 270 
MET HE2  H  N N 271 
MET HE3  H  N N 272 
MET HXT  H  N N 273 
PHE N    N  N N 274 
PHE CA   C  N S 275 
PHE C    C  N N 276 
PHE O    O  N N 277 
PHE CB   C  N N 278 
PHE CG   C  Y N 279 
PHE CD1  C  Y N 280 
PHE CD2  C  Y N 281 
PHE CE1  C  Y N 282 
PHE CE2  C  Y N 283 
PHE CZ   C  Y N 284 
PHE OXT  O  N N 285 
PHE H    H  N N 286 
PHE H2   H  N N 287 
PHE HA   H  N N 288 
PHE HB2  H  N N 289 
PHE HB3  H  N N 290 
PHE HD1  H  N N 291 
PHE HD2  H  N N 292 
PHE HE1  H  N N 293 
PHE HE2  H  N N 294 
PHE HZ   H  N N 295 
PHE HXT  H  N N 296 
PRO N    N  N N 297 
PRO CA   C  N S 298 
PRO C    C  N N 299 
PRO O    O  N N 300 
PRO CB   C  N N 301 
PRO CG   C  N N 302 
PRO CD   C  N N 303 
PRO OXT  O  N N 304 
PRO H    H  N N 305 
PRO HA   H  N N 306 
PRO HB2  H  N N 307 
PRO HB3  H  N N 308 
PRO HG2  H  N N 309 
PRO HG3  H  N N 310 
PRO HD2  H  N N 311 
PRO HD3  H  N N 312 
PRO HXT  H  N N 313 
SER N    N  N N 314 
SER CA   C  N S 315 
SER C    C  N N 316 
SER O    O  N N 317 
SER CB   C  N N 318 
SER OG   O  N N 319 
SER OXT  O  N N 320 
SER H    H  N N 321 
SER H2   H  N N 322 
SER HA   H  N N 323 
SER HB2  H  N N 324 
SER HB3  H  N N 325 
SER HG   H  N N 326 
SER HXT  H  N N 327 
THR N    N  N N 328 
THR CA   C  N S 329 
THR C    C  N N 330 
THR O    O  N N 331 
THR CB   C  N R 332 
THR OG1  O  N N 333 
THR CG2  C  N N 334 
THR OXT  O  N N 335 
THR H    H  N N 336 
THR H2   H  N N 337 
THR HA   H  N N 338 
THR HB   H  N N 339 
THR HG1  H  N N 340 
THR HG21 H  N N 341 
THR HG22 H  N N 342 
THR HG23 H  N N 343 
THR HXT  H  N N 344 
TRP N    N  N N 345 
TRP CA   C  N S 346 
TRP C    C  N N 347 
TRP O    O  N N 348 
TRP CB   C  N N 349 
TRP CG   C  Y N 350 
TRP CD1  C  Y N 351 
TRP CD2  C  Y N 352 
TRP NE1  N  Y N 353 
TRP CE2  C  Y N 354 
TRP CE3  C  Y N 355 
TRP CZ2  C  Y N 356 
TRP CZ3  C  Y N 357 
TRP CH2  C  Y N 358 
TRP OXT  O  N N 359 
TRP H    H  N N 360 
TRP H2   H  N N 361 
TRP HA   H  N N 362 
TRP HB2  H  N N 363 
TRP HB3  H  N N 364 
TRP HD1  H  N N 365 
TRP HE1  H  N N 366 
TRP HE3  H  N N 367 
TRP HZ2  H  N N 368 
TRP HZ3  H  N N 369 
TRP HH2  H  N N 370 
TRP HXT  H  N N 371 
TYR N    N  N N 372 
TYR CA   C  N S 373 
TYR C    C  N N 374 
TYR O    O  N N 375 
TYR CB   C  N N 376 
TYR CG   C  Y N 377 
TYR CD1  C  Y N 378 
TYR CD2  C  Y N 379 
TYR CE1  C  Y N 380 
TYR CE2  C  Y N 381 
TYR CZ   C  Y N 382 
TYR OH   O  N N 383 
TYR OXT  O  N N 384 
TYR H    H  N N 385 
TYR H2   H  N N 386 
TYR HA   H  N N 387 
TYR HB2  H  N N 388 
TYR HB3  H  N N 389 
TYR HD1  H  N N 390 
TYR HD2  H  N N 391 
TYR HE1  H  N N 392 
TYR HE2  H  N N 393 
TYR HH   H  N N 394 
TYR HXT  H  N N 395 
VAL N    N  N N 396 
VAL CA   C  N S 397 
VAL C    C  N N 398 
VAL O    O  N N 399 
VAL CB   C  N N 400 
VAL CG1  C  N N 401 
VAL CG2  C  N N 402 
VAL OXT  O  N N 403 
VAL H    H  N N 404 
VAL H2   H  N N 405 
VAL HA   H  N N 406 
VAL HB   H  N N 407 
VAL HG11 H  N N 408 
VAL HG12 H  N N 409 
VAL HG13 H  N N 410 
VAL HG21 H  N N 411 
VAL HG22 H  N N 412 
VAL HG23 H  N N 413 
VAL HXT  H  N N 414 
# 
loop_
_chem_comp_bond.comp_id 
_chem_comp_bond.atom_id_1 
_chem_comp_bond.atom_id_2 
_chem_comp_bond.value_order 
_chem_comp_bond.pdbx_aromatic_flag 
_chem_comp_bond.pdbx_stereo_config 
_chem_comp_bond.pdbx_ordinal 
3CH C4  C5   doub Y N 1   
3CH C4  C3   sing Y N 2   
3CH C4  HC4  sing N N 3   
3CH C5  C6   sing Y N 4   
3CH C5  HC5  sing N N 5   
3CH C3  C2   doub Y N 6   
3CH C3  CL   sing N N 7   
3CH C6  C1   doub Y N 8   
3CH C6  HC6  sing N N 9   
3CH C2  C1   sing Y N 10  
3CH C2  HC2  sing N N 11  
3CH C1  OH   sing N N 12  
3CH OH  HO   sing N N 13  
ALA N   CA   sing N N 14  
ALA N   H    sing N N 15  
ALA N   H2   sing N N 16  
ALA CA  C    sing N N 17  
ALA CA  CB   sing N N 18  
ALA CA  HA   sing N N 19  
ALA C   O    doub N N 20  
ALA C   OXT  sing N N 21  
ALA CB  HB1  sing N N 22  
ALA CB  HB2  sing N N 23  
ALA CB  HB3  sing N N 24  
ALA OXT HXT  sing N N 25  
ARG N   CA   sing N N 26  
ARG N   H    sing N N 27  
ARG N   H2   sing N N 28  
ARG CA  C    sing N N 29  
ARG CA  CB   sing N N 30  
ARG CA  HA   sing N N 31  
ARG C   O    doub N N 32  
ARG C   OXT  sing N N 33  
ARG CB  CG   sing N N 34  
ARG CB  HB2  sing N N 35  
ARG CB  HB3  sing N N 36  
ARG CG  CD   sing N N 37  
ARG CG  HG2  sing N N 38  
ARG CG  HG3  sing N N 39  
ARG CD  NE   sing N N 40  
ARG CD  HD2  sing N N 41  
ARG CD  HD3  sing N N 42  
ARG NE  CZ   sing N N 43  
ARG NE  HE   sing N N 44  
ARG CZ  NH1  sing N N 45  
ARG CZ  NH2  doub N N 46  
ARG NH1 HH11 sing N N 47  
ARG NH1 HH12 sing N N 48  
ARG NH2 HH21 sing N N 49  
ARG NH2 HH22 sing N N 50  
ARG OXT HXT  sing N N 51  
ASN N   CA   sing N N 52  
ASN N   H    sing N N 53  
ASN N   H2   sing N N 54  
ASN CA  C    sing N N 55  
ASN CA  CB   sing N N 56  
ASN CA  HA   sing N N 57  
ASN C   O    doub N N 58  
ASN C   OXT  sing N N 59  
ASN CB  CG   sing N N 60  
ASN CB  HB2  sing N N 61  
ASN CB  HB3  sing N N 62  
ASN CG  OD1  doub N N 63  
ASN CG  ND2  sing N N 64  
ASN ND2 HD21 sing N N 65  
ASN ND2 HD22 sing N N 66  
ASN OXT HXT  sing N N 67  
ASP N   CA   sing N N 68  
ASP N   H    sing N N 69  
ASP N   H2   sing N N 70  
ASP CA  C    sing N N 71  
ASP CA  CB   sing N N 72  
ASP CA  HA   sing N N 73  
ASP C   O    doub N N 74  
ASP C   OXT  sing N N 75  
ASP CB  CG   sing N N 76  
ASP CB  HB2  sing N N 77  
ASP CB  HB3  sing N N 78  
ASP CG  OD1  doub N N 79  
ASP CG  OD2  sing N N 80  
ASP OD2 HD2  sing N N 81  
ASP OXT HXT  sing N N 82  
BME C1  C2   sing N N 83  
BME C1  O1   sing N N 84  
BME C1  H11  sing N N 85  
BME C1  H12  sing N N 86  
BME C2  S2   sing N N 87  
BME C2  H21  sing N N 88  
BME C2  H22  sing N N 89  
BME O1  HO1  sing N N 90  
BME S2  HS2  sing N N 91  
CYS N   CA   sing N N 92  
CYS N   H    sing N N 93  
CYS N   H2   sing N N 94  
CYS CA  C    sing N N 95  
CYS CA  CB   sing N N 96  
CYS CA  HA   sing N N 97  
CYS C   O    doub N N 98  
CYS C   OXT  sing N N 99  
CYS CB  SG   sing N N 100 
CYS CB  HB2  sing N N 101 
CYS CB  HB3  sing N N 102 
CYS SG  HG   sing N N 103 
CYS OXT HXT  sing N N 104 
GLN N   CA   sing N N 105 
GLN N   H    sing N N 106 
GLN N   H2   sing N N 107 
GLN CA  C    sing N N 108 
GLN CA  CB   sing N N 109 
GLN CA  HA   sing N N 110 
GLN C   O    doub N N 111 
GLN C   OXT  sing N N 112 
GLN CB  CG   sing N N 113 
GLN CB  HB2  sing N N 114 
GLN CB  HB3  sing N N 115 
GLN CG  CD   sing N N 116 
GLN CG  HG2  sing N N 117 
GLN CG  HG3  sing N N 118 
GLN CD  OE1  doub N N 119 
GLN CD  NE2  sing N N 120 
GLN NE2 HE21 sing N N 121 
GLN NE2 HE22 sing N N 122 
GLN OXT HXT  sing N N 123 
GLU N   CA   sing N N 124 
GLU N   H    sing N N 125 
GLU N   H2   sing N N 126 
GLU CA  C    sing N N 127 
GLU CA  CB   sing N N 128 
GLU CA  HA   sing N N 129 
GLU C   O    doub N N 130 
GLU C   OXT  sing N N 131 
GLU CB  CG   sing N N 132 
GLU CB  HB2  sing N N 133 
GLU CB  HB3  sing N N 134 
GLU CG  CD   sing N N 135 
GLU CG  HG2  sing N N 136 
GLU CG  HG3  sing N N 137 
GLU CD  OE1  doub N N 138 
GLU CD  OE2  sing N N 139 
GLU OE2 HE2  sing N N 140 
GLU OXT HXT  sing N N 141 
GLY N   CA   sing N N 142 
GLY N   H    sing N N 143 
GLY N   H2   sing N N 144 
GLY CA  C    sing N N 145 
GLY CA  HA2  sing N N 146 
GLY CA  HA3  sing N N 147 
GLY C   O    doub N N 148 
GLY C   OXT  sing N N 149 
GLY OXT HXT  sing N N 150 
HIS N   CA   sing N N 151 
HIS N   H    sing N N 152 
HIS N   H2   sing N N 153 
HIS CA  C    sing N N 154 
HIS CA  CB   sing N N 155 
HIS CA  HA   sing N N 156 
HIS C   O    doub N N 157 
HIS C   OXT  sing N N 158 
HIS CB  CG   sing N N 159 
HIS CB  HB2  sing N N 160 
HIS CB  HB3  sing N N 161 
HIS CG  ND1  sing Y N 162 
HIS CG  CD2  doub Y N 163 
HIS ND1 CE1  doub Y N 164 
HIS ND1 HD1  sing N N 165 
HIS CD2 NE2  sing Y N 166 
HIS CD2 HD2  sing N N 167 
HIS CE1 NE2  sing Y N 168 
HIS CE1 HE1  sing N N 169 
HIS NE2 HE2  sing N N 170 
HIS OXT HXT  sing N N 171 
HOH O   H1   sing N N 172 
HOH O   H2   sing N N 173 
ILE N   CA   sing N N 174 
ILE N   H    sing N N 175 
ILE N   H2   sing N N 176 
ILE CA  C    sing N N 177 
ILE CA  CB   sing N N 178 
ILE CA  HA   sing N N 179 
ILE C   O    doub N N 180 
ILE C   OXT  sing N N 181 
ILE CB  CG1  sing N N 182 
ILE CB  CG2  sing N N 183 
ILE CB  HB   sing N N 184 
ILE CG1 CD1  sing N N 185 
ILE CG1 HG12 sing N N 186 
ILE CG1 HG13 sing N N 187 
ILE CG2 HG21 sing N N 188 
ILE CG2 HG22 sing N N 189 
ILE CG2 HG23 sing N N 190 
ILE CD1 HD11 sing N N 191 
ILE CD1 HD12 sing N N 192 
ILE CD1 HD13 sing N N 193 
ILE OXT HXT  sing N N 194 
LEU N   CA   sing N N 195 
LEU N   H    sing N N 196 
LEU N   H2   sing N N 197 
LEU CA  C    sing N N 198 
LEU CA  CB   sing N N 199 
LEU CA  HA   sing N N 200 
LEU C   O    doub N N 201 
LEU C   OXT  sing N N 202 
LEU CB  CG   sing N N 203 
LEU CB  HB2  sing N N 204 
LEU CB  HB3  sing N N 205 
LEU CG  CD1  sing N N 206 
LEU CG  CD2  sing N N 207 
LEU CG  HG   sing N N 208 
LEU CD1 HD11 sing N N 209 
LEU CD1 HD12 sing N N 210 
LEU CD1 HD13 sing N N 211 
LEU CD2 HD21 sing N N 212 
LEU CD2 HD22 sing N N 213 
LEU CD2 HD23 sing N N 214 
LEU OXT HXT  sing N N 215 
LYS N   CA   sing N N 216 
LYS N   H    sing N N 217 
LYS N   H2   sing N N 218 
LYS CA  C    sing N N 219 
LYS CA  CB   sing N N 220 
LYS CA  HA   sing N N 221 
LYS C   O    doub N N 222 
LYS C   OXT  sing N N 223 
LYS CB  CG   sing N N 224 
LYS CB  HB2  sing N N 225 
LYS CB  HB3  sing N N 226 
LYS CG  CD   sing N N 227 
LYS CG  HG2  sing N N 228 
LYS CG  HG3  sing N N 229 
LYS CD  CE   sing N N 230 
LYS CD  HD2  sing N N 231 
LYS CD  HD3  sing N N 232 
LYS CE  NZ   sing N N 233 
LYS CE  HE2  sing N N 234 
LYS CE  HE3  sing N N 235 
LYS NZ  HZ1  sing N N 236 
LYS NZ  HZ2  sing N N 237 
LYS NZ  HZ3  sing N N 238 
LYS OXT HXT  sing N N 239 
MET N   CA   sing N N 240 
MET N   H    sing N N 241 
MET N   H2   sing N N 242 
MET CA  C    sing N N 243 
MET CA  CB   sing N N 244 
MET CA  HA   sing N N 245 
MET C   O    doub N N 246 
MET C   OXT  sing N N 247 
MET CB  CG   sing N N 248 
MET CB  HB2  sing N N 249 
MET CB  HB3  sing N N 250 
MET CG  SD   sing N N 251 
MET CG  HG2  sing N N 252 
MET CG  HG3  sing N N 253 
MET SD  CE   sing N N 254 
MET CE  HE1  sing N N 255 
MET CE  HE2  sing N N 256 
MET CE  HE3  sing N N 257 
MET OXT HXT  sing N N 258 
PHE N   CA   sing N N 259 
PHE N   H    sing N N 260 
PHE N   H2   sing N N 261 
PHE CA  C    sing N N 262 
PHE CA  CB   sing N N 263 
PHE CA  HA   sing N N 264 
PHE C   O    doub N N 265 
PHE C   OXT  sing N N 266 
PHE CB  CG   sing N N 267 
PHE CB  HB2  sing N N 268 
PHE CB  HB3  sing N N 269 
PHE CG  CD1  doub Y N 270 
PHE CG  CD2  sing Y N 271 
PHE CD1 CE1  sing Y N 272 
PHE CD1 HD1  sing N N 273 
PHE CD2 CE2  doub Y N 274 
PHE CD2 HD2  sing N N 275 
PHE CE1 CZ   doub Y N 276 
PHE CE1 HE1  sing N N 277 
PHE CE2 CZ   sing Y N 278 
PHE CE2 HE2  sing N N 279 
PHE CZ  HZ   sing N N 280 
PHE OXT HXT  sing N N 281 
PRO N   CA   sing N N 282 
PRO N   CD   sing N N 283 
PRO N   H    sing N N 284 
PRO CA  C    sing N N 285 
PRO CA  CB   sing N N 286 
PRO CA  HA   sing N N 287 
PRO C   O    doub N N 288 
PRO C   OXT  sing N N 289 
PRO CB  CG   sing N N 290 
PRO CB  HB2  sing N N 291 
PRO CB  HB3  sing N N 292 
PRO CG  CD   sing N N 293 
PRO CG  HG2  sing N N 294 
PRO CG  HG3  sing N N 295 
PRO CD  HD2  sing N N 296 
PRO CD  HD3  sing N N 297 
PRO OXT HXT  sing N N 298 
SER N   CA   sing N N 299 
SER N   H    sing N N 300 
SER N   H2   sing N N 301 
SER CA  C    sing N N 302 
SER CA  CB   sing N N 303 
SER CA  HA   sing N N 304 
SER C   O    doub N N 305 
SER C   OXT  sing N N 306 
SER CB  OG   sing N N 307 
SER CB  HB2  sing N N 308 
SER CB  HB3  sing N N 309 
SER OG  HG   sing N N 310 
SER OXT HXT  sing N N 311 
THR N   CA   sing N N 312 
THR N   H    sing N N 313 
THR N   H2   sing N N 314 
THR CA  C    sing N N 315 
THR CA  CB   sing N N 316 
THR CA  HA   sing N N 317 
THR C   O    doub N N 318 
THR C   OXT  sing N N 319 
THR CB  OG1  sing N N 320 
THR CB  CG2  sing N N 321 
THR CB  HB   sing N N 322 
THR OG1 HG1  sing N N 323 
THR CG2 HG21 sing N N 324 
THR CG2 HG22 sing N N 325 
THR CG2 HG23 sing N N 326 
THR OXT HXT  sing N N 327 
TRP N   CA   sing N N 328 
TRP N   H    sing N N 329 
TRP N   H2   sing N N 330 
TRP CA  C    sing N N 331 
TRP CA  CB   sing N N 332 
TRP CA  HA   sing N N 333 
TRP C   O    doub N N 334 
TRP C   OXT  sing N N 335 
TRP CB  CG   sing N N 336 
TRP CB  HB2  sing N N 337 
TRP CB  HB3  sing N N 338 
TRP CG  CD1  doub Y N 339 
TRP CG  CD2  sing Y N 340 
TRP CD1 NE1  sing Y N 341 
TRP CD1 HD1  sing N N 342 
TRP CD2 CE2  doub Y N 343 
TRP CD2 CE3  sing Y N 344 
TRP NE1 CE2  sing Y N 345 
TRP NE1 HE1  sing N N 346 
TRP CE2 CZ2  sing Y N 347 
TRP CE3 CZ3  doub Y N 348 
TRP CE3 HE3  sing N N 349 
TRP CZ2 CH2  doub Y N 350 
TRP CZ2 HZ2  sing N N 351 
TRP CZ3 CH2  sing Y N 352 
TRP CZ3 HZ3  sing N N 353 
TRP CH2 HH2  sing N N 354 
TRP OXT HXT  sing N N 355 
TYR N   CA   sing N N 356 
TYR N   H    sing N N 357 
TYR N   H2   sing N N 358 
TYR CA  C    sing N N 359 
TYR CA  CB   sing N N 360 
TYR CA  HA   sing N N 361 
TYR C   O    doub N N 362 
TYR C   OXT  sing N N 363 
TYR CB  CG   sing N N 364 
TYR CB  HB2  sing N N 365 
TYR CB  HB3  sing N N 366 
TYR CG  CD1  doub Y N 367 
TYR CG  CD2  sing Y N 368 
TYR CD1 CE1  sing Y N 369 
TYR CD1 HD1  sing N N 370 
TYR CD2 CE2  doub Y N 371 
TYR CD2 HD2  sing N N 372 
TYR CE1 CZ   doub Y N 373 
TYR CE1 HE1  sing N N 374 
TYR CE2 CZ   sing Y N 375 
TYR CE2 HE2  sing N N 376 
TYR CZ  OH   sing N N 377 
TYR OH  HH   sing N N 378 
TYR OXT HXT  sing N N 379 
VAL N   CA   sing N N 380 
VAL N   H    sing N N 381 
VAL N   H2   sing N N 382 
VAL CA  C    sing N N 383 
VAL CA  CB   sing N N 384 
VAL CA  HA   sing N N 385 
VAL C   O    doub N N 386 
VAL C   OXT  sing N N 387 
VAL CB  CG1  sing N N 388 
VAL CB  CG2  sing N N 389 
VAL CB  HB   sing N N 390 
VAL CG1 HG11 sing N N 391 
VAL CG1 HG12 sing N N 392 
VAL CG1 HG13 sing N N 393 
VAL CG2 HG21 sing N N 394 
VAL CG2 HG22 sing N N 395 
VAL CG2 HG23 sing N N 396 
VAL OXT HXT  sing N N 397 
# 
loop_
_pdbx_entity_nonpoly.entity_id 
_pdbx_entity_nonpoly.name 
_pdbx_entity_nonpoly.comp_id 
2 'CHLORIDE ION'       CL  
3 BETA-MERCAPTOETHANOL BME 
4 3-CHLOROPHENOL       3CH 
5 water                HOH 
# 
_pdbx_initial_refinement_model.id               1 
_pdbx_initial_refinement_model.entity_id_list   ? 
_pdbx_initial_refinement_model.type             'experimental model' 
_pdbx_initial_refinement_model.source_name      PDB 
_pdbx_initial_refinement_model.accession_code   1LGU 
_pdbx_initial_refinement_model.details          'PDB ENTRY 1LGU' 
# 
